data_2L43
#
_entry.id   2L43
#
loop_
_entity.id
_entity.type
_entity.pdbx_description
1 polymer 'Histone H3.3,LINKER,Bromodomain-containing protein 1'
2 non-polymer 'ZINC ION'
#
_entity_poly.entity_id   1
_entity_poly.type   'polypeptide(L)'
_entity_poly.pdbx_seq_one_letter_code
;ARTKQTARKSTGGSSGSSQSLIDEDAVCSICMDGESQNSNVILFCDMCNLAVHQECYGVPYIPEGQWLCRHCLQSRARPA
LEHHHHHH
;
_entity_poly.pdbx_strand_id   A
#
loop_
_chem_comp.id
_chem_comp.type
_chem_comp.name
_chem_comp.formula
ZN non-polymer 'ZINC ION' 'Zn 2'
#
# COMPACT_ATOMS: atom_id res chain seq x y z
N ALA A 1 7.84 -3.66 -6.30
CA ALA A 1 6.94 -3.59 -5.12
C ALA A 1 5.48 -3.44 -5.53
N ARG A 2 4.59 -4.09 -4.78
CA ARG A 2 3.15 -4.03 -5.07
C ARG A 2 2.58 -2.68 -4.64
N THR A 3 2.14 -1.89 -5.61
CA THR A 3 1.57 -0.57 -5.34
C THR A 3 0.15 -0.47 -5.89
N LYS A 4 -0.80 -0.16 -5.01
CA LYS A 4 -2.20 -0.02 -5.40
C LYS A 4 -2.62 1.46 -5.35
N GLN A 5 -3.24 1.94 -6.42
CA GLN A 5 -3.67 3.34 -6.50
C GLN A 5 -5.19 3.46 -6.40
N THR A 6 -5.64 4.48 -5.67
CA THR A 6 -7.07 4.73 -5.48
C THR A 6 -7.39 6.22 -5.57
N ALA A 7 -8.47 6.56 -6.26
CA ALA A 7 -8.89 7.95 -6.42
C ALA A 7 -10.25 8.20 -5.77
N ARG A 8 -10.35 9.33 -5.04
CA ARG A 8 -11.59 9.70 -4.37
C ARG A 8 -12.52 10.49 -5.29
N LYS A 9 -13.83 10.35 -5.09
CA LYS A 9 -14.83 11.05 -5.90
C LYS A 9 -16.20 11.00 -5.24
N SER A 10 -16.98 12.08 -5.39
CA SER A 10 -18.33 12.15 -4.81
C SER A 10 -19.19 11.01 -5.33
N THR A 11 -19.13 10.74 -6.63
CA THR A 11 -19.90 9.67 -7.25
C THR A 11 -19.14 9.06 -8.41
N GLY A 12 -18.28 8.09 -8.11
CA GLY A 12 -17.49 7.43 -9.14
C GLY A 12 -18.02 6.06 -9.49
N GLY A 13 -17.11 5.09 -9.60
CA GLY A 13 -17.51 3.73 -9.94
C GLY A 13 -17.97 2.95 -8.72
N SER A 14 -19.22 3.16 -8.32
CA SER A 14 -19.77 2.48 -7.15
C SER A 14 -21.29 2.34 -7.26
N SER A 15 -21.93 1.94 -6.16
CA SER A 15 -23.39 1.77 -6.12
C SER A 15 -23.83 0.72 -7.14
N GLY A 16 -23.11 -0.40 -7.20
CA GLY A 16 -23.45 -1.46 -8.12
C GLY A 16 -22.47 -1.54 -9.29
N SER A 17 -22.53 -0.53 -10.18
CA SER A 17 -21.64 -0.47 -11.35
C SER A 17 -21.97 -1.59 -12.34
N SER A 18 -21.58 -2.82 -12.00
CA SER A 18 -21.84 -3.99 -12.85
C SER A 18 -22.57 -5.09 -12.07
N GLN A 19 -23.11 -4.75 -10.89
CA GLN A 19 -23.84 -5.72 -10.06
C GLN A 19 -22.98 -6.95 -9.76
N SER A 20 -21.65 -6.77 -9.72
CA SER A 20 -20.73 -7.87 -9.44
C SER A 20 -19.31 -7.34 -9.28
N LEU A 21 -18.83 -7.26 -8.04
CA LEU A 21 -17.49 -6.78 -7.74
C LEU A 21 -16.86 -7.57 -6.60
N ILE A 22 -15.62 -8.01 -6.81
CA ILE A 22 -14.89 -8.78 -5.80
C ILE A 22 -13.43 -8.35 -5.73
N ASP A 23 -13.07 -7.60 -4.68
CA ASP A 23 -11.70 -7.13 -4.50
C ASP A 23 -11.46 -6.71 -3.05
N GLU A 24 -10.23 -6.92 -2.56
CA GLU A 24 -9.87 -6.58 -1.19
C GLU A 24 -8.55 -5.80 -1.14
N ASP A 25 -8.66 -4.48 -0.99
CA ASP A 25 -7.50 -3.60 -0.93
C ASP A 25 -6.79 -3.72 0.42
N ALA A 26 -5.69 -2.97 0.58
CA ALA A 26 -4.92 -2.98 1.82
C ALA A 26 -5.31 -1.80 2.71
N VAL A 27 -4.76 -1.76 3.93
CA VAL A 27 -5.06 -0.69 4.87
C VAL A 27 -3.78 -0.04 5.40
N CYS A 28 -3.58 1.22 5.05
CA CYS A 28 -2.39 1.95 5.48
C CYS A 28 -2.32 2.07 7.01
N SER A 29 -1.09 2.17 7.52
CA SER A 29 -0.86 2.27 8.95
C SER A 29 -0.58 3.71 9.38
N ILE A 30 0.09 4.48 8.52
CA ILE A 30 0.42 5.88 8.82
C ILE A 30 -0.84 6.74 8.89
N CYS A 31 -1.87 6.35 8.14
CA CYS A 31 -3.12 7.09 8.10
C CYS A 31 -4.32 6.16 8.06
N MET A 32 -5.46 6.64 8.54
CA MET A 32 -6.70 5.85 8.56
C MET A 32 -7.57 6.14 7.33
N ASP A 33 -6.91 6.39 6.19
CA ASP A 33 -7.63 6.69 4.94
C ASP A 33 -8.59 7.87 5.11
N GLY A 34 -8.22 8.81 5.99
CA GLY A 34 -9.06 9.97 6.21
C GLY A 34 -8.62 11.17 5.39
N GLU A 35 -7.32 11.24 5.08
CA GLU A 35 -6.78 12.35 4.28
C GLU A 35 -5.46 11.94 3.62
N SER A 36 -5.56 11.33 2.43
CA SER A 36 -4.38 10.88 1.69
C SER A 36 -4.38 11.43 0.26
N GLN A 37 -4.79 12.70 0.11
CA GLN A 37 -4.84 13.33 -1.22
C GLN A 37 -5.90 12.68 -2.11
N ASN A 38 -6.26 13.36 -3.20
CA ASN A 38 -7.26 12.83 -4.13
C ASN A 38 -6.84 11.45 -4.65
N SER A 39 -5.55 11.30 -4.96
CA SER A 39 -5.01 10.03 -5.46
C SER A 39 -3.78 9.62 -4.64
N ASN A 40 -3.82 8.41 -4.10
CA ASN A 40 -2.71 7.89 -3.29
C ASN A 40 -2.34 6.47 -3.73
N VAL A 41 -1.15 6.02 -3.32
CA VAL A 41 -0.67 4.69 -3.66
C VAL A 41 -0.20 3.94 -2.42
N ILE A 42 -0.88 2.83 -2.10
CA ILE A 42 -0.53 2.02 -0.94
C ILE A 42 0.54 0.99 -1.33
N LEU A 43 1.28 0.50 -0.35
CA LEU A 43 2.33 -0.48 -0.60
C LEU A 43 2.24 -1.66 0.36
N PHE A 44 2.17 -2.85 -0.20
CA PHE A 44 2.08 -4.07 0.61
C PHE A 44 3.39 -4.85 0.54
N CYS A 45 3.86 -5.34 1.69
CA CYS A 45 5.10 -6.10 1.72
C CYS A 45 4.96 -7.44 0.99
N ASP A 46 6.07 -7.93 0.43
CA ASP A 46 6.07 -9.19 -0.32
C ASP A 46 6.19 -10.41 0.61
N MET A 47 6.59 -10.19 1.86
CA MET A 47 6.70 -11.27 2.83
C MET A 47 5.99 -10.90 4.12
N CYS A 48 5.19 -9.83 4.05
CA CYS A 48 4.46 -9.34 5.20
C CYS A 48 3.16 -8.65 4.78
N ASN A 49 2.47 -8.07 5.75
CA ASN A 49 1.22 -7.35 5.51
C ASN A 49 1.41 -5.84 5.72
N LEU A 50 2.67 -5.38 5.72
CA LEU A 50 2.96 -3.97 5.90
C LEU A 50 2.37 -3.14 4.78
N ALA A 51 1.18 -2.59 5.02
CA ALA A 51 0.50 -1.78 4.04
C ALA A 51 0.62 -0.31 4.39
N VAL A 52 1.43 0.43 3.63
CA VAL A 52 1.63 1.86 3.88
C VAL A 52 1.86 2.63 2.57
N HIS A 53 1.18 3.76 2.42
CA HIS A 53 1.36 4.57 1.21
C HIS A 53 2.81 5.05 1.12
N GLN A 54 3.37 5.05 -0.09
CA GLN A 54 4.75 5.49 -0.30
C GLN A 54 4.93 6.97 0.09
N GLU A 55 3.80 7.70 0.14
CA GLU A 55 3.81 9.11 0.52
C GLU A 55 3.67 9.24 2.03
N CYS A 56 3.03 8.22 2.62
CA CYS A 56 2.79 8.17 4.04
C CYS A 56 4.05 7.76 4.78
N TYR A 57 4.79 6.80 4.20
CA TYR A 57 6.02 6.31 4.79
C TYR A 57 7.20 7.22 4.45
N GLY A 58 7.16 7.83 3.26
CA GLY A 58 8.22 8.71 2.82
C GLY A 58 9.22 8.00 1.91
N VAL A 59 8.72 7.08 1.09
CA VAL A 59 9.57 6.33 0.17
C VAL A 59 10.00 7.20 -1.00
N PRO A 60 11.33 7.34 -1.23
CA PRO A 60 11.87 8.17 -2.31
C PRO A 60 11.51 7.63 -3.69
N TYR A 61 11.69 6.33 -3.91
CA TYR A 61 11.39 5.71 -5.19
C TYR A 61 10.81 4.31 -4.99
N ILE A 62 10.00 3.86 -5.95
CA ILE A 62 9.38 2.54 -5.88
C ILE A 62 10.23 1.50 -6.61
N PRO A 63 10.87 0.58 -5.85
CA PRO A 63 11.70 -0.48 -6.44
C PRO A 63 10.97 -1.31 -7.49
N GLU A 64 11.71 -1.85 -8.46
CA GLU A 64 11.13 -2.66 -9.52
C GLU A 64 11.31 -4.15 -9.23
N GLY A 65 11.33 -4.50 -7.94
CA GLY A 65 11.49 -5.90 -7.55
C GLY A 65 10.64 -6.26 -6.36
N GLN A 66 11.23 -6.98 -5.40
CA GLN A 66 10.53 -7.39 -4.20
C GLN A 66 10.65 -6.34 -3.11
N TRP A 67 9.57 -6.17 -2.33
CA TRP A 67 9.56 -5.19 -1.26
C TRP A 67 9.60 -5.88 0.11
N LEU A 68 10.73 -5.75 0.80
CA LEU A 68 10.90 -6.34 2.13
C LEU A 68 11.10 -5.24 3.16
N CYS A 69 10.08 -5.01 3.98
CA CYS A 69 10.16 -3.99 5.02
C CYS A 69 11.33 -4.26 5.96
N ARG A 70 11.77 -3.22 6.68
CA ARG A 70 12.91 -3.32 7.59
C ARG A 70 12.83 -4.52 8.54
N HIS A 71 11.61 -5.01 8.83
CA HIS A 71 11.45 -6.13 9.73
C HIS A 71 11.87 -7.44 9.07
N CYS A 72 11.42 -7.65 7.84
CA CYS A 72 11.74 -8.86 7.12
C CYS A 72 13.12 -8.79 6.45
N LEU A 73 13.39 -7.66 5.78
CA LEU A 73 14.69 -7.49 5.13
C LEU A 73 15.82 -7.61 6.16
N GLN A 74 15.48 -7.34 7.44
CA GLN A 74 16.46 -7.44 8.52
C GLN A 74 16.57 -8.90 8.98
N SER A 75 15.43 -9.60 8.99
CA SER A 75 15.39 -11.01 9.40
C SER A 75 16.32 -11.84 8.53
N ARG A 76 16.29 -11.60 7.22
CA ARG A 76 17.14 -12.34 6.27
C ARG A 76 18.44 -11.58 5.97
N ALA A 77 18.56 -10.34 6.46
CA ALA A 77 19.77 -9.54 6.22
C ALA A 77 21.02 -10.26 6.72
N ARG A 78 20.98 -10.73 7.96
CA ARG A 78 22.11 -11.44 8.55
C ARG A 78 22.29 -12.84 7.92
N PRO A 79 21.22 -13.67 7.93
CA PRO A 79 21.27 -15.02 7.36
C PRO A 79 21.73 -15.05 5.90
N ALA A 80 22.03 -16.25 5.40
CA ALA A 80 22.48 -16.42 4.02
C ALA A 80 22.12 -17.82 3.49
ZN ZN B . -1.58 6.42 4.50
ZN ZN C . 8.25 -7.23 5.32
N ALA A 1 7.80 -3.97 -6.15
CA ALA A 1 6.88 -3.89 -4.99
C ALA A 1 5.44 -3.67 -5.43
N ARG A 2 4.50 -4.32 -4.74
CA ARG A 2 3.08 -4.20 -5.06
C ARG A 2 2.54 -2.84 -4.65
N THR A 3 2.19 -2.02 -5.63
CA THR A 3 1.66 -0.68 -5.37
C THR A 3 0.24 -0.55 -5.91
N LYS A 4 -0.70 -0.17 -5.03
CA LYS A 4 -2.10 -0.01 -5.43
C LYS A 4 -2.48 1.47 -5.43
N GLN A 5 -3.17 1.90 -6.49
CA GLN A 5 -3.59 3.29 -6.62
C GLN A 5 -5.09 3.43 -6.41
N THR A 6 -5.48 4.28 -5.47
CA THR A 6 -6.89 4.51 -5.16
C THR A 6 -7.21 6.00 -5.17
N ALA A 7 -8.20 6.39 -5.97
CA ALA A 7 -8.60 7.80 -6.08
C ALA A 7 -9.86 8.07 -5.25
N ARG A 8 -9.86 9.21 -4.56
CA ARG A 8 -10.99 9.60 -3.72
C ARG A 8 -12.26 9.82 -4.56
N LYS A 9 -13.29 9.02 -4.27
CA LYS A 9 -14.56 9.10 -4.99
C LYS A 9 -14.40 8.70 -6.46
N SER A 10 -14.84 7.49 -6.79
CA SER A 10 -14.75 6.98 -8.15
C SER A 10 -15.67 5.77 -8.35
N THR A 11 -15.59 4.80 -7.43
CA THR A 11 -16.42 3.61 -7.50
C THR A 11 -16.97 3.24 -6.12
N GLY A 12 -18.27 2.90 -6.08
CA GLY A 12 -18.90 2.54 -4.82
C GLY A 12 -20.23 1.83 -5.03
N GLY A 13 -21.24 2.59 -5.46
CA GLY A 13 -22.56 2.01 -5.69
C GLY A 13 -23.01 2.15 -7.13
N SER A 14 -22.17 1.68 -8.06
CA SER A 14 -22.48 1.76 -9.49
C SER A 14 -21.99 0.51 -10.21
N SER A 15 -22.73 -0.59 -10.05
CA SER A 15 -22.40 -1.88 -10.67
C SER A 15 -21.15 -2.50 -10.04
N GLY A 16 -20.00 -1.86 -10.24
CA GLY A 16 -18.75 -2.37 -9.68
C GLY A 16 -18.18 -3.53 -10.49
N SER A 17 -17.20 -4.22 -9.90
CA SER A 17 -16.56 -5.35 -10.57
C SER A 17 -17.47 -6.58 -10.55
N SER A 18 -16.98 -7.69 -11.09
CA SER A 18 -17.76 -8.93 -11.14
C SER A 18 -18.04 -9.48 -9.75
N GLN A 19 -19.30 -9.81 -9.50
CA GLN A 19 -19.72 -10.35 -8.20
C GLN A 19 -19.09 -11.72 -7.93
N SER A 20 -19.28 -12.23 -6.71
CA SER A 20 -18.71 -13.51 -6.32
C SER A 20 -17.19 -13.48 -6.32
N LEU A 21 -16.62 -12.28 -6.16
CA LEU A 21 -15.18 -12.10 -6.14
C LEU A 21 -14.78 -10.96 -5.20
N ILE A 22 -13.63 -11.11 -4.54
CA ILE A 22 -13.14 -10.09 -3.59
C ILE A 22 -11.72 -9.65 -3.92
N ASP A 23 -11.49 -8.34 -3.87
CA ASP A 23 -10.16 -7.78 -4.15
C ASP A 23 -9.37 -7.57 -2.86
N GLU A 24 -10.05 -7.08 -1.83
CA GLU A 24 -9.42 -6.82 -0.53
C GLU A 24 -8.36 -5.73 -0.63
N ASP A 25 -8.82 -4.47 -0.65
CA ASP A 25 -7.94 -3.31 -0.75
C ASP A 25 -7.03 -3.20 0.48
N ALA A 26 -5.81 -2.70 0.25
CA ALA A 26 -4.83 -2.52 1.34
C ALA A 26 -5.24 -1.41 2.29
N VAL A 27 -4.83 -1.52 3.55
CA VAL A 27 -5.16 -0.51 4.56
C VAL A 27 -3.89 0.09 5.17
N CYS A 28 -3.66 1.38 4.92
CA CYS A 28 -2.48 2.07 5.43
C CYS A 28 -2.50 2.16 6.96
N SER A 29 -1.31 2.21 7.55
CA SER A 29 -1.17 2.30 9.02
C SER A 29 -0.79 3.71 9.47
N ILE A 30 -0.02 4.42 8.65
CA ILE A 30 0.41 5.78 8.98
C ILE A 30 -0.78 6.75 8.98
N CYS A 31 -1.77 6.47 8.13
CA CYS A 31 -2.95 7.32 8.03
C CYS A 31 -4.22 6.49 7.92
N MET A 32 -5.36 7.09 8.28
CA MET A 32 -6.66 6.41 8.22
C MET A 32 -7.40 6.79 6.93
N ASP A 33 -6.67 6.76 5.81
CA ASP A 33 -7.25 7.11 4.51
C ASP A 33 -7.87 8.51 4.52
N GLY A 34 -7.30 9.40 5.32
CA GLY A 34 -7.80 10.77 5.41
C GLY A 34 -6.79 11.78 4.91
N GLU A 35 -6.09 11.44 3.81
CA GLU A 35 -5.09 12.33 3.24
C GLU A 35 -5.75 13.44 2.42
N SER A 36 -4.95 14.45 2.06
CA SER A 36 -5.46 15.57 1.27
C SER A 36 -5.42 15.28 -0.23
N GLN A 37 -4.46 14.44 -0.64
CA GLN A 37 -4.30 14.07 -2.05
C GLN A 37 -5.52 13.31 -2.57
N ASN A 38 -5.72 13.33 -3.89
CA ASN A 38 -6.85 12.64 -4.51
C ASN A 38 -6.54 11.16 -4.72
N SER A 39 -5.41 10.87 -5.38
CA SER A 39 -5.01 9.48 -5.64
C SER A 39 -3.66 9.17 -4.98
N ASN A 40 -3.66 8.19 -4.08
CA ASN A 40 -2.44 7.79 -3.37
C ASN A 40 -2.00 6.38 -3.80
N VAL A 41 -0.80 5.98 -3.36
CA VAL A 41 -0.27 4.65 -3.71
C VAL A 41 0.12 3.88 -2.45
N ILE A 42 -0.64 2.83 -2.14
CA ILE A 42 -0.36 2.00 -0.97
C ILE A 42 0.65 0.90 -1.34
N LEU A 43 1.36 0.37 -0.34
CA LEU A 43 2.35 -0.66 -0.58
C LEU A 43 2.15 -1.84 0.36
N PHE A 44 1.98 -3.02 -0.23
CA PHE A 44 1.77 -4.25 0.55
C PHE A 44 3.05 -5.08 0.61
N CYS A 45 3.28 -5.73 1.75
CA CYS A 45 4.48 -6.56 1.91
C CYS A 45 4.35 -7.86 1.11
N ASP A 46 5.49 -8.42 0.70
CA ASP A 46 5.52 -9.66 -0.07
C ASP A 46 5.46 -10.90 0.83
N MET A 47 5.71 -10.74 2.13
CA MET A 47 5.66 -11.85 3.06
C MET A 47 4.82 -11.48 4.28
N CYS A 48 4.07 -10.37 4.15
CA CYS A 48 3.25 -9.86 5.23
C CYS A 48 2.02 -9.13 4.67
N ASN A 49 1.26 -8.50 5.58
CA ASN A 49 0.08 -7.72 5.22
C ASN A 49 0.33 -6.22 5.44
N LEU A 50 1.57 -5.87 5.81
CA LEU A 50 1.94 -4.48 6.06
C LEU A 50 1.63 -3.60 4.84
N ALA A 51 0.61 -2.77 4.98
CA ALA A 51 0.19 -1.88 3.90
C ALA A 51 0.39 -0.43 4.30
N VAL A 52 1.30 0.26 3.62
CA VAL A 52 1.58 1.67 3.93
C VAL A 52 1.96 2.45 2.67
N HIS A 53 1.35 3.63 2.49
CA HIS A 53 1.68 4.46 1.33
C HIS A 53 3.16 4.83 1.34
N GLN A 54 3.80 4.83 0.17
CA GLN A 54 5.22 5.17 0.05
C GLN A 54 5.48 6.61 0.50
N GLU A 55 4.42 7.43 0.53
CA GLU A 55 4.53 8.81 0.97
C GLU A 55 4.31 8.89 2.48
N CYS A 56 3.56 7.92 2.98
CA CYS A 56 3.24 7.83 4.39
C CYS A 56 4.42 7.24 5.17
N TYR A 57 5.06 6.23 4.58
CA TYR A 57 6.21 5.58 5.21
C TYR A 57 7.49 6.37 4.96
N GLY A 58 7.55 7.10 3.84
CA GLY A 58 8.74 7.87 3.50
C GLY A 58 9.68 7.12 2.59
N VAL A 59 9.12 6.30 1.69
CA VAL A 59 9.91 5.52 0.75
C VAL A 59 10.47 6.41 -0.36
N PRO A 60 11.79 6.37 -0.61
CA PRO A 60 12.44 7.19 -1.64
C PRO A 60 12.00 6.82 -3.05
N TYR A 61 11.98 5.52 -3.37
CA TYR A 61 11.57 5.06 -4.69
C TYR A 61 10.73 3.79 -4.57
N ILE A 62 10.40 3.19 -5.71
CA ILE A 62 9.60 1.96 -5.73
C ILE A 62 10.34 0.84 -6.47
N PRO A 63 11.01 -0.05 -5.71
CA PRO A 63 11.75 -1.18 -6.30
C PRO A 63 10.85 -2.10 -7.12
N GLU A 64 11.45 -2.79 -8.10
CA GLU A 64 10.69 -3.70 -8.96
C GLU A 64 10.90 -5.16 -8.54
N GLY A 65 11.04 -5.39 -7.23
CA GLY A 65 11.24 -6.74 -6.72
C GLY A 65 10.32 -7.04 -5.54
N GLN A 66 10.88 -7.70 -4.53
CA GLN A 66 10.11 -8.05 -3.34
C GLN A 66 10.25 -6.98 -2.26
N TRP A 67 9.18 -6.78 -1.50
CA TRP A 67 9.18 -5.79 -0.42
C TRP A 67 8.99 -6.46 0.95
N LEU A 68 10.02 -6.35 1.79
CA LEU A 68 9.97 -6.92 3.13
C LEU A 68 10.01 -5.80 4.18
N CYS A 69 8.87 -5.56 4.83
CA CYS A 69 8.78 -4.52 5.86
C CYS A 69 9.83 -4.75 6.95
N ARG A 70 10.13 -3.70 7.71
CA ARG A 70 11.12 -3.76 8.78
C ARG A 70 10.90 -4.93 9.74
N HIS A 71 9.67 -5.43 9.85
CA HIS A 71 9.38 -6.53 10.75
C HIS A 71 9.91 -7.85 10.21
N CYS A 72 9.69 -8.09 8.93
CA CYS A 72 10.13 -9.32 8.30
C CYS A 72 11.59 -9.26 7.89
N LEU A 73 11.99 -8.15 7.25
CA LEU A 73 13.38 -7.99 6.83
C LEU A 73 14.31 -8.08 8.03
N GLN A 74 13.76 -7.77 9.21
CA GLN A 74 14.52 -7.85 10.46
C GLN A 74 14.51 -9.28 10.99
N SER A 75 13.38 -9.96 10.81
CA SER A 75 13.22 -11.35 11.24
C SER A 75 14.27 -12.25 10.61
N ARG A 76 14.53 -12.04 9.30
CA ARG A 76 15.53 -12.82 8.59
C ARG A 76 16.94 -12.33 8.88
N ALA A 77 17.08 -11.01 9.09
CA ALA A 77 18.39 -10.42 9.40
C ALA A 77 18.90 -10.87 10.76
N ARG A 78 17.98 -11.14 11.70
CA ARG A 78 18.35 -11.57 13.05
C ARG A 78 19.26 -12.81 13.01
N PRO A 79 18.77 -13.94 12.44
CA PRO A 79 19.57 -15.17 12.34
C PRO A 79 20.76 -15.04 11.39
N ALA A 80 20.64 -14.15 10.40
CA ALA A 80 21.71 -13.93 9.42
C ALA A 80 22.91 -13.25 10.07
ZN ZN B . -1.29 6.51 4.52
ZN ZN C . 6.98 -7.82 5.90
N ALA A 1 7.52 -4.48 -5.73
CA ALA A 1 6.63 -3.94 -4.66
C ALA A 1 5.21 -3.73 -5.17
N ARG A 2 4.25 -4.38 -4.53
CA ARG A 2 2.84 -4.26 -4.91
C ARG A 2 2.28 -2.90 -4.50
N THR A 3 1.98 -2.07 -5.49
CA THR A 3 1.44 -0.73 -5.24
C THR A 3 0.00 -0.64 -5.74
N LYS A 4 -0.92 -0.28 -4.82
CA LYS A 4 -2.33 -0.15 -5.18
C LYS A 4 -2.76 1.31 -5.13
N GLN A 5 -3.26 1.82 -6.25
CA GLN A 5 -3.71 3.21 -6.35
C GLN A 5 -5.23 3.29 -6.43
N THR A 6 -5.83 4.11 -5.57
CA THR A 6 -7.28 4.29 -5.55
C THR A 6 -7.64 5.77 -5.59
N ALA A 7 -8.49 6.14 -6.55
CA ALA A 7 -8.93 7.53 -6.71
C ALA A 7 -10.38 7.70 -6.28
N ARG A 8 -10.60 8.58 -5.30
CA ARG A 8 -11.95 8.86 -4.77
C ARG A 8 -12.48 7.68 -3.95
N LYS A 9 -12.66 6.53 -4.60
CA LYS A 9 -13.17 5.33 -3.93
C LYS A 9 -12.19 4.85 -2.86
N SER A 10 -12.71 4.19 -1.83
CA SER A 10 -11.89 3.67 -0.75
C SER A 10 -12.39 2.31 -0.28
N THR A 11 -11.48 1.34 -0.17
CA THR A 11 -11.82 -0.01 0.27
C THR A 11 -10.79 -0.54 1.26
N GLY A 12 -11.24 -1.39 2.18
CA GLY A 12 -10.34 -1.96 3.17
C GLY A 12 -10.57 -1.39 4.56
N GLY A 13 -11.31 -2.13 5.38
CA GLY A 13 -11.60 -1.68 6.73
C GLY A 13 -12.89 -0.91 6.83
N SER A 14 -12.83 0.29 7.42
CA SER A 14 -14.01 1.13 7.59
C SER A 14 -14.43 1.75 6.25
N SER A 15 -15.35 1.08 5.56
CA SER A 15 -15.84 1.55 4.27
C SER A 15 -17.36 1.78 4.31
N GLY A 16 -18.09 0.82 4.87
CA GLY A 16 -19.53 0.94 4.96
C GLY A 16 -20.15 -0.06 5.94
N SER A 17 -21.46 0.03 6.13
CA SER A 17 -22.16 -0.87 7.03
C SER A 17 -22.60 -2.14 6.30
N SER A 18 -23.30 -1.96 5.17
CA SER A 18 -23.77 -3.09 4.37
C SER A 18 -22.95 -3.22 3.08
N GLN A 19 -21.68 -2.83 3.14
CA GLN A 19 -20.80 -2.91 1.99
C GLN A 19 -19.96 -4.19 2.05
N SER A 20 -20.41 -5.22 1.33
CA SER A 20 -19.71 -6.50 1.31
C SER A 20 -18.34 -6.37 0.63
N LEU A 21 -17.60 -7.48 0.62
CA LEU A 21 -16.26 -7.50 0.00
C LEU A 21 -16.36 -7.29 -1.51
N ILE A 22 -15.28 -6.76 -2.08
CA ILE A 22 -15.21 -6.50 -3.52
C ILE A 22 -13.77 -6.58 -4.02
N ASP A 23 -12.85 -5.95 -3.29
CA ASP A 23 -11.44 -5.95 -3.63
C ASP A 23 -10.60 -5.57 -2.41
N GLU A 24 -9.93 -6.56 -1.82
CA GLU A 24 -9.09 -6.32 -0.64
C GLU A 24 -7.78 -5.65 -1.03
N ASP A 25 -7.86 -4.36 -1.31
CA ASP A 25 -6.69 -3.57 -1.69
C ASP A 25 -5.61 -3.61 -0.60
N ALA A 26 -5.78 -2.78 0.43
CA ALA A 26 -4.84 -2.71 1.54
C ALA A 26 -5.26 -1.63 2.55
N VAL A 27 -4.66 -1.66 3.74
CA VAL A 27 -4.99 -0.69 4.77
C VAL A 27 -3.72 -0.02 5.31
N CYS A 28 -3.57 1.27 5.03
CA CYS A 28 -2.41 2.03 5.46
C CYS A 28 -2.37 2.16 6.99
N SER A 29 -1.15 2.27 7.53
CA SER A 29 -0.96 2.40 8.97
C SER A 29 -0.73 3.85 9.39
N ILE A 30 -0.04 4.62 8.55
CA ILE A 30 0.23 6.02 8.84
C ILE A 30 -1.06 6.85 8.82
N CYS A 31 -2.07 6.38 8.08
CA CYS A 31 -3.33 7.08 7.98
C CYS A 31 -4.48 6.11 7.74
N MET A 32 -5.71 6.65 7.75
CA MET A 32 -6.91 5.83 7.53
C MET A 32 -7.77 6.43 6.42
N ASP A 33 -7.13 6.78 5.31
CA ASP A 33 -7.82 7.38 4.16
C ASP A 33 -8.59 8.63 4.57
N GLY A 34 -8.05 9.36 5.55
CA GLY A 34 -8.69 10.58 6.02
C GLY A 34 -8.15 11.83 5.34
N GLU A 35 -6.99 11.70 4.68
CA GLU A 35 -6.36 12.82 3.98
C GLU A 35 -7.28 13.39 2.89
N SER A 36 -6.97 14.59 2.42
CA SER A 36 -7.75 15.24 1.38
C SER A 36 -7.14 14.99 -0.01
N GLN A 37 -6.55 13.81 -0.19
CA GLN A 37 -5.94 13.45 -1.46
C GLN A 37 -6.92 12.66 -2.32
N ASN A 38 -7.03 13.04 -3.60
CA ASN A 38 -7.94 12.36 -4.52
C ASN A 38 -7.50 10.91 -4.77
N SER A 39 -6.19 10.72 -4.99
CA SER A 39 -5.64 9.39 -5.23
C SER A 39 -4.46 9.09 -4.31
N ASN A 40 -4.27 7.82 -3.98
CA ASN A 40 -3.17 7.41 -3.09
C ASN A 40 -2.68 6.00 -3.45
N VAL A 41 -1.37 5.79 -3.33
CA VAL A 41 -0.77 4.49 -3.64
C VAL A 41 -0.27 3.79 -2.37
N ILE A 42 -0.90 2.67 -2.02
CA ILE A 42 -0.50 1.91 -0.84
C ILE A 42 0.60 0.92 -1.21
N LEU A 43 1.36 0.47 -0.22
CA LEU A 43 2.44 -0.48 -0.47
C LEU A 43 2.42 -1.63 0.51
N PHE A 44 2.33 -2.85 -0.02
CA PHE A 44 2.31 -4.05 0.79
C PHE A 44 3.66 -4.73 0.76
N CYS A 45 4.15 -5.19 1.92
CA CYS A 45 5.44 -5.85 1.97
C CYS A 45 5.43 -7.19 1.24
N ASP A 46 6.60 -7.60 0.75
CA ASP A 46 6.73 -8.87 0.02
C ASP A 46 6.91 -10.06 0.96
N MET A 47 7.26 -9.80 2.23
CA MET A 47 7.44 -10.87 3.21
C MET A 47 6.66 -10.52 4.48
N CYS A 48 5.78 -9.52 4.36
CA CYS A 48 4.99 -9.07 5.48
C CYS A 48 3.64 -8.50 5.00
N ASN A 49 2.85 -7.99 5.94
CA ASN A 49 1.55 -7.41 5.61
C ASN A 49 1.55 -5.89 5.81
N LEU A 50 2.74 -5.30 6.00
CA LEU A 50 2.87 -3.87 6.21
C LEU A 50 2.36 -3.09 5.00
N ALA A 51 1.17 -2.52 5.13
CA ALA A 51 0.56 -1.74 4.06
C ALA A 51 0.62 -0.26 4.40
N VAL A 52 1.44 0.50 3.67
CA VAL A 52 1.57 1.94 3.92
C VAL A 52 1.84 2.69 2.62
N HIS A 53 1.16 3.83 2.44
CA HIS A 53 1.37 4.64 1.25
C HIS A 53 2.83 5.12 1.17
N GLN A 54 3.39 5.12 -0.03
CA GLN A 54 4.77 5.56 -0.22
C GLN A 54 4.94 7.04 0.17
N GLU A 55 3.82 7.77 0.21
CA GLU A 55 3.83 9.19 0.58
C GLU A 55 3.66 9.32 2.08
N CYS A 56 3.03 8.31 2.67
CA CYS A 56 2.77 8.26 4.09
C CYS A 56 4.02 7.85 4.85
N TYR A 57 4.75 6.89 4.30
CA TYR A 57 5.98 6.40 4.91
C TYR A 57 7.19 7.23 4.50
N GLY A 58 7.20 7.65 3.23
CA GLY A 58 8.31 8.45 2.72
C GLY A 58 9.27 7.62 1.89
N VAL A 59 8.73 6.64 1.15
CA VAL A 59 9.54 5.78 0.30
C VAL A 59 10.18 6.59 -0.82
N PRO A 60 11.48 6.37 -1.10
CA PRO A 60 12.20 7.09 -2.16
C PRO A 60 11.60 6.83 -3.54
N TYR A 61 11.46 5.56 -3.90
CA TYR A 61 10.90 5.19 -5.20
C TYR A 61 10.07 3.91 -5.09
N ILE A 62 9.66 3.36 -6.23
CA ILE A 62 8.86 2.14 -6.26
C ILE A 62 9.53 1.07 -7.13
N PRO A 63 10.23 0.11 -6.49
CA PRO A 63 10.92 -0.97 -7.22
C PRO A 63 9.96 -1.99 -7.81
N GLU A 64 10.37 -2.63 -8.90
CA GLU A 64 9.55 -3.64 -9.57
C GLU A 64 9.95 -5.05 -9.15
N GLY A 65 10.41 -5.21 -7.91
CA GLY A 65 10.82 -6.50 -7.41
C GLY A 65 10.16 -6.85 -6.09
N GLN A 66 10.97 -7.02 -5.04
CA GLN A 66 10.46 -7.35 -3.72
C GLN A 66 10.66 -6.18 -2.75
N TRP A 67 9.62 -5.88 -1.97
CA TRP A 67 9.68 -4.80 -0.99
C TRP A 67 9.79 -5.35 0.43
N LEU A 68 10.89 -5.02 1.10
CA LEU A 68 11.11 -5.48 2.47
C LEU A 68 11.12 -4.28 3.42
N CYS A 69 10.11 -4.20 4.29
CA CYS A 69 10.02 -3.11 5.24
C CYS A 69 11.23 -3.11 6.18
N ARG A 70 11.49 -1.97 6.80
CA ARG A 70 12.64 -1.81 7.70
C ARG A 70 12.79 -2.95 8.71
N HIS A 71 11.68 -3.57 9.10
CA HIS A 71 11.72 -4.66 10.08
C HIS A 71 12.30 -5.92 9.48
N CYS A 72 11.83 -6.29 8.29
CA CYS A 72 12.30 -7.50 7.64
C CYS A 72 13.61 -7.26 6.90
N LEU A 73 13.71 -6.15 6.17
CA LEU A 73 14.94 -5.83 5.45
C LEU A 73 16.12 -5.76 6.42
N GLN A 74 15.81 -5.49 7.69
CA GLN A 74 16.84 -5.41 8.72
C GLN A 74 17.19 -6.81 9.22
N SER A 75 16.17 -7.65 9.37
CA SER A 75 16.37 -9.03 9.82
C SER A 75 17.43 -9.74 8.97
N ARG A 76 17.43 -9.44 7.67
CA ARG A 76 18.38 -10.03 6.75
C ARG A 76 19.66 -9.21 6.65
N ALA A 77 19.53 -7.88 6.74
CA ALA A 77 20.68 -6.98 6.68
C ALA A 77 21.56 -7.09 7.92
N ARG A 78 20.97 -7.52 9.03
CA ARG A 78 21.69 -7.66 10.30
C ARG A 78 22.96 -8.52 10.12
N PRO A 79 22.80 -9.79 9.72
CA PRO A 79 23.94 -10.70 9.51
C PRO A 79 24.82 -10.26 8.33
N ALA A 80 26.12 -10.54 8.43
CA ALA A 80 27.09 -10.19 7.39
C ALA A 80 27.16 -8.67 7.20
ZN ZN B . -1.61 6.55 4.49
ZN ZN C . 8.56 -6.59 5.69
N ALA A 1 7.22 -4.21 -6.04
CA ALA A 1 6.45 -4.00 -4.79
C ALA A 1 4.97 -3.77 -5.09
N ARG A 2 4.11 -4.49 -4.36
CA ARG A 2 2.67 -4.37 -4.54
C ARG A 2 2.18 -2.96 -4.19
N THR A 3 1.65 -2.25 -5.19
CA THR A 3 1.16 -0.90 -4.99
C THR A 3 -0.29 -0.78 -5.43
N LYS A 4 -1.13 -0.22 -4.55
CA LYS A 4 -2.55 -0.04 -4.86
C LYS A 4 -2.85 1.44 -5.06
N GLN A 5 -3.61 1.75 -6.11
CA GLN A 5 -3.96 3.14 -6.43
C GLN A 5 -5.43 3.45 -6.13
N THR A 6 -5.65 4.46 -5.30
CA THR A 6 -7.00 4.87 -4.93
C THR A 6 -7.13 6.40 -4.98
N ALA A 7 -7.94 6.89 -5.90
CA ALA A 7 -8.15 8.34 -6.06
C ALA A 7 -9.63 8.69 -6.16
N ARG A 8 -9.92 9.99 -6.21
CA ARG A 8 -11.29 10.47 -6.32
C ARG A 8 -11.58 11.01 -7.73
N LYS A 9 -10.94 10.40 -8.74
CA LYS A 9 -11.12 10.79 -10.14
C LYS A 9 -10.97 12.31 -10.34
N SER A 10 -11.39 12.79 -11.51
CA SER A 10 -11.30 14.22 -11.83
C SER A 10 -12.26 14.60 -12.96
N THR A 11 -12.38 15.91 -13.21
CA THR A 11 -13.26 16.42 -14.27
C THR A 11 -12.44 16.87 -15.48
N GLY A 12 -11.81 15.90 -16.15
CA GLY A 12 -10.99 16.20 -17.32
C GLY A 12 -11.44 15.42 -18.56
N GLY A 13 -10.90 14.22 -18.72
CA GLY A 13 -11.26 13.38 -19.87
C GLY A 13 -10.35 12.18 -20.02
N SER A 14 -9.31 12.33 -20.85
CA SER A 14 -8.35 11.25 -21.09
C SER A 14 -8.99 10.08 -21.84
N SER A 15 -8.54 9.86 -23.08
CA SER A 15 -9.04 8.78 -23.92
C SER A 15 -8.09 7.59 -23.92
N GLY A 16 -8.64 6.39 -23.74
CA GLY A 16 -7.83 5.18 -23.71
C GLY A 16 -8.58 3.99 -23.14
N SER A 17 -7.84 2.93 -22.78
CA SER A 17 -8.45 1.73 -22.22
C SER A 17 -7.78 1.33 -20.92
N SER A 18 -8.46 1.57 -19.80
CA SER A 18 -7.92 1.24 -18.47
C SER A 18 -9.01 1.31 -17.40
N GLN A 19 -9.19 0.21 -16.68
CA GLN A 19 -10.19 0.14 -15.62
C GLN A 19 -9.70 -0.68 -14.44
N SER A 20 -9.29 0.01 -13.37
CA SER A 20 -8.79 -0.65 -12.17
C SER A 20 -9.94 -1.19 -11.31
N LEU A 21 -9.84 -2.47 -10.95
CA LEU A 21 -10.87 -3.12 -10.15
C LEU A 21 -10.37 -3.38 -8.72
N ILE A 22 -11.29 -3.33 -7.76
CA ILE A 22 -10.95 -3.57 -6.35
C ILE A 22 -10.98 -5.07 -6.03
N ASP A 23 -9.82 -5.70 -6.04
CA ASP A 23 -9.71 -7.13 -5.74
C ASP A 23 -9.44 -7.36 -4.25
N GLU A 24 -8.49 -6.62 -3.69
CA GLU A 24 -8.16 -6.72 -2.27
C GLU A 24 -7.36 -5.50 -1.81
N ASP A 25 -8.07 -4.39 -1.59
CA ASP A 25 -7.44 -3.14 -1.16
C ASP A 25 -6.79 -3.27 0.22
N ALA A 26 -5.88 -2.35 0.54
CA ALA A 26 -5.16 -2.35 1.81
C ALA A 26 -5.50 -1.11 2.65
N VAL A 27 -5.01 -1.10 3.90
CA VAL A 27 -5.23 0.02 4.80
C VAL A 27 -3.92 0.52 5.39
N CYS A 28 -3.58 1.78 5.07
CA CYS A 28 -2.33 2.39 5.55
C CYS A 28 -2.29 2.50 7.08
N SER A 29 -1.08 2.43 7.64
CA SER A 29 -0.88 2.51 9.09
C SER A 29 -0.40 3.88 9.54
N ILE A 30 0.37 4.58 8.69
CA ILE A 30 0.89 5.89 9.03
C ILE A 30 -0.24 6.94 9.11
N CYS A 31 -1.28 6.73 8.31
CA CYS A 31 -2.41 7.65 8.26
C CYS A 31 -3.74 6.92 8.24
N MET A 32 -4.76 7.50 8.85
CA MET A 32 -6.10 6.91 8.89
C MET A 32 -7.05 7.65 7.95
N ASP A 33 -6.61 7.82 6.70
CA ASP A 33 -7.39 8.51 5.67
C ASP A 33 -7.70 9.95 6.10
N GLY A 34 -6.83 10.54 6.92
CA GLY A 34 -7.03 11.91 7.37
C GLY A 34 -6.10 12.89 6.68
N GLU A 35 -5.74 12.58 5.43
CA GLU A 35 -4.85 13.43 4.65
C GLU A 35 -5.60 14.09 3.49
N SER A 36 -4.96 15.05 2.83
CA SER A 36 -5.57 15.75 1.71
C SER A 36 -4.81 15.47 0.42
N GLN A 37 -5.28 14.47 -0.33
CA GLN A 37 -4.64 14.08 -1.59
C GLN A 37 -5.67 13.52 -2.57
N ASN A 38 -5.50 13.84 -3.86
CA ASN A 38 -6.42 13.37 -4.89
C ASN A 38 -6.22 11.87 -5.15
N SER A 39 -4.96 11.47 -5.39
CA SER A 39 -4.64 10.07 -5.64
C SER A 39 -3.41 9.63 -4.84
N ASN A 40 -3.52 8.51 -4.13
CA ASN A 40 -2.42 7.99 -3.33
C ASN A 40 -2.12 6.53 -3.68
N VAL A 41 -0.97 6.03 -3.24
CA VAL A 41 -0.57 4.65 -3.51
C VAL A 41 -0.11 3.93 -2.25
N ILE A 42 -0.82 2.86 -1.88
CA ILE A 42 -0.47 2.08 -0.70
C ILE A 42 0.52 0.97 -1.06
N LEU A 43 1.24 0.45 -0.07
CA LEU A 43 2.22 -0.60 -0.31
C LEU A 43 2.10 -1.72 0.70
N PHE A 44 1.95 -2.94 0.19
CA PHE A 44 1.82 -4.12 1.05
C PHE A 44 3.08 -4.96 1.01
N CYS A 45 3.53 -5.44 2.18
CA CYS A 45 4.74 -6.26 2.24
C CYS A 45 4.52 -7.60 1.54
N ASP A 46 5.60 -8.19 1.03
CA ASP A 46 5.54 -9.47 0.33
C ASP A 46 5.57 -10.66 1.30
N MET A 47 5.97 -10.43 2.55
CA MET A 47 6.02 -11.49 3.54
C MET A 47 5.32 -11.03 4.81
N CYS A 48 4.58 -9.91 4.71
CA CYS A 48 3.87 -9.34 5.84
C CYS A 48 2.62 -8.61 5.39
N ASN A 49 1.96 -7.93 6.33
CA ASN A 49 0.76 -7.16 6.05
C ASN A 49 1.02 -5.66 6.16
N LEU A 50 2.30 -5.26 6.20
CA LEU A 50 2.66 -3.86 6.32
C LEU A 50 2.12 -3.05 5.15
N ALA A 51 0.95 -2.43 5.35
CA ALA A 51 0.33 -1.62 4.32
C ALA A 51 0.52 -0.14 4.62
N VAL A 52 1.39 0.52 3.86
CA VAL A 52 1.66 1.94 4.06
C VAL A 52 1.96 2.64 2.74
N HIS A 53 1.42 3.85 2.55
CA HIS A 53 1.68 4.61 1.33
C HIS A 53 3.19 4.89 1.19
N GLN A 54 3.69 4.88 -0.03
CA GLN A 54 5.11 5.14 -0.28
C GLN A 54 5.51 6.54 0.18
N GLU A 55 4.51 7.44 0.31
CA GLU A 55 4.76 8.80 0.78
C GLU A 55 4.66 8.85 2.29
N CYS A 56 3.85 7.94 2.83
CA CYS A 56 3.63 7.82 4.25
C CYS A 56 4.83 7.18 4.93
N TYR A 57 5.44 6.22 4.23
CA TYR A 57 6.61 5.52 4.74
C TYR A 57 7.90 6.27 4.44
N GLY A 58 7.92 7.00 3.32
CA GLY A 58 9.09 7.75 2.91
C GLY A 58 9.94 7.00 1.91
N VAL A 59 9.28 6.24 1.03
CA VAL A 59 9.97 5.47 0.00
C VAL A 59 10.34 6.35 -1.19
N PRO A 60 11.60 6.26 -1.67
CA PRO A 60 12.08 7.07 -2.81
C PRO A 60 11.40 6.69 -4.12
N TYR A 61 11.29 5.40 -4.39
CA TYR A 61 10.67 4.90 -5.62
C TYR A 61 9.96 3.57 -5.37
N ILE A 62 9.48 2.94 -6.44
CA ILE A 62 8.79 1.65 -6.32
C ILE A 62 9.48 0.58 -7.16
N PRO A 63 10.34 -0.25 -6.50
CA PRO A 63 11.07 -1.32 -7.18
C PRO A 63 10.15 -2.34 -7.86
N GLU A 64 10.67 -3.04 -8.86
CA GLU A 64 9.90 -4.04 -9.60
C GLU A 64 10.19 -5.45 -9.09
N GLY A 65 10.49 -5.57 -7.80
CA GLY A 65 10.76 -6.87 -7.21
C GLY A 65 9.92 -7.13 -5.96
N GLN A 66 10.55 -7.76 -4.96
CA GLN A 66 9.86 -8.07 -3.70
C GLN A 66 10.08 -6.96 -2.67
N TRP A 67 9.10 -6.79 -1.79
CA TRP A 67 9.19 -5.77 -0.74
C TRP A 67 9.20 -6.42 0.64
N LEU A 68 10.35 -6.36 1.31
CA LEU A 68 10.49 -6.93 2.65
C LEU A 68 10.79 -5.82 3.66
N CYS A 69 9.78 -5.47 4.45
CA CYS A 69 9.94 -4.44 5.48
C CYS A 69 11.09 -4.79 6.42
N ARG A 70 11.60 -3.79 7.13
CA ARG A 70 12.71 -3.97 8.06
C ARG A 70 12.50 -5.13 9.04
N HIS A 71 11.25 -5.49 9.31
CA HIS A 71 10.96 -6.56 10.24
C HIS A 71 11.27 -7.93 9.64
N CYS A 72 10.85 -8.13 8.40
CA CYS A 72 11.08 -9.39 7.72
C CYS A 72 12.47 -9.46 7.11
N LEU A 73 12.88 -8.40 6.42
CA LEU A 73 14.21 -8.37 5.81
C LEU A 73 15.27 -8.56 6.88
N GLN A 74 14.94 -8.21 8.13
CA GLN A 74 15.86 -8.38 9.24
C GLN A 74 15.83 -9.83 9.72
N SER A 75 14.62 -10.41 9.74
CA SER A 75 14.43 -11.80 10.17
C SER A 75 15.23 -12.73 9.26
N ARG A 76 15.15 -12.48 7.95
CA ARG A 76 15.86 -13.29 6.96
C ARG A 76 17.37 -12.99 6.96
N ALA A 77 17.73 -11.79 7.39
CA ALA A 77 19.15 -11.37 7.43
C ALA A 77 19.83 -11.80 8.73
N ARG A 78 19.03 -12.16 9.74
CA ARG A 78 19.57 -12.58 11.04
C ARG A 78 20.61 -13.70 10.89
N PRO A 79 20.32 -14.74 10.09
CA PRO A 79 21.24 -15.87 9.88
C PRO A 79 22.63 -15.43 9.39
N ALA A 80 23.61 -16.32 9.54
CA ALA A 80 24.97 -16.04 9.11
C ALA A 80 25.48 -17.10 8.14
ZN ZN B . -0.96 6.79 4.67
ZN ZN C . 7.78 -7.48 5.90
N ALA A 1 7.91 -3.63 -6.11
CA ALA A 1 7.09 -3.39 -4.89
C ALA A 1 5.62 -3.26 -5.24
N ARG A 2 4.80 -4.17 -4.72
CA ARG A 2 3.36 -4.16 -4.96
C ARG A 2 2.72 -2.88 -4.44
N THR A 3 1.96 -2.19 -5.30
CA THR A 3 1.29 -0.94 -4.93
C THR A 3 -0.11 -0.88 -5.53
N LYS A 4 -1.04 -0.32 -4.75
CA LYS A 4 -2.43 -0.17 -5.20
C LYS A 4 -2.76 1.31 -5.36
N GLN A 5 -3.36 1.67 -6.51
CA GLN A 5 -3.71 3.05 -6.79
C GLN A 5 -5.23 3.24 -6.75
N THR A 6 -5.67 4.12 -5.85
CA THR A 6 -7.09 4.40 -5.69
C THR A 6 -7.35 5.91 -5.57
N ALA A 7 -8.35 6.39 -6.29
CA ALA A 7 -8.69 7.82 -6.27
C ALA A 7 -10.16 8.03 -5.90
N ARG A 8 -10.40 8.98 -4.99
CA ARG A 8 -11.75 9.30 -4.53
C ARG A 8 -12.37 8.17 -3.73
N LYS A 9 -12.58 8.41 -2.44
CA LYS A 9 -13.17 7.41 -1.54
C LYS A 9 -14.68 7.29 -1.78
N SER A 10 -15.35 6.45 -0.98
CA SER A 10 -16.79 6.24 -1.10
C SER A 10 -17.55 7.56 -1.07
N THR A 11 -18.63 7.65 -1.85
CA THR A 11 -19.46 8.85 -1.91
C THR A 11 -20.13 9.15 -0.56
N GLY A 12 -20.70 10.34 -0.44
CA GLY A 12 -21.37 10.74 0.79
C GLY A 12 -22.86 10.88 0.62
N GLY A 13 -23.51 9.87 0.05
CA GLY A 13 -24.95 9.92 -0.16
C GLY A 13 -25.54 8.57 -0.54
N SER A 14 -26.66 8.21 0.08
CA SER A 14 -27.32 6.94 -0.19
C SER A 14 -26.48 5.76 0.29
N SER A 15 -27.10 4.58 0.36
CA SER A 15 -26.41 3.38 0.80
C SER A 15 -25.30 2.99 -0.19
N GLY A 16 -25.60 3.11 -1.49
CA GLY A 16 -24.62 2.79 -2.51
C GLY A 16 -24.50 1.29 -2.76
N SER A 17 -24.78 0.88 -4.00
CA SER A 17 -24.71 -0.53 -4.38
C SER A 17 -23.46 -0.81 -5.22
N SER A 18 -23.24 0.01 -6.25
CA SER A 18 -22.08 -0.15 -7.12
C SER A 18 -22.14 -1.48 -7.88
N GLN A 19 -21.11 -1.75 -8.68
CA GLN A 19 -21.05 -2.99 -9.45
C GLN A 19 -19.61 -3.34 -9.84
N SER A 20 -19.32 -4.64 -9.90
CA SER A 20 -17.98 -5.13 -10.25
C SER A 20 -16.93 -4.67 -9.25
N LEU A 21 -16.75 -5.44 -8.18
CA LEU A 21 -15.76 -5.11 -7.15
C LEU A 21 -14.82 -6.29 -6.89
N ILE A 22 -13.59 -6.18 -7.39
CA ILE A 22 -12.58 -7.23 -7.23
C ILE A 22 -11.40 -6.75 -6.40
N ASP A 23 -10.52 -7.68 -6.02
CA ASP A 23 -9.34 -7.36 -5.22
C ASP A 23 -9.75 -6.91 -3.81
N GLU A 24 -8.75 -6.76 -2.94
CA GLU A 24 -9.00 -6.34 -1.56
C GLU A 24 -8.12 -5.16 -1.17
N ASP A 25 -8.73 -3.98 -1.01
CA ASP A 25 -8.00 -2.78 -0.65
C ASP A 25 -7.33 -2.92 0.72
N ALA A 26 -6.03 -2.59 0.77
CA ALA A 26 -5.26 -2.68 2.02
C ALA A 26 -5.55 -1.50 2.94
N VAL A 27 -4.93 -1.52 4.12
CA VAL A 27 -5.13 -0.45 5.11
C VAL A 27 -3.80 0.11 5.58
N CYS A 28 -3.54 1.37 5.24
CA CYS A 28 -2.30 2.04 5.63
C CYS A 28 -2.15 2.12 7.14
N SER A 29 -0.89 2.13 7.62
CA SER A 29 -0.60 2.20 9.05
C SER A 29 -0.31 3.64 9.49
N ILE A 30 0.36 4.42 8.63
CA ILE A 30 0.68 5.80 8.96
C ILE A 30 -0.58 6.66 9.01
N CYS A 31 -1.62 6.24 8.29
CA CYS A 31 -2.87 6.99 8.25
C CYS A 31 -4.07 6.05 8.08
N MET A 32 -5.18 6.39 8.75
CA MET A 32 -6.40 5.59 8.67
C MET A 32 -7.44 6.29 7.79
N ASP A 33 -7.02 6.72 6.60
CA ASP A 33 -7.89 7.42 5.66
C ASP A 33 -8.51 8.67 6.29
N GLY A 34 -7.72 9.36 7.11
CA GLY A 34 -8.19 10.58 7.77
C GLY A 34 -7.97 11.82 6.94
N GLU A 35 -6.92 11.80 6.11
CA GLU A 35 -6.59 12.94 5.25
C GLU A 35 -7.64 13.13 4.15
N SER A 36 -7.48 14.20 3.37
CA SER A 36 -8.41 14.50 2.28
C SER A 36 -7.66 14.75 0.98
N GLN A 37 -7.40 13.68 0.22
CA GLN A 37 -6.69 13.78 -1.05
C GLN A 37 -7.54 13.23 -2.19
N ASN A 38 -7.05 13.36 -3.42
CA ASN A 38 -7.75 12.86 -4.59
C ASN A 38 -7.34 11.42 -4.91
N SER A 39 -6.04 11.14 -4.84
CA SER A 39 -5.51 9.81 -5.13
C SER A 39 -4.35 9.45 -4.19
N ASN A 40 -4.03 8.16 -4.11
CA ASN A 40 -2.95 7.69 -3.25
C ASN A 40 -2.44 6.31 -3.71
N VAL A 41 -1.27 5.90 -3.20
CA VAL A 41 -0.68 4.62 -3.55
C VAL A 41 -0.25 3.84 -2.31
N ILE A 42 -1.01 2.79 -1.97
CA ILE A 42 -0.70 1.97 -0.82
C ILE A 42 0.28 0.86 -1.19
N LEU A 43 1.20 0.55 -0.28
CA LEU A 43 2.20 -0.48 -0.53
C LEU A 43 2.01 -1.68 0.39
N PHE A 44 2.06 -2.87 -0.18
CA PHE A 44 1.90 -4.10 0.59
C PHE A 44 3.19 -4.92 0.54
N CYS A 45 3.63 -5.41 1.70
CA CYS A 45 4.87 -6.20 1.75
C CYS A 45 4.74 -7.49 0.93
N ASP A 46 5.88 -7.99 0.45
CA ASP A 46 5.91 -9.21 -0.35
C ASP A 46 5.99 -10.47 0.52
N MET A 47 6.37 -10.30 1.80
CA MET A 47 6.47 -11.43 2.72
C MET A 47 5.72 -11.10 4.01
N CYS A 48 4.91 -10.03 3.95
CA CYS A 48 4.16 -9.58 5.11
C CYS A 48 2.85 -8.90 4.68
N ASN A 49 2.17 -8.29 5.64
CA ASN A 49 0.92 -7.57 5.40
C ASN A 49 1.11 -6.07 5.57
N LEU A 50 2.37 -5.64 5.82
CA LEU A 50 2.68 -4.22 6.00
C LEU A 50 2.09 -3.38 4.87
N ALA A 51 1.06 -2.61 5.20
CA ALA A 51 0.40 -1.77 4.22
C ALA A 51 0.59 -0.30 4.56
N VAL A 52 1.42 0.39 3.77
CA VAL A 52 1.67 1.82 3.99
C VAL A 52 1.90 2.55 2.68
N HIS A 53 1.27 3.71 2.51
CA HIS A 53 1.45 4.50 1.29
C HIS A 53 2.91 4.92 1.15
N GLN A 54 3.42 4.92 -0.08
CA GLN A 54 4.82 5.32 -0.33
C GLN A 54 5.06 6.78 0.06
N GLU A 55 3.97 7.55 0.16
CA GLU A 55 4.06 8.96 0.56
C GLU A 55 3.97 9.07 2.08
N CYS A 56 3.30 8.08 2.67
CA CYS A 56 3.12 8.03 4.11
C CYS A 56 4.39 7.54 4.79
N TYR A 57 5.06 6.58 4.16
CA TYR A 57 6.29 6.03 4.70
C TYR A 57 7.51 6.86 4.30
N GLY A 58 7.42 7.52 3.13
CA GLY A 58 8.52 8.34 2.65
C GLY A 58 9.48 7.55 1.78
N VAL A 59 8.95 6.61 1.01
CA VAL A 59 9.76 5.79 0.13
C VAL A 59 10.37 6.63 -1.00
N PRO A 60 11.68 6.45 -1.28
CA PRO A 60 12.37 7.20 -2.33
C PRO A 60 11.77 6.96 -3.72
N TYR A 61 11.53 5.70 -4.05
CA TYR A 61 10.95 5.33 -5.34
C TYR A 61 10.21 4.00 -5.23
N ILE A 62 9.60 3.58 -6.34
CA ILE A 62 8.84 2.32 -6.36
C ILE A 62 9.49 1.32 -7.33
N PRO A 63 10.37 0.44 -6.81
CA PRO A 63 11.06 -0.57 -7.61
C PRO A 63 10.08 -1.57 -8.25
N GLU A 64 10.62 -2.45 -9.10
CA GLU A 64 9.81 -3.46 -9.78
C GLU A 64 10.19 -4.89 -9.33
N GLY A 65 10.62 -5.02 -8.08
CA GLY A 65 11.00 -6.33 -7.56
C GLY A 65 10.21 -6.70 -6.33
N GLN A 66 10.92 -7.06 -5.25
CA GLN A 66 10.28 -7.44 -4.00
C GLN A 66 10.41 -6.34 -2.95
N TRP A 67 9.40 -6.22 -2.09
CA TRP A 67 9.40 -5.22 -1.03
C TRP A 67 9.37 -5.87 0.35
N LEU A 68 10.46 -5.74 1.09
CA LEU A 68 10.57 -6.32 2.44
C LEU A 68 10.63 -5.22 3.49
N CYS A 69 9.54 -5.03 4.23
CA CYS A 69 9.48 -4.00 5.27
C CYS A 69 10.58 -4.22 6.30
N ARG A 70 10.81 -3.21 7.13
CA ARG A 70 11.85 -3.26 8.17
C ARG A 70 11.71 -4.46 9.11
N HIS A 71 10.52 -5.05 9.20
CA HIS A 71 10.30 -6.18 10.08
C HIS A 71 10.89 -7.46 9.49
N CYS A 72 10.67 -7.66 8.21
CA CYS A 72 11.18 -8.84 7.53
C CYS A 72 12.63 -8.66 7.11
N LEU A 73 12.95 -7.53 6.49
CA LEU A 73 14.32 -7.25 6.06
C LEU A 73 15.25 -7.32 7.26
N GLN A 74 14.70 -7.05 8.45
CA GLN A 74 15.49 -7.09 9.68
C GLN A 74 15.59 -8.53 10.18
N SER A 75 14.52 -9.30 9.97
CA SER A 75 14.47 -10.70 10.39
C SER A 75 15.63 -11.49 9.77
N ARG A 76 16.00 -11.14 8.53
CA ARG A 76 17.09 -11.81 7.84
C ARG A 76 18.41 -11.04 7.99
N ALA A 77 18.31 -9.71 8.10
CA ALA A 77 19.49 -8.86 8.26
C ALA A 77 20.15 -9.02 9.63
N ARG A 78 19.33 -9.33 10.64
CA ARG A 78 19.83 -9.52 12.01
C ARG A 78 20.77 -10.73 12.09
N PRO A 79 20.30 -11.93 11.68
CA PRO A 79 21.12 -13.15 11.73
C PRO A 79 22.27 -13.12 10.72
N ALA A 80 21.99 -12.67 9.50
CA ALA A 80 23.01 -12.59 8.46
C ALA A 80 23.41 -11.14 8.20
ZN ZN B . -1.31 6.49 4.64
ZN ZN C . 7.82 -7.36 5.46
N ALA A 1 7.29 -4.08 -5.75
CA ALA A 1 6.39 -3.92 -4.58
C ALA A 1 4.95 -3.68 -5.03
N ARG A 2 4.02 -4.46 -4.46
CA ARG A 2 2.61 -4.33 -4.81
C ARG A 2 2.07 -2.97 -4.38
N THR A 3 1.79 -2.11 -5.36
CA THR A 3 1.27 -0.77 -5.09
C THR A 3 -0.17 -0.65 -5.57
N LYS A 4 -1.06 -0.21 -4.67
CA LYS A 4 -2.47 -0.04 -5.00
C LYS A 4 -2.82 1.45 -5.07
N GLN A 5 -3.42 1.86 -6.18
CA GLN A 5 -3.79 3.26 -6.38
C GLN A 5 -5.30 3.45 -6.30
N THR A 6 -5.73 4.50 -5.59
CA THR A 6 -7.14 4.81 -5.43
C THR A 6 -7.37 6.32 -5.48
N ALA A 7 -8.24 6.76 -6.39
CA ALA A 7 -8.55 8.17 -6.53
C ALA A 7 -9.96 8.50 -6.02
N ARG A 8 -10.14 9.74 -5.58
CA ARG A 8 -11.43 10.19 -5.06
C ARG A 8 -12.42 10.40 -6.22
N LYS A 9 -13.59 9.77 -6.10
CA LYS A 9 -14.65 9.87 -7.13
C LYS A 9 -14.10 9.63 -8.55
N SER A 10 -14.90 9.99 -9.55
CA SER A 10 -14.50 9.82 -10.95
C SER A 10 -15.21 10.83 -11.85
N THR A 11 -16.54 10.90 -11.73
CA THR A 11 -17.37 11.82 -12.52
C THR A 11 -17.48 11.36 -13.98
N GLY A 12 -16.35 11.32 -14.68
CA GLY A 12 -16.35 10.91 -16.07
C GLY A 12 -16.24 12.08 -17.03
N GLY A 13 -15.12 12.80 -16.95
CA GLY A 13 -14.91 13.95 -17.82
C GLY A 13 -13.55 14.59 -17.62
N SER A 14 -13.15 14.79 -16.36
CA SER A 14 -11.86 15.39 -16.05
C SER A 14 -10.79 14.32 -15.82
N SER A 15 -10.73 13.35 -16.74
CA SER A 15 -9.75 12.27 -16.64
C SER A 15 -9.45 11.69 -18.03
N GLY A 16 -10.46 11.05 -18.63
CA GLY A 16 -10.28 10.45 -19.96
C GLY A 16 -9.30 9.30 -19.95
N SER A 17 -8.98 8.78 -18.77
CA SER A 17 -8.03 7.67 -18.64
C SER A 17 -8.73 6.40 -18.12
N SER A 18 -9.85 6.58 -17.41
CA SER A 18 -10.61 5.45 -16.85
C SER A 18 -9.87 4.83 -15.66
N GLN A 19 -10.64 4.43 -14.65
CA GLN A 19 -10.07 3.83 -13.44
C GLN A 19 -10.60 2.42 -13.22
N SER A 20 -9.73 1.54 -12.72
CA SER A 20 -10.11 0.15 -12.44
C SER A 20 -10.04 -0.14 -10.93
N LEU A 21 -10.66 -1.25 -10.52
CA LEU A 21 -10.66 -1.65 -9.11
C LEU A 21 -11.03 -3.12 -8.96
N ILE A 22 -10.10 -3.92 -8.40
CA ILE A 22 -10.33 -5.35 -8.19
C ILE A 22 -9.76 -5.80 -6.85
N ASP A 23 -10.00 -7.08 -6.50
CA ASP A 23 -9.52 -7.67 -5.24
C ASP A 23 -9.83 -6.77 -4.04
N GLU A 24 -9.17 -7.05 -2.91
CA GLU A 24 -9.38 -6.27 -1.68
C GLU A 24 -8.15 -5.43 -1.36
N ASP A 25 -8.37 -4.12 -1.23
CA ASP A 25 -7.28 -3.18 -0.92
C ASP A 25 -6.81 -3.33 0.52
N ALA A 26 -5.63 -2.78 0.82
CA ALA A 26 -5.07 -2.84 2.17
C ALA A 26 -5.38 -1.57 2.96
N VAL A 27 -4.89 -1.52 4.21
CA VAL A 27 -5.11 -0.36 5.07
C VAL A 27 -3.78 0.21 5.57
N CYS A 28 -3.52 1.47 5.20
CA CYS A 28 -2.28 2.13 5.61
C CYS A 28 -2.15 2.24 7.12
N SER A 29 -0.91 2.24 7.61
CA SER A 29 -0.61 2.32 9.04
C SER A 29 -0.31 3.75 9.48
N ILE A 30 0.39 4.51 8.63
CA ILE A 30 0.74 5.90 8.95
C ILE A 30 -0.50 6.78 9.02
N CYS A 31 -1.55 6.39 8.30
CA CYS A 31 -2.78 7.17 8.26
C CYS A 31 -4.00 6.27 8.13
N MET A 32 -5.14 6.72 8.66
CA MET A 32 -6.39 5.96 8.60
C MET A 32 -7.26 6.45 7.45
N ASP A 33 -6.63 6.65 6.28
CA ASP A 33 -7.32 7.14 5.08
C ASP A 33 -8.06 8.46 5.35
N GLY A 34 -7.53 9.26 6.27
CA GLY A 34 -8.16 10.53 6.59
C GLY A 34 -7.41 11.71 5.98
N GLU A 35 -6.76 11.47 4.83
CA GLU A 35 -6.02 12.52 4.15
C GLU A 35 -6.88 13.21 3.09
N SER A 36 -6.50 14.45 2.74
CA SER A 36 -7.24 15.22 1.75
C SER A 36 -6.59 15.09 0.36
N GLN A 37 -5.99 13.93 0.09
CA GLN A 37 -5.34 13.69 -1.20
C GLN A 37 -6.32 13.08 -2.20
N ASN A 38 -6.24 13.55 -3.44
CA ASN A 38 -7.13 13.04 -4.50
C ASN A 38 -6.80 11.58 -4.82
N SER A 39 -5.52 11.29 -5.05
CA SER A 39 -5.08 9.93 -5.36
C SER A 39 -3.83 9.56 -4.56
N ASN A 40 -3.82 8.35 -4.01
CA ASN A 40 -2.69 7.85 -3.21
C ASN A 40 -2.29 6.44 -3.64
N VAL A 41 -1.14 5.98 -3.16
CA VAL A 41 -0.65 4.64 -3.48
C VAL A 41 -0.18 3.90 -2.24
N ILE A 42 -0.90 2.83 -1.87
CA ILE A 42 -0.56 2.03 -0.71
C ILE A 42 0.45 0.94 -1.09
N LEU A 43 1.19 0.42 -0.10
CA LEU A 43 2.18 -0.61 -0.35
C LEU A 43 2.04 -1.75 0.65
N PHE A 44 1.93 -2.97 0.12
CA PHE A 44 1.79 -4.15 0.94
C PHE A 44 3.07 -5.00 0.90
N CYS A 45 3.54 -5.45 2.05
CA CYS A 45 4.77 -6.25 2.10
C CYS A 45 4.58 -7.59 1.38
N ASP A 46 5.68 -8.12 0.86
CA ASP A 46 5.66 -9.38 0.12
C ASP A 46 5.71 -10.60 1.06
N MET A 47 6.12 -10.39 2.31
CA MET A 47 6.19 -11.47 3.29
C MET A 47 5.51 -11.03 4.58
N CYS A 48 4.75 -9.93 4.49
CA CYS A 48 4.05 -9.38 5.64
C CYS A 48 2.78 -8.65 5.22
N ASN A 49 2.13 -8.01 6.20
CA ASN A 49 0.92 -7.25 5.95
C ASN A 49 1.17 -5.74 6.12
N LEU A 50 2.45 -5.34 6.09
CA LEU A 50 2.80 -3.94 6.26
C LEU A 50 2.23 -3.10 5.12
N ALA A 51 1.06 -2.51 5.38
CA ALA A 51 0.40 -1.68 4.38
C ALA A 51 0.60 -0.20 4.69
N VAL A 52 1.43 0.47 3.89
CA VAL A 52 1.71 1.89 4.09
C VAL A 52 1.94 2.60 2.76
N HIS A 53 1.32 3.76 2.57
CA HIS A 53 1.51 4.52 1.33
C HIS A 53 2.98 4.92 1.19
N GLN A 54 3.50 4.88 -0.03
CA GLN A 54 4.91 5.23 -0.28
C GLN A 54 5.17 6.70 0.09
N GLU A 55 4.11 7.50 0.18
CA GLU A 55 4.23 8.91 0.55
C GLU A 55 4.12 9.04 2.06
N CYS A 56 3.41 8.10 2.66
CA CYS A 56 3.21 8.04 4.09
C CYS A 56 4.46 7.56 4.79
N TYR A 57 5.12 6.56 4.19
CA TYR A 57 6.34 5.99 4.74
C TYR A 57 7.55 6.85 4.39
N GLY A 58 7.53 7.44 3.19
CA GLY A 58 8.65 8.27 2.75
C GLY A 58 9.62 7.50 1.87
N VAL A 59 9.07 6.64 1.01
CA VAL A 59 9.90 5.83 0.10
C VAL A 59 10.41 6.69 -1.06
N PRO A 60 11.74 6.73 -1.25
CA PRO A 60 12.36 7.52 -2.34
C PRO A 60 12.06 6.95 -3.72
N TYR A 61 12.11 5.63 -3.86
CA TYR A 61 11.84 4.98 -5.13
C TYR A 61 11.02 3.70 -4.94
N ILE A 62 10.24 3.34 -5.94
CA ILE A 62 9.40 2.15 -5.88
C ILE A 62 10.02 0.98 -6.66
N PRO A 63 10.61 0.01 -5.95
CA PRO A 63 11.25 -1.16 -6.59
C PRO A 63 10.29 -1.95 -7.47
N GLU A 64 10.83 -2.60 -8.50
CA GLU A 64 10.03 -3.40 -9.44
C GLU A 64 10.13 -4.89 -9.13
N GLY A 65 10.34 -5.23 -7.85
CA GLY A 65 10.44 -6.61 -7.45
C GLY A 65 9.70 -6.90 -6.16
N GLN A 66 10.39 -7.55 -5.22
CA GLN A 66 9.79 -7.89 -3.93
C GLN A 66 10.01 -6.75 -2.93
N TRP A 67 9.07 -6.61 -1.99
CA TRP A 67 9.17 -5.58 -0.97
C TRP A 67 9.21 -6.20 0.43
N LEU A 68 10.38 -6.12 1.07
CA LEU A 68 10.55 -6.66 2.41
C LEU A 68 10.78 -5.53 3.41
N CYS A 69 9.80 -5.30 4.28
CA CYS A 69 9.90 -4.25 5.30
C CYS A 69 11.10 -4.51 6.21
N ARG A 70 11.53 -3.47 6.92
CA ARG A 70 12.69 -3.57 7.81
C ARG A 70 12.61 -4.77 8.77
N HIS A 71 11.41 -5.24 9.10
CA HIS A 71 11.26 -6.37 10.02
C HIS A 71 11.65 -7.67 9.35
N CYS A 72 11.16 -7.89 8.15
CA CYS A 72 11.45 -9.11 7.42
C CYS A 72 12.80 -9.05 6.71
N LEU A 73 13.06 -7.92 6.03
CA LEU A 73 14.34 -7.75 5.33
C LEU A 73 15.50 -7.87 6.32
N GLN A 74 15.21 -7.60 7.60
CA GLN A 74 16.22 -7.70 8.64
C GLN A 74 16.38 -9.16 9.09
N SER A 75 15.26 -9.86 9.17
CA SER A 75 15.25 -11.27 9.57
C SER A 75 16.19 -12.09 8.68
N ARG A 76 16.20 -11.77 7.39
CA ARG A 76 17.06 -12.47 6.43
C ARG A 76 18.40 -11.75 6.24
N ALA A 77 18.45 -10.45 6.58
CA ALA A 77 19.67 -9.66 6.45
C ALA A 77 20.83 -10.29 7.26
N ARG A 78 20.49 -10.92 8.39
CA ARG A 78 21.49 -11.56 9.23
C ARG A 78 22.17 -12.72 8.51
N PRO A 79 21.41 -13.77 8.14
CA PRO A 79 21.97 -14.94 7.43
C PRO A 79 22.56 -14.57 6.08
N ALA A 80 23.87 -14.74 5.94
CA ALA A 80 24.57 -14.43 4.69
C ALA A 80 24.41 -12.96 4.33
ZN ZN B . -1.25 6.59 4.66
ZN ZN C . 7.91 -7.43 5.70
N ALA A 1 7.78 -3.73 -6.04
CA ALA A 1 6.84 -3.68 -4.87
C ALA A 1 5.41 -3.45 -5.32
N ARG A 2 4.49 -4.24 -4.76
CA ARG A 2 3.07 -4.13 -5.11
C ARG A 2 2.48 -2.81 -4.57
N THR A 3 1.95 -2.00 -5.48
CA THR A 3 1.35 -0.71 -5.11
C THR A 3 -0.09 -0.62 -5.63
N LYS A 4 -1.00 -0.20 -4.74
CA LYS A 4 -2.41 -0.05 -5.10
C LYS A 4 -2.78 1.44 -5.17
N GLN A 5 -3.24 1.88 -6.34
CA GLN A 5 -3.62 3.28 -6.54
C GLN A 5 -5.13 3.44 -6.64
N THR A 6 -5.67 4.43 -5.93
CA THR A 6 -7.10 4.69 -5.93
C THR A 6 -7.38 6.19 -6.07
N ALA A 7 -8.29 6.53 -6.99
CA ALA A 7 -8.67 7.93 -7.22
C ALA A 7 -10.09 8.22 -6.72
N ARG A 8 -10.27 9.39 -6.13
CA ARG A 8 -11.58 9.79 -5.60
C ARG A 8 -12.06 11.09 -6.24
N LYS A 9 -12.94 10.96 -7.23
CA LYS A 9 -13.49 12.12 -7.93
C LYS A 9 -15.02 12.17 -7.83
N SER A 10 -15.61 11.31 -6.99
CA SER A 10 -17.06 11.26 -6.82
C SER A 10 -17.46 11.30 -5.35
N THR A 11 -18.75 11.50 -5.10
CA THR A 11 -19.28 11.55 -3.74
C THR A 11 -19.10 10.21 -3.02
N GLY A 12 -19.23 9.11 -3.76
CA GLY A 12 -19.08 7.79 -3.18
C GLY A 12 -20.22 6.85 -3.58
N GLY A 13 -20.23 5.65 -3.00
CA GLY A 13 -21.26 4.68 -3.31
C GLY A 13 -20.94 3.28 -2.82
N SER A 14 -21.88 2.35 -3.05
CA SER A 14 -21.70 0.96 -2.63
C SER A 14 -21.96 0.00 -3.80
N SER A 15 -23.09 0.17 -4.47
CA SER A 15 -23.45 -0.68 -5.60
C SER A 15 -22.96 -0.06 -6.92
N GLY A 16 -22.96 -0.85 -7.99
CA GLY A 16 -22.52 -0.37 -9.28
C GLY A 16 -21.28 -1.08 -9.78
N SER A 17 -20.35 -1.36 -8.86
CA SER A 17 -19.11 -2.05 -9.20
C SER A 17 -19.05 -3.44 -8.56
N SER A 18 -18.68 -4.44 -9.35
CA SER A 18 -18.59 -5.82 -8.86
C SER A 18 -17.29 -6.06 -8.09
N GLN A 19 -17.21 -7.18 -7.39
CA GLN A 19 -16.01 -7.52 -6.61
C GLN A 19 -15.58 -8.97 -6.86
N SER A 20 -16.52 -9.92 -6.76
CA SER A 20 -16.22 -11.33 -6.99
C SER A 20 -15.13 -11.84 -6.04
N LEU A 21 -15.05 -11.23 -4.85
CA LEU A 21 -14.05 -11.62 -3.84
C LEU A 21 -12.63 -11.42 -4.38
N ILE A 22 -11.63 -11.54 -3.50
CA ILE A 22 -10.22 -11.36 -3.88
C ILE A 22 -9.92 -9.89 -4.16
N ASP A 23 -8.69 -9.46 -3.86
CA ASP A 23 -8.27 -8.07 -4.06
C ASP A 23 -9.16 -7.11 -3.28
N GLU A 24 -9.00 -7.10 -1.95
CA GLU A 24 -9.77 -6.22 -1.08
C GLU A 24 -8.92 -5.04 -0.59
N ASP A 25 -7.99 -4.61 -1.43
CA ASP A 25 -7.11 -3.48 -1.11
C ASP A 25 -6.35 -3.69 0.21
N ALA A 26 -5.60 -2.67 0.62
CA ALA A 26 -4.82 -2.73 1.86
C ALA A 26 -5.19 -1.60 2.81
N VAL A 27 -4.71 -1.68 4.05
CA VAL A 27 -5.00 -0.65 5.06
C VAL A 27 -3.72 -0.02 5.60
N CYS A 28 -3.52 1.26 5.28
CA CYS A 28 -2.34 1.99 5.72
C CYS A 28 -2.28 2.11 7.25
N SER A 29 -1.06 2.18 7.77
CA SER A 29 -0.83 2.29 9.21
C SER A 29 -0.47 3.72 9.62
N ILE A 30 0.22 4.45 8.73
CA ILE A 30 0.61 5.83 9.02
C ILE A 30 -0.60 6.76 9.07
N CYS A 31 -1.62 6.45 8.28
CA CYS A 31 -2.83 7.27 8.22
C CYS A 31 -4.09 6.40 8.20
N MET A 32 -5.24 7.03 8.48
CA MET A 32 -6.52 6.33 8.50
C MET A 32 -7.43 6.85 7.38
N ASP A 33 -6.90 6.83 6.15
CA ASP A 33 -7.63 7.31 4.97
C ASP A 33 -8.08 8.75 5.14
N GLY A 34 -7.27 9.56 5.83
CA GLY A 34 -7.60 10.96 6.03
C GLY A 34 -6.74 11.89 5.20
N GLU A 35 -6.39 11.45 3.98
CA GLU A 35 -5.57 12.25 3.08
C GLU A 35 -6.42 13.21 2.26
N SER A 36 -5.82 14.33 1.85
CA SER A 36 -6.52 15.34 1.04
C SER A 36 -6.31 15.09 -0.45
N GLN A 37 -5.23 14.40 -0.80
CA GLN A 37 -4.91 14.11 -2.20
C GLN A 37 -6.05 13.36 -2.89
N ASN A 38 -6.26 13.64 -4.18
CA ASN A 38 -7.31 12.97 -4.96
C ASN A 38 -6.94 11.52 -5.24
N SER A 39 -5.64 11.25 -5.40
CA SER A 39 -5.16 9.90 -5.67
C SER A 39 -4.01 9.53 -4.74
N ASN A 40 -4.02 8.29 -4.25
CA ASN A 40 -2.98 7.79 -3.34
C ASN A 40 -2.45 6.44 -3.82
N VAL A 41 -1.34 5.99 -3.22
CA VAL A 41 -0.73 4.70 -3.58
C VAL A 41 -0.30 3.92 -2.33
N ILE A 42 -1.07 2.88 -2.00
CA ILE A 42 -0.77 2.05 -0.85
C ILE A 42 0.17 0.90 -1.25
N LEU A 43 1.03 0.47 -0.31
CA LEU A 43 1.98 -0.60 -0.59
C LEU A 43 1.73 -1.78 0.34
N PHE A 44 2.10 -2.98 -0.12
CA PHE A 44 1.93 -4.20 0.66
C PHE A 44 3.20 -5.05 0.61
N CYS A 45 3.66 -5.52 1.77
CA CYS A 45 4.88 -6.33 1.81
C CYS A 45 4.67 -7.65 1.07
N ASP A 46 5.75 -8.16 0.46
CA ASP A 46 5.70 -9.40 -0.31
C ASP A 46 5.80 -10.64 0.60
N MET A 47 6.22 -10.46 1.85
CA MET A 47 6.31 -11.58 2.79
C MET A 47 5.62 -11.20 4.09
N CYS A 48 4.85 -10.11 4.05
CA CYS A 48 4.16 -9.60 5.23
C CYS A 48 2.86 -8.88 4.83
N ASN A 49 2.23 -8.24 5.82
CA ASN A 49 1.00 -7.49 5.60
C ASN A 49 1.25 -5.98 5.78
N LEU A 50 2.51 -5.57 5.93
CA LEU A 50 2.86 -4.16 6.11
C LEU A 50 2.26 -3.31 5.00
N ALA A 51 1.11 -2.70 5.28
CA ALA A 51 0.43 -1.85 4.30
C ALA A 51 0.61 -0.38 4.65
N VAL A 52 1.43 0.31 3.85
CA VAL A 52 1.68 1.74 4.07
C VAL A 52 1.91 2.47 2.75
N HIS A 53 1.26 3.63 2.56
CA HIS A 53 1.45 4.41 1.34
C HIS A 53 2.91 4.82 1.20
N GLN A 54 3.42 4.86 -0.03
CA GLN A 54 4.81 5.25 -0.26
C GLN A 54 5.06 6.70 0.14
N GLU A 55 3.97 7.48 0.26
CA GLU A 55 4.07 8.87 0.68
C GLU A 55 3.97 8.96 2.20
N CYS A 56 3.30 7.97 2.78
CA CYS A 56 3.10 7.87 4.21
C CYS A 56 4.35 7.34 4.90
N TYR A 57 4.97 6.32 4.29
CA TYR A 57 6.18 5.73 4.83
C TYR A 57 7.41 6.58 4.52
N GLY A 58 7.36 7.32 3.41
CA GLY A 58 8.48 8.17 3.02
C GLY A 58 9.41 7.45 2.05
N VAL A 59 8.84 6.63 1.17
CA VAL A 59 9.62 5.88 0.19
C VAL A 59 10.05 6.80 -0.97
N PRO A 60 11.37 6.97 -1.17
CA PRO A 60 11.89 7.84 -2.23
C PRO A 60 11.62 7.29 -3.64
N TYR A 61 11.85 5.99 -3.84
CA TYR A 61 11.60 5.37 -5.13
C TYR A 61 10.76 4.10 -4.98
N ILE A 62 10.04 3.73 -6.03
CA ILE A 62 9.19 2.54 -6.01
C ILE A 62 9.79 1.42 -6.86
N PRO A 63 10.54 0.50 -6.22
CA PRO A 63 11.18 -0.65 -6.91
C PRO A 63 10.19 -1.50 -7.70
N GLU A 64 10.68 -2.15 -8.75
CA GLU A 64 9.83 -3.00 -9.59
C GLU A 64 10.11 -4.49 -9.35
N GLY A 65 10.40 -4.85 -8.10
CA GLY A 65 10.68 -6.24 -7.77
C GLY A 65 9.98 -6.68 -6.49
N GLN A 66 10.75 -7.27 -5.58
CA GLN A 66 10.21 -7.73 -4.30
C GLN A 66 10.34 -6.67 -3.22
N TRP A 67 9.32 -6.56 -2.36
CA TRP A 67 9.33 -5.59 -1.28
C TRP A 67 9.36 -6.30 0.08
N LEU A 68 10.50 -6.20 0.76
CA LEU A 68 10.68 -6.82 2.07
C LEU A 68 10.92 -5.75 3.12
N CYS A 69 9.95 -5.55 4.02
CA CYS A 69 10.09 -4.55 5.07
C CYS A 69 11.27 -4.89 5.98
N ARG A 70 11.72 -3.91 6.75
CA ARG A 70 12.88 -4.08 7.65
C ARG A 70 12.79 -5.32 8.53
N HIS A 71 11.57 -5.79 8.83
CA HIS A 71 11.40 -6.96 9.68
C HIS A 71 11.75 -8.24 8.95
N CYS A 72 11.24 -8.37 7.73
CA CYS A 72 11.50 -9.56 6.94
C CYS A 72 12.84 -9.48 6.22
N LEU A 73 13.14 -8.33 5.61
CA LEU A 73 14.41 -8.16 4.92
C LEU A 73 15.57 -8.39 5.89
N GLN A 74 15.30 -8.17 7.18
CA GLN A 74 16.31 -8.39 8.21
C GLN A 74 16.42 -9.88 8.53
N SER A 75 15.27 -10.55 8.62
CA SER A 75 15.22 -11.98 8.91
C SER A 75 16.04 -12.76 7.90
N ARG A 76 15.95 -12.37 6.63
CA ARG A 76 16.69 -13.03 5.55
C ARG A 76 18.12 -12.50 5.45
N ALA A 77 18.31 -11.20 5.76
CA ALA A 77 19.64 -10.59 5.71
C ALA A 77 20.57 -11.20 6.75
N ARG A 78 20.00 -11.66 7.87
CA ARG A 78 20.79 -12.26 8.95
C ARG A 78 21.63 -13.44 8.44
N PRO A 79 20.99 -14.51 7.93
CA PRO A 79 21.69 -15.68 7.40
C PRO A 79 22.48 -15.37 6.13
N ALA A 80 23.53 -16.17 5.88
CA ALA A 80 24.37 -15.98 4.69
C ALA A 80 24.75 -17.33 4.09
ZN ZN B . -1.36 6.43 4.66
ZN ZN C . 8.01 -7.68 5.37
N ALA A 1 7.75 -4.08 -5.51
CA ALA A 1 6.73 -3.88 -4.43
C ALA A 1 5.35 -3.59 -5.01
N ARG A 2 4.37 -4.42 -4.64
CA ARG A 2 3.01 -4.27 -5.13
C ARG A 2 2.39 -2.97 -4.60
N THR A 3 1.99 -2.10 -5.53
CA THR A 3 1.37 -0.83 -5.17
C THR A 3 -0.05 -0.72 -5.74
N LYS A 4 -0.96 -0.17 -4.95
CA LYS A 4 -2.35 0.01 -5.37
C LYS A 4 -2.71 1.50 -5.43
N GLN A 5 -3.23 1.93 -6.58
CA GLN A 5 -3.61 3.33 -6.77
C GLN A 5 -5.13 3.48 -6.77
N THR A 6 -5.66 4.10 -5.74
CA THR A 6 -7.11 4.32 -5.61
C THR A 6 -7.44 5.81 -5.56
N ALA A 7 -8.45 6.22 -6.33
CA ALA A 7 -8.87 7.62 -6.37
C ALA A 7 -10.28 7.79 -5.80
N ARG A 8 -10.51 8.92 -5.13
CA ARG A 8 -11.81 9.21 -4.53
C ARG A 8 -12.28 10.62 -4.88
N LYS A 9 -13.59 10.76 -5.15
CA LYS A 9 -14.20 12.04 -5.49
C LYS A 9 -13.70 12.57 -6.83
N SER A 10 -14.53 12.44 -7.87
CA SER A 10 -14.18 12.90 -9.20
C SER A 10 -15.43 13.15 -10.06
N THR A 11 -15.43 14.26 -10.79
CA THR A 11 -16.56 14.62 -11.65
C THR A 11 -16.49 13.85 -12.97
N GLY A 12 -15.28 13.75 -13.53
CA GLY A 12 -15.08 13.03 -14.78
C GLY A 12 -14.86 11.55 -14.57
N GLY A 13 -15.82 10.74 -14.99
CA GLY A 13 -15.71 9.29 -14.83
C GLY A 13 -16.19 8.80 -13.48
N SER A 14 -16.49 7.50 -13.40
CA SER A 14 -16.96 6.89 -12.15
C SER A 14 -16.58 5.42 -12.07
N SER A 15 -16.53 4.88 -10.85
CA SER A 15 -16.18 3.48 -10.63
C SER A 15 -17.27 2.54 -11.16
N GLY A 16 -16.89 1.30 -11.46
CA GLY A 16 -17.85 0.33 -11.98
C GLY A 16 -18.23 -0.72 -10.95
N SER A 17 -19.34 -0.47 -10.24
CA SER A 17 -19.81 -1.41 -9.22
C SER A 17 -20.92 -2.30 -9.77
N SER A 18 -20.84 -3.59 -9.43
CA SER A 18 -21.84 -4.57 -9.88
C SER A 18 -21.61 -5.92 -9.20
N GLN A 19 -20.36 -6.39 -9.21
CA GLN A 19 -20.00 -7.67 -8.61
C GLN A 19 -18.98 -7.48 -7.48
N SER A 20 -18.51 -8.59 -6.91
CA SER A 20 -17.53 -8.55 -5.82
C SER A 20 -16.20 -9.15 -6.27
N LEU A 21 -15.13 -8.33 -6.21
CA LEU A 21 -13.80 -8.78 -6.61
C LEU A 21 -13.03 -9.32 -5.41
N ILE A 22 -11.94 -10.05 -5.69
CA ILE A 22 -11.11 -10.64 -4.63
C ILE A 22 -9.74 -9.94 -4.57
N ASP A 23 -9.76 -8.60 -4.55
CA ASP A 23 -8.53 -7.80 -4.49
C ASP A 23 -8.27 -7.25 -3.08
N GLU A 24 -9.34 -7.11 -2.29
CA GLU A 24 -9.27 -6.60 -0.91
C GLU A 24 -8.27 -5.46 -0.74
N ASP A 25 -8.76 -4.22 -0.89
CA ASP A 25 -7.94 -3.01 -0.74
C ASP A 25 -7.17 -3.02 0.58
N ALA A 26 -5.88 -2.64 0.50
CA ALA A 26 -5.02 -2.59 1.68
C ALA A 26 -5.38 -1.42 2.59
N VAL A 27 -4.90 -1.47 3.84
CA VAL A 27 -5.18 -0.41 4.80
C VAL A 27 -3.89 0.16 5.40
N CYS A 28 -3.60 1.42 5.09
CA CYS A 28 -2.39 2.08 5.58
C CYS A 28 -2.38 2.20 7.11
N SER A 29 -1.17 2.21 7.68
CA SER A 29 -1.01 2.31 9.14
C SER A 29 -0.60 3.73 9.57
N ILE A 30 0.14 4.44 8.70
CA ILE A 30 0.59 5.79 9.02
C ILE A 30 -0.59 6.77 9.04
N CYS A 31 -1.62 6.48 8.23
CA CYS A 31 -2.79 7.32 8.15
C CYS A 31 -4.07 6.50 8.07
N MET A 32 -5.18 7.08 8.50
CA MET A 32 -6.49 6.40 8.48
C MET A 32 -7.30 6.83 7.26
N ASP A 33 -6.63 7.05 6.13
CA ASP A 33 -7.28 7.48 4.90
C ASP A 33 -8.07 8.78 5.11
N GLY A 34 -7.63 9.59 6.07
CA GLY A 34 -8.30 10.85 6.35
C GLY A 34 -7.47 12.05 5.94
N GLU A 35 -6.73 11.90 4.84
CA GLU A 35 -5.89 12.99 4.34
C GLU A 35 -6.53 13.62 3.10
N SER A 36 -6.46 14.96 3.03
CA SER A 36 -7.05 15.69 1.90
C SER A 36 -6.27 15.41 0.61
N GLN A 37 -6.73 14.40 -0.14
CA GLN A 37 -6.08 14.03 -1.39
C GLN A 37 -7.07 13.34 -2.34
N ASN A 38 -6.71 13.28 -3.63
CA ASN A 38 -7.57 12.64 -4.64
C ASN A 38 -7.15 11.19 -4.87
N SER A 39 -5.85 10.96 -5.06
CA SER A 39 -5.32 9.62 -5.29
C SER A 39 -4.18 9.28 -4.33
N ASN A 40 -3.99 7.99 -4.06
CA ASN A 40 -2.92 7.53 -3.17
C ASN A 40 -2.36 6.18 -3.61
N VAL A 41 -1.13 5.88 -3.21
CA VAL A 41 -0.49 4.61 -3.57
C VAL A 41 -0.07 3.83 -2.33
N ILE A 42 -0.84 2.78 -2.01
CA ILE A 42 -0.54 1.94 -0.85
C ILE A 42 0.43 0.82 -1.24
N LEU A 43 1.25 0.39 -0.28
CA LEU A 43 2.23 -0.66 -0.53
C LEU A 43 2.04 -1.82 0.44
N PHE A 44 1.98 -3.03 -0.11
CA PHE A 44 1.80 -4.23 0.70
C PHE A 44 3.03 -5.12 0.63
N CYS A 45 3.47 -5.62 1.78
CA CYS A 45 4.65 -6.49 1.81
C CYS A 45 4.37 -7.79 1.06
N ASP A 46 5.42 -8.38 0.47
CA ASP A 46 5.28 -9.61 -0.30
C ASP A 46 5.27 -10.85 0.60
N MET A 47 5.69 -10.71 1.87
CA MET A 47 5.68 -11.83 2.80
C MET A 47 5.01 -11.42 4.10
N CYS A 48 4.33 -10.27 4.06
CA CYS A 48 3.66 -9.72 5.22
C CYS A 48 2.42 -8.92 4.82
N ASN A 49 1.82 -8.25 5.81
CA ASN A 49 0.64 -7.42 5.58
C ASN A 49 0.96 -5.94 5.75
N LEU A 50 2.26 -5.60 5.84
CA LEU A 50 2.69 -4.21 6.01
C LEU A 50 2.13 -3.34 4.88
N ALA A 51 0.99 -2.70 5.15
CA ALA A 51 0.34 -1.85 4.16
C ALA A 51 0.54 -0.38 4.52
N VAL A 52 1.41 0.30 3.77
CA VAL A 52 1.68 1.72 4.02
C VAL A 52 1.98 2.46 2.72
N HIS A 53 1.37 3.64 2.53
CA HIS A 53 1.62 4.44 1.33
C HIS A 53 3.10 4.81 1.24
N GLN A 54 3.65 4.83 0.02
CA GLN A 54 5.05 5.18 -0.18
C GLN A 54 5.34 6.61 0.27
N GLU A 55 4.28 7.43 0.38
CA GLU A 55 4.41 8.80 0.82
C GLU A 55 4.29 8.87 2.33
N CYS A 56 3.55 7.91 2.87
CA CYS A 56 3.31 7.81 4.29
C CYS A 56 4.53 7.24 5.00
N TYR A 57 5.17 6.25 4.36
CA TYR A 57 6.36 5.64 4.93
C TYR A 57 7.61 6.45 4.62
N GLY A 58 7.60 7.17 3.49
CA GLY A 58 8.74 7.97 3.10
C GLY A 58 9.70 7.19 2.22
N VAL A 59 9.16 6.30 1.37
CA VAL A 59 9.98 5.49 0.47
C VAL A 59 10.59 6.37 -0.62
N PRO A 60 11.93 6.38 -0.73
CA PRO A 60 12.64 7.18 -1.74
C PRO A 60 12.36 6.71 -3.16
N TYR A 61 12.36 5.40 -3.38
CA TYR A 61 12.11 4.82 -4.69
C TYR A 61 11.34 3.51 -4.58
N ILE A 62 10.46 3.25 -5.55
CA ILE A 62 9.67 2.02 -5.56
C ILE A 62 10.39 0.90 -6.32
N PRO A 63 10.66 -0.23 -5.66
CA PRO A 63 11.34 -1.38 -6.28
C PRO A 63 10.47 -2.09 -7.30
N GLU A 64 11.11 -2.63 -8.34
CA GLU A 64 10.41 -3.35 -9.41
C GLU A 64 10.51 -4.86 -9.21
N GLY A 65 10.59 -5.29 -7.94
CA GLY A 65 10.69 -6.70 -7.64
C GLY A 65 9.86 -7.09 -6.43
N GLN A 66 10.51 -7.71 -5.44
CA GLN A 66 9.83 -8.11 -4.21
C GLN A 66 10.06 -7.10 -3.09
N TRP A 67 9.05 -6.94 -2.24
CA TRP A 67 9.14 -6.01 -1.12
C TRP A 67 9.11 -6.76 0.21
N LEU A 68 10.26 -6.77 0.90
CA LEU A 68 10.38 -7.44 2.19
C LEU A 68 10.72 -6.41 3.27
N CYS A 69 9.73 -6.06 4.08
CA CYS A 69 9.94 -5.10 5.17
C CYS A 69 11.06 -5.57 6.09
N ARG A 70 11.62 -4.64 6.87
CA ARG A 70 12.73 -4.94 7.77
C ARG A 70 12.46 -6.16 8.67
N HIS A 71 11.20 -6.49 8.92
CA HIS A 71 10.88 -7.63 9.78
C HIS A 71 11.13 -8.95 9.06
N CYS A 72 10.67 -9.03 7.82
CA CYS A 72 10.83 -10.25 7.04
C CYS A 72 12.21 -10.34 6.40
N LEU A 73 12.68 -9.24 5.80
CA LEU A 73 13.99 -9.22 5.17
C LEU A 73 15.07 -9.57 6.21
N GLN A 74 14.76 -9.30 7.48
CA GLN A 74 15.67 -9.61 8.58
C GLN A 74 15.53 -11.08 8.97
N SER A 75 14.28 -11.56 8.96
CA SER A 75 13.97 -12.95 9.30
C SER A 75 14.70 -13.91 8.35
N ARG A 76 14.73 -13.56 7.06
CA ARG A 76 15.38 -14.40 6.06
C ARG A 76 16.89 -14.16 6.01
N ALA A 77 17.33 -12.99 6.48
CA ALA A 77 18.77 -12.65 6.49
C ALA A 77 19.59 -13.74 7.17
N ARG A 78 19.04 -14.35 8.21
CA ARG A 78 19.73 -15.41 8.94
C ARG A 78 19.79 -16.71 8.12
N PRO A 79 18.61 -17.30 7.79
CA PRO A 79 18.55 -18.55 7.01
C PRO A 79 18.88 -18.32 5.53
N ALA A 80 20.13 -17.98 5.25
CA ALA A 80 20.58 -17.74 3.88
C ALA A 80 22.05 -18.11 3.71
ZN ZN B . -1.21 6.50 4.63
ZN ZN C . 7.63 -8.05 5.40
N ALA A 1 8.02 -3.63 -5.76
CA ALA A 1 7.06 -3.34 -4.66
C ALA A 1 5.64 -3.18 -5.18
N ARG A 2 4.74 -4.04 -4.71
CA ARG A 2 3.34 -4.00 -5.13
C ARG A 2 2.66 -2.71 -4.67
N THR A 3 2.30 -1.86 -5.64
CA THR A 3 1.65 -0.59 -5.34
C THR A 3 0.22 -0.58 -5.88
N LYS A 4 -0.74 -0.27 -5.00
CA LYS A 4 -2.15 -0.21 -5.40
C LYS A 4 -2.63 1.24 -5.40
N GLN A 5 -3.12 1.69 -6.55
CA GLN A 5 -3.59 3.07 -6.69
C GLN A 5 -5.12 3.12 -6.79
N THR A 6 -5.72 4.09 -6.11
CA THR A 6 -7.16 4.27 -6.11
C THR A 6 -7.54 5.75 -6.17
N ALA A 7 -8.51 6.08 -7.00
CA ALA A 7 -8.98 7.46 -7.16
C ALA A 7 -10.37 7.65 -6.56
N ARG A 8 -10.58 8.78 -5.89
CA ARG A 8 -11.86 9.10 -5.27
C ARG A 8 -12.10 10.61 -5.23
N LYS A 9 -13.27 11.03 -5.72
CA LYS A 9 -13.62 12.45 -5.74
C LYS A 9 -14.07 12.93 -4.36
N SER A 10 -13.79 14.20 -4.07
CA SER A 10 -14.16 14.80 -2.78
C SER A 10 -14.51 16.28 -2.95
N THR A 11 -15.75 16.55 -3.36
CA THR A 11 -16.21 17.92 -3.57
C THR A 11 -16.29 18.69 -2.24
N GLY A 12 -15.93 19.97 -2.28
CA GLY A 12 -15.96 20.80 -1.09
C GLY A 12 -17.35 21.35 -0.80
N GLY A 13 -18.11 20.63 0.02
CA GLY A 13 -19.45 21.07 0.38
C GLY A 13 -20.35 19.93 0.83
N SER A 14 -20.28 18.80 0.12
CA SER A 14 -21.09 17.63 0.44
C SER A 14 -20.22 16.51 1.03
N SER A 15 -20.59 16.04 2.23
CA SER A 15 -19.85 14.97 2.90
C SER A 15 -20.76 13.81 3.23
N GLY A 16 -20.20 12.59 3.20
CA GLY A 16 -20.99 11.41 3.49
C GLY A 16 -20.16 10.29 4.09
N SER A 17 -20.53 9.03 3.80
CA SER A 17 -19.81 7.87 4.31
C SER A 17 -19.23 7.03 3.16
N SER A 18 -17.91 6.86 3.17
CA SER A 18 -17.23 6.09 2.13
C SER A 18 -17.07 4.63 2.56
N GLN A 19 -17.78 3.73 1.88
CA GLN A 19 -17.73 2.30 2.19
C GLN A 19 -17.76 1.47 0.91
N SER A 20 -16.97 0.40 0.88
CA SER A 20 -16.90 -0.50 -0.27
C SER A 20 -16.57 -1.93 0.14
N LEU A 21 -16.99 -2.89 -0.67
CA LEU A 21 -16.73 -4.32 -0.40
C LEU A 21 -16.45 -5.08 -1.70
N ILE A 22 -15.88 -4.41 -2.69
CA ILE A 22 -15.54 -5.03 -3.97
C ILE A 22 -14.26 -5.87 -3.88
N ASP A 23 -13.32 -5.42 -3.06
CA ASP A 23 -12.05 -6.14 -2.86
C ASP A 23 -11.23 -5.49 -1.73
N GLU A 24 -10.08 -6.10 -1.41
CA GLU A 24 -9.21 -5.58 -0.35
C GLU A 24 -7.99 -4.87 -0.93
N ASP A 25 -8.00 -3.54 -0.84
CA ASP A 25 -6.90 -2.71 -1.35
C ASP A 25 -5.87 -2.42 -0.25
N ALA A 26 -5.78 -3.30 0.75
CA ALA A 26 -4.83 -3.12 1.85
C ALA A 26 -5.22 -1.92 2.75
N VAL A 27 -4.80 -1.96 4.01
CA VAL A 27 -5.11 -0.89 4.95
C VAL A 27 -3.84 -0.22 5.47
N CYS A 28 -3.63 1.04 5.08
CA CYS A 28 -2.46 1.80 5.49
C CYS A 28 -2.35 1.90 7.01
N SER A 29 -1.11 1.97 7.50
CA SER A 29 -0.84 2.06 8.93
C SER A 29 -0.67 3.51 9.39
N ILE A 30 -0.05 4.34 8.54
CA ILE A 30 0.18 5.75 8.87
C ILE A 30 -1.14 6.52 8.89
N CYS A 31 -2.13 6.05 8.12
CA CYS A 31 -3.43 6.71 8.05
C CYS A 31 -4.56 5.70 7.81
N MET A 32 -5.79 6.13 8.08
CA MET A 32 -6.96 5.28 7.90
C MET A 32 -7.80 5.75 6.71
N ASP A 33 -7.12 5.99 5.57
CA ASP A 33 -7.79 6.46 4.36
C ASP A 33 -8.56 7.76 4.61
N GLY A 34 -8.06 8.58 5.53
CA GLY A 34 -8.72 9.85 5.85
C GLY A 34 -7.97 11.04 5.27
N GLU A 35 -7.36 10.85 4.09
CA GLU A 35 -6.61 11.91 3.42
C GLU A 35 -7.49 12.61 2.39
N SER A 36 -7.14 13.85 2.05
CA SER A 36 -7.88 14.63 1.06
C SER A 36 -7.20 14.56 -0.31
N GLN A 37 -6.60 13.41 -0.62
CA GLN A 37 -5.91 13.23 -1.89
C GLN A 37 -6.85 12.57 -2.92
N ASN A 38 -6.81 13.07 -4.15
CA ASN A 38 -7.64 12.54 -5.23
C ASN A 38 -7.21 11.12 -5.59
N SER A 39 -5.90 10.85 -5.52
CA SER A 39 -5.35 9.54 -5.83
C SER A 39 -4.18 9.19 -4.90
N ASN A 40 -4.22 7.98 -4.34
CA ASN A 40 -3.17 7.51 -3.42
C ASN A 40 -2.60 6.18 -3.88
N VAL A 41 -1.46 5.78 -3.28
CA VAL A 41 -0.80 4.53 -3.64
C VAL A 41 -0.36 3.77 -2.38
N ILE A 42 -1.02 2.64 -2.10
CA ILE A 42 -0.67 1.82 -0.94
C ILE A 42 0.41 0.81 -1.30
N LEU A 43 1.27 0.49 -0.33
CA LEU A 43 2.36 -0.45 -0.57
C LEU A 43 2.28 -1.63 0.38
N PHE A 44 2.29 -2.84 -0.17
CA PHE A 44 2.23 -4.06 0.63
C PHE A 44 3.56 -4.80 0.59
N CYS A 45 4.04 -5.27 1.74
CA CYS A 45 5.30 -5.99 1.79
C CYS A 45 5.21 -7.31 1.03
N ASP A 46 6.35 -7.75 0.47
CA ASP A 46 6.39 -8.99 -0.30
C ASP A 46 6.53 -10.24 0.59
N MET A 47 6.88 -10.05 1.86
CA MET A 47 7.00 -11.16 2.80
C MET A 47 6.24 -10.84 4.08
N CYS A 48 5.43 -9.79 4.03
CA CYS A 48 4.66 -9.35 5.18
C CYS A 48 3.35 -8.68 4.73
N ASN A 49 2.64 -8.09 5.70
CA ASN A 49 1.38 -7.40 5.43
C ASN A 49 1.53 -5.88 5.62
N LEU A 50 2.78 -5.40 5.79
CA LEU A 50 3.03 -3.98 5.98
C LEU A 50 2.43 -3.16 4.85
N ALA A 51 1.24 -2.62 5.10
CA ALA A 51 0.54 -1.82 4.10
C ALA A 51 0.62 -0.34 4.45
N VAL A 52 1.42 0.42 3.70
CA VAL A 52 1.56 1.85 3.94
C VAL A 52 1.78 2.61 2.63
N HIS A 53 1.07 3.72 2.44
CA HIS A 53 1.23 4.51 1.23
C HIS A 53 2.66 5.01 1.12
N GLN A 54 3.21 5.03 -0.10
CA GLN A 54 4.59 5.49 -0.32
C GLN A 54 4.75 6.97 0.10
N GLU A 55 3.63 7.69 0.17
CA GLU A 55 3.63 9.09 0.58
C GLU A 55 3.48 9.19 2.09
N CYS A 56 2.85 8.17 2.66
CA CYS A 56 2.62 8.07 4.08
C CYS A 56 3.90 7.66 4.81
N TYR A 57 4.62 6.72 4.21
CA TYR A 57 5.86 6.23 4.79
C TYR A 57 7.03 7.16 4.46
N GLY A 58 6.96 7.81 3.30
CA GLY A 58 8.01 8.73 2.88
C GLY A 58 9.00 8.07 1.93
N VAL A 59 8.50 7.15 1.09
CA VAL A 59 9.35 6.45 0.13
C VAL A 59 9.68 7.36 -1.04
N PRO A 60 10.97 7.78 -1.18
CA PRO A 60 11.40 8.65 -2.27
C PRO A 60 11.31 7.98 -3.63
N TYR A 61 11.73 6.72 -3.72
CA TYR A 61 11.70 5.97 -4.96
C TYR A 61 11.21 4.55 -4.72
N ILE A 62 10.32 4.06 -5.59
CA ILE A 62 9.77 2.71 -5.47
C ILE A 62 10.67 1.70 -6.17
N PRO A 63 10.99 0.57 -5.50
CA PRO A 63 11.84 -0.48 -6.07
C PRO A 63 11.14 -1.28 -7.16
N GLU A 64 11.91 -1.83 -8.09
CA GLU A 64 11.37 -2.63 -9.19
C GLU A 64 11.52 -4.13 -8.91
N GLY A 65 11.51 -4.50 -7.63
CA GLY A 65 11.64 -5.89 -7.25
C GLY A 65 10.74 -6.26 -6.09
N GLN A 66 11.33 -6.85 -5.05
CA GLN A 66 10.59 -7.26 -3.87
C GLN A 66 10.76 -6.25 -2.74
N TRP A 67 9.64 -5.82 -2.15
CA TRP A 67 9.68 -4.85 -1.06
C TRP A 67 9.74 -5.58 0.29
N LEU A 68 10.89 -5.48 0.96
CA LEU A 68 11.07 -6.11 2.26
C LEU A 68 11.22 -5.04 3.34
N CYS A 69 10.22 -4.92 4.21
CA CYS A 69 10.25 -3.95 5.29
C CYS A 69 11.43 -4.23 6.24
N ARG A 70 11.80 -3.22 7.02
CA ARG A 70 12.93 -3.33 7.95
C ARG A 70 12.92 -4.61 8.79
N HIS A 71 11.73 -5.15 9.07
CA HIS A 71 11.62 -6.36 9.89
C HIS A 71 12.08 -7.59 9.13
N CYS A 72 11.60 -7.73 7.90
CA CYS A 72 11.96 -8.87 7.08
C CYS A 72 13.31 -8.69 6.40
N LEU A 73 13.55 -7.51 5.82
CA LEU A 73 14.82 -7.23 5.17
C LEU A 73 15.97 -7.41 6.15
N GLN A 74 15.66 -7.25 7.46
CA GLN A 74 16.66 -7.42 8.50
C GLN A 74 16.83 -8.91 8.82
N SER A 75 15.73 -9.65 8.82
CA SER A 75 15.75 -11.08 9.08
C SER A 75 16.64 -11.81 8.06
N ARG A 76 16.56 -11.36 6.80
CA ARG A 76 17.35 -11.96 5.72
C ARG A 76 18.74 -11.32 5.63
N ALA A 77 18.89 -10.10 6.16
CA ALA A 77 20.18 -9.40 6.14
C ALA A 77 21.14 -9.95 7.19
N ARG A 78 20.58 -10.54 8.25
CA ARG A 78 21.39 -11.11 9.33
C ARG A 78 22.51 -12.02 8.79
N PRO A 79 22.15 -13.07 8.02
CA PRO A 79 23.13 -14.00 7.44
C PRO A 79 23.88 -13.41 6.23
N ALA A 80 24.53 -12.26 6.44
CA ALA A 80 25.26 -11.59 5.37
C ALA A 80 26.08 -10.42 5.92
ZN ZN B . -1.75 6.31 4.51
ZN ZN C . 8.39 -7.20 5.44
N ALA A 1 7.87 -3.56 -6.31
CA ALA A 1 7.13 -3.41 -5.04
C ALA A 1 5.62 -3.34 -5.27
N ARG A 2 4.89 -4.26 -4.66
CA ARG A 2 3.44 -4.32 -4.81
C ARG A 2 2.78 -3.05 -4.27
N THR A 3 2.01 -2.37 -5.15
CA THR A 3 1.34 -1.13 -4.77
C THR A 3 -0.10 -1.10 -5.31
N LYS A 4 -1.00 -0.49 -4.54
CA LYS A 4 -2.40 -0.37 -4.94
C LYS A 4 -2.81 1.11 -5.01
N GLN A 5 -3.31 1.53 -6.17
CA GLN A 5 -3.72 2.92 -6.38
C GLN A 5 -5.24 3.04 -6.46
N THR A 6 -5.79 4.02 -5.74
CA THR A 6 -7.23 4.25 -5.74
C THR A 6 -7.54 5.75 -5.68
N ALA A 7 -8.52 6.19 -6.46
CA ALA A 7 -8.91 7.59 -6.50
C ALA A 7 -10.26 7.80 -5.80
N ARG A 8 -10.49 9.03 -5.33
CA ARG A 8 -11.73 9.37 -4.64
C ARG A 8 -12.32 10.67 -5.17
N LYS A 9 -13.61 10.64 -5.51
CA LYS A 9 -14.30 11.82 -6.05
C LYS A 9 -14.46 12.90 -4.98
N SER A 10 -14.64 14.14 -5.43
CA SER A 10 -14.81 15.27 -4.51
C SER A 10 -16.26 15.41 -4.07
N THR A 11 -16.47 15.54 -2.76
CA THR A 11 -17.81 15.68 -2.17
C THR A 11 -18.66 14.44 -2.43
N GLY A 12 -19.92 14.45 -1.96
CA GLY A 12 -20.81 13.32 -2.15
C GLY A 12 -20.99 12.49 -0.90
N GLY A 13 -21.41 11.23 -1.08
CA GLY A 13 -21.61 10.34 0.06
C GLY A 13 -23.04 9.82 0.14
N SER A 14 -23.18 8.53 0.44
CA SER A 14 -24.49 7.88 0.54
C SER A 14 -25.24 7.92 -0.78
N SER A 15 -25.03 6.88 -1.60
CA SER A 15 -25.68 6.79 -2.90
C SER A 15 -26.84 5.80 -2.87
N GLY A 16 -26.52 4.52 -2.65
CA GLY A 16 -27.55 3.49 -2.60
C GLY A 16 -27.11 2.28 -1.77
N SER A 17 -26.38 1.37 -2.39
CA SER A 17 -25.89 0.17 -1.71
C SER A 17 -24.58 -0.32 -2.31
N SER A 18 -23.73 0.63 -2.73
CA SER A 18 -22.43 0.28 -3.33
C SER A 18 -21.30 1.04 -2.62
N GLN A 19 -20.63 0.35 -1.70
CA GLN A 19 -19.52 0.95 -0.96
C GLN A 19 -18.17 0.59 -1.60
N SER A 20 -18.10 -0.58 -2.23
CA SER A 20 -16.88 -1.05 -2.88
C SER A 20 -15.74 -1.20 -1.87
N LEU A 21 -16.07 -1.62 -0.65
CA LEU A 21 -15.07 -1.81 0.41
C LEU A 21 -14.27 -3.09 0.17
N ILE A 22 -14.92 -4.11 -0.41
CA ILE A 22 -14.26 -5.38 -0.68
C ILE A 22 -13.65 -5.41 -2.09
N ASP A 23 -12.32 -5.33 -2.14
CA ASP A 23 -11.59 -5.34 -3.40
C ASP A 23 -10.11 -5.72 -3.18
N GLU A 24 -9.85 -6.51 -2.13
CA GLU A 24 -8.50 -6.95 -1.79
C GLU A 24 -7.55 -5.78 -1.53
N ASP A 25 -8.12 -4.62 -1.17
CA ASP A 25 -7.30 -3.43 -0.89
C ASP A 25 -6.48 -3.60 0.39
N ALA A 26 -5.59 -2.64 0.63
CA ALA A 26 -4.74 -2.66 1.82
C ALA A 26 -5.18 -1.58 2.81
N VAL A 27 -4.54 -1.55 3.99
CA VAL A 27 -4.88 -0.56 5.01
C VAL A 27 -3.64 0.14 5.56
N CYS A 28 -3.50 1.43 5.27
CA CYS A 28 -2.34 2.20 5.71
C CYS A 28 -2.33 2.37 7.23
N SER A 29 -1.11 2.51 7.78
CA SER A 29 -0.93 2.67 9.23
C SER A 29 -0.53 4.10 9.60
N ILE A 30 0.15 4.80 8.68
CA ILE A 30 0.57 6.18 8.94
C ILE A 30 -0.63 7.13 9.00
N CYS A 31 -1.66 6.81 8.22
CA CYS A 31 -2.85 7.63 8.17
C CYS A 31 -4.12 6.79 8.24
N MET A 32 -5.17 7.36 8.85
CA MET A 32 -6.45 6.66 8.99
C MET A 32 -7.44 7.14 7.93
N ASP A 33 -6.96 7.28 6.69
CA ASP A 33 -7.78 7.73 5.57
C ASP A 33 -8.41 9.10 5.87
N GLY A 34 -7.70 9.93 6.63
CA GLY A 34 -8.20 11.25 6.96
C GLY A 34 -7.48 12.34 6.17
N GLU A 35 -7.14 12.05 4.92
CA GLU A 35 -6.45 13.00 4.06
C GLU A 35 -7.42 13.64 3.07
N SER A 36 -6.89 14.51 2.20
CA SER A 36 -7.71 15.18 1.19
C SER A 36 -7.09 15.06 -0.20
N GLN A 37 -6.49 13.91 -0.48
CA GLN A 37 -5.85 13.66 -1.77
C GLN A 37 -6.81 12.97 -2.74
N ASN A 38 -6.69 13.28 -4.03
CA ASN A 38 -7.54 12.70 -5.06
C ASN A 38 -7.13 11.25 -5.35
N SER A 39 -5.82 10.97 -5.28
CA SER A 39 -5.30 9.63 -5.53
C SER A 39 -4.21 9.26 -4.52
N ASN A 40 -4.02 7.96 -4.31
CA ASN A 40 -3.01 7.46 -3.37
C ASN A 40 -2.47 6.10 -3.80
N VAL A 41 -1.35 5.68 -3.19
CA VAL A 41 -0.73 4.39 -3.51
C VAL A 41 -0.24 3.69 -2.25
N ILE A 42 -0.94 2.62 -1.85
CA ILE A 42 -0.56 1.85 -0.67
C ILE A 42 0.46 0.77 -1.03
N LEU A 43 1.42 0.55 -0.14
CA LEU A 43 2.47 -0.45 -0.37
C LEU A 43 2.37 -1.61 0.61
N PHE A 44 2.40 -2.83 0.08
CA PHE A 44 2.32 -4.04 0.89
C PHE A 44 3.66 -4.76 0.93
N CYS A 45 4.09 -5.17 2.13
CA CYS A 45 5.37 -5.89 2.26
C CYS A 45 5.33 -7.18 1.45
N ASP A 46 6.49 -7.57 0.93
CA ASP A 46 6.59 -8.78 0.13
C ASP A 46 6.69 -10.04 1.00
N MET A 47 6.93 -9.88 2.30
CA MET A 47 7.00 -11.01 3.22
C MET A 47 6.12 -10.76 4.43
N CYS A 48 5.25 -9.74 4.31
CA CYS A 48 4.35 -9.36 5.39
C CYS A 48 3.08 -8.71 4.85
N ASN A 49 2.28 -8.15 5.76
CA ASN A 49 1.04 -7.47 5.40
C ASN A 49 1.16 -5.96 5.65
N LEU A 50 2.38 -5.50 5.97
CA LEU A 50 2.62 -4.07 6.23
C LEU A 50 2.14 -3.23 5.06
N ALA A 51 1.05 -2.49 5.26
CA ALA A 51 0.49 -1.65 4.22
C ALA A 51 0.63 -0.18 4.57
N VAL A 52 1.46 0.54 3.80
CA VAL A 52 1.67 1.96 4.04
C VAL A 52 1.90 2.70 2.72
N HIS A 53 1.23 3.84 2.53
CA HIS A 53 1.40 4.63 1.32
C HIS A 53 2.86 5.08 1.17
N GLN A 54 3.36 5.08 -0.06
CA GLN A 54 4.75 5.51 -0.33
C GLN A 54 4.95 6.99 0.03
N GLU A 55 3.84 7.72 0.13
CA GLU A 55 3.88 9.14 0.49
C GLU A 55 3.79 9.28 2.01
N CYS A 56 3.16 8.28 2.62
CA CYS A 56 2.97 8.24 4.06
C CYS A 56 4.26 7.81 4.75
N TYR A 57 4.95 6.86 4.14
CA TYR A 57 6.20 6.36 4.70
C TYR A 57 7.38 7.27 4.33
N GLY A 58 7.32 7.86 3.13
CA GLY A 58 8.38 8.74 2.67
C GLY A 58 9.32 8.06 1.69
N VAL A 59 8.77 7.15 0.89
CA VAL A 59 9.55 6.42 -0.11
C VAL A 59 9.89 7.31 -1.30
N PRO A 60 11.17 7.30 -1.75
CA PRO A 60 11.62 8.12 -2.88
C PRO A 60 10.99 7.70 -4.20
N TYR A 61 10.88 6.38 -4.42
CA TYR A 61 10.30 5.86 -5.65
C TYR A 61 9.73 4.46 -5.43
N ILE A 62 9.23 3.85 -6.50
CA ILE A 62 8.67 2.50 -6.42
C ILE A 62 9.44 1.53 -7.31
N PRO A 63 10.32 0.71 -6.71
CA PRO A 63 11.12 -0.27 -7.44
C PRO A 63 10.27 -1.39 -8.05
N GLU A 64 10.84 -2.12 -9.00
CA GLU A 64 10.13 -3.22 -9.66
C GLU A 64 10.61 -4.58 -9.13
N GLY A 65 10.85 -4.66 -7.83
CA GLY A 65 11.30 -5.90 -7.23
C GLY A 65 10.51 -6.26 -5.97
N GLN A 66 11.21 -6.77 -4.97
CA GLN A 66 10.57 -7.17 -3.71
C GLN A 66 10.65 -6.03 -2.69
N TRP A 67 9.55 -5.79 -1.98
CA TRP A 67 9.49 -4.74 -0.97
C TRP A 67 9.52 -5.31 0.45
N LEU A 68 10.36 -4.73 1.30
CA LEU A 68 10.50 -5.17 2.69
C LEU A 68 10.10 -4.04 3.66
N CYS A 69 9.49 -4.42 4.78
CA CYS A 69 9.08 -3.43 5.78
C CYS A 69 10.25 -3.05 6.69
N ARG A 70 10.05 -2.02 7.51
CA ARG A 70 11.09 -1.53 8.43
C ARG A 70 11.53 -2.61 9.42
N HIS A 71 10.65 -3.57 9.70
CA HIS A 71 10.95 -4.66 10.62
C HIS A 71 11.66 -5.76 9.85
N CYS A 72 11.30 -5.86 8.57
CA CYS A 72 11.87 -6.83 7.66
C CYS A 72 13.33 -6.53 7.40
N LEU A 73 13.60 -5.33 6.88
CA LEU A 73 14.96 -4.89 6.57
C LEU A 73 15.82 -4.89 7.84
N GLN A 74 15.23 -4.44 8.96
CA GLN A 74 15.95 -4.42 10.23
C GLN A 74 16.36 -5.83 10.65
N SER A 75 15.56 -6.81 10.26
CA SER A 75 15.84 -8.21 10.58
C SER A 75 16.94 -8.77 9.70
N ARG A 76 16.80 -8.60 8.39
CA ARG A 76 17.80 -9.09 7.43
C ARG A 76 19.11 -8.31 7.53
N ALA A 77 19.01 -7.03 7.84
CA ALA A 77 20.20 -6.17 7.98
C ALA A 77 20.94 -6.42 9.30
N ARG A 78 20.23 -7.02 10.27
CA ARG A 78 20.82 -7.32 11.58
C ARG A 78 22.16 -8.05 11.44
N PRO A 79 22.17 -9.21 10.75
CA PRO A 79 23.41 -9.99 10.55
C PRO A 79 24.43 -9.26 9.69
N ALA A 80 23.97 -8.64 8.60
CA ALA A 80 24.86 -7.90 7.70
C ALA A 80 24.76 -6.41 7.94
ZN ZN B . -1.45 6.66 4.61
ZN ZN C . 8.05 -7.38 6.11
N ALA A 1 7.21 -4.60 -5.93
CA ALA A 1 6.41 -4.33 -4.71
C ALA A 1 4.94 -4.14 -5.05
N ARG A 2 4.07 -4.86 -4.35
CA ARG A 2 2.62 -4.76 -4.58
C ARG A 2 2.10 -3.38 -4.21
N THR A 3 1.78 -2.58 -5.24
CA THR A 3 1.28 -1.23 -5.04
C THR A 3 -0.15 -1.11 -5.55
N LYS A 4 -1.07 -0.70 -4.67
CA LYS A 4 -2.47 -0.53 -5.04
C LYS A 4 -2.83 0.96 -5.08
N GLN A 5 -3.57 1.35 -6.11
CA GLN A 5 -3.96 2.75 -6.28
C GLN A 5 -5.46 2.92 -6.00
N THR A 6 -5.77 3.78 -5.04
CA THR A 6 -7.15 4.05 -4.66
C THR A 6 -7.47 5.54 -4.76
N ALA A 7 -8.50 5.86 -5.54
CA ALA A 7 -8.91 7.26 -5.73
C ALA A 7 -10.10 7.62 -4.84
N ARG A 8 -10.20 8.90 -4.50
CA ARG A 8 -11.30 9.38 -3.65
C ARG A 8 -12.63 9.40 -4.42
N LYS A 9 -12.55 9.68 -5.73
CA LYS A 9 -13.75 9.73 -6.57
C LYS A 9 -13.57 8.86 -7.81
N SER A 10 -14.63 8.76 -8.63
CA SER A 10 -14.60 7.95 -9.86
C SER A 10 -14.45 6.46 -9.54
N THR A 11 -15.17 6.01 -8.51
CA THR A 11 -15.11 4.61 -8.10
C THR A 11 -16.42 3.88 -8.42
N GLY A 12 -17.54 4.60 -8.31
CA GLY A 12 -18.83 4.01 -8.60
C GLY A 12 -19.72 3.89 -7.37
N GLY A 13 -19.72 2.72 -6.73
CA GLY A 13 -20.52 2.51 -5.55
C GLY A 13 -20.63 1.04 -5.16
N SER A 14 -20.88 0.79 -3.87
CA SER A 14 -21.01 -0.57 -3.36
C SER A 14 -22.31 -0.75 -2.58
N SER A 15 -23.36 -0.02 -2.97
CA SER A 15 -24.65 -0.11 -2.30
C SER A 15 -25.62 -0.93 -3.14
N GLY A 16 -25.52 -2.25 -3.04
CA GLY A 16 -26.38 -3.13 -3.80
C GLY A 16 -25.81 -3.50 -5.14
N SER A 17 -26.47 -4.43 -5.84
CA SER A 17 -26.02 -4.89 -7.15
C SER A 17 -24.57 -5.39 -7.11
N SER A 18 -24.17 -5.96 -5.97
CA SER A 18 -22.82 -6.49 -5.81
C SER A 18 -22.84 -7.74 -4.94
N GLN A 19 -21.88 -8.64 -5.18
CA GLN A 19 -21.78 -9.89 -4.42
C GLN A 19 -20.40 -10.02 -3.75
N SER A 20 -19.80 -8.87 -3.40
CA SER A 20 -18.49 -8.86 -2.76
C SER A 20 -17.39 -9.34 -3.70
N LEU A 21 -16.14 -9.03 -3.38
CA LEU A 21 -15.01 -9.42 -4.21
C LEU A 21 -13.69 -9.37 -3.43
N ILE A 22 -12.76 -10.26 -3.78
CA ILE A 22 -11.46 -10.32 -3.12
C ILE A 22 -10.52 -9.26 -3.70
N ASP A 23 -10.38 -8.14 -2.98
CA ASP A 23 -9.52 -7.04 -3.42
C ASP A 23 -8.32 -6.89 -2.49
N GLU A 24 -7.30 -6.16 -2.95
CA GLU A 24 -6.09 -5.92 -2.16
C GLU A 24 -5.95 -4.44 -1.79
N ASP A 25 -7.07 -3.78 -1.49
CA ASP A 25 -7.06 -2.36 -1.11
C ASP A 25 -6.12 -2.11 0.06
N ALA A 26 -6.17 -3.01 1.06
CA ALA A 26 -5.33 -2.90 2.24
C ALA A 26 -5.70 -1.68 3.09
N VAL A 27 -5.05 -1.55 4.25
CA VAL A 27 -5.31 -0.44 5.15
C VAL A 27 -4.01 0.18 5.66
N CYS A 28 -3.73 1.41 5.24
CA CYS A 28 -2.52 2.12 5.64
C CYS A 28 -2.45 2.32 7.15
N SER A 29 -1.22 2.34 7.68
CA SER A 29 -0.99 2.52 9.11
C SER A 29 -0.70 3.97 9.46
N ILE A 30 0.02 4.67 8.57
CA ILE A 30 0.36 6.07 8.80
C ILE A 30 -0.88 6.97 8.74
N CYS A 31 -1.88 6.54 7.97
CA CYS A 31 -3.12 7.30 7.81
C CYS A 31 -4.32 6.38 7.62
N MET A 32 -5.52 6.97 7.60
CA MET A 32 -6.76 6.21 7.41
C MET A 32 -7.48 6.65 6.14
N ASP A 33 -6.73 6.68 5.03
CA ASP A 33 -7.26 7.09 3.73
C ASP A 33 -7.91 8.48 3.80
N GLY A 34 -7.38 9.34 4.68
CA GLY A 34 -7.90 10.68 4.82
C GLY A 34 -6.92 11.73 4.33
N GLU A 35 -6.21 11.42 3.25
CA GLU A 35 -5.23 12.34 2.68
C GLU A 35 -5.91 13.38 1.81
N SER A 36 -5.19 14.45 1.48
CA SER A 36 -5.73 15.52 0.64
C SER A 36 -5.31 15.34 -0.82
N GLN A 37 -5.22 14.08 -1.26
CA GLN A 37 -4.85 13.76 -2.63
C GLN A 37 -6.00 13.07 -3.37
N ASN A 38 -5.97 13.10 -4.70
CA ASN A 38 -7.01 12.47 -5.51
C ASN A 38 -6.83 10.96 -5.55
N SER A 39 -5.57 10.51 -5.65
CA SER A 39 -5.26 9.08 -5.69
C SER A 39 -3.91 8.79 -5.04
N ASN A 40 -3.89 7.76 -4.18
CA ASN A 40 -2.66 7.39 -3.47
C ASN A 40 -2.23 5.97 -3.85
N VAL A 41 -1.06 5.55 -3.35
CA VAL A 41 -0.54 4.21 -3.64
C VAL A 41 -0.11 3.50 -2.34
N ILE A 42 -0.85 2.45 -1.98
CA ILE A 42 -0.54 1.68 -0.77
C ILE A 42 0.47 0.58 -1.10
N LEU A 43 1.19 0.10 -0.09
CA LEU A 43 2.19 -0.94 -0.29
C LEU A 43 2.04 -2.04 0.73
N PHE A 44 1.87 -3.26 0.24
CA PHE A 44 1.71 -4.43 1.11
C PHE A 44 2.96 -5.30 1.07
N CYS A 45 3.42 -5.75 2.24
CA CYS A 45 4.61 -6.59 2.30
C CYS A 45 4.34 -7.95 1.64
N ASP A 46 5.41 -8.59 1.16
CA ASP A 46 5.28 -9.89 0.51
C ASP A 46 5.39 -11.05 1.50
N MET A 47 5.82 -10.77 2.73
CA MET A 47 5.92 -11.80 3.75
C MET A 47 5.24 -11.30 5.04
N CYS A 48 4.50 -10.19 4.91
CA CYS A 48 3.83 -9.57 6.03
C CYS A 48 2.56 -8.85 5.59
N ASN A 49 1.94 -8.12 6.52
CA ASN A 49 0.73 -7.35 6.22
C ASN A 49 1.01 -5.85 6.27
N LEU A 50 2.29 -5.46 6.27
CA LEU A 50 2.68 -4.06 6.33
C LEU A 50 2.08 -3.28 5.15
N ALA A 51 0.92 -2.68 5.39
CA ALA A 51 0.24 -1.90 4.35
C ALA A 51 0.39 -0.41 4.63
N VAL A 52 1.28 0.26 3.89
CA VAL A 52 1.50 1.69 4.07
C VAL A 52 1.83 2.37 2.74
N HIS A 53 1.21 3.53 2.50
CA HIS A 53 1.48 4.28 1.27
C HIS A 53 2.95 4.64 1.20
N GLN A 54 3.54 4.56 0.01
CA GLN A 54 4.96 4.90 -0.18
C GLN A 54 5.21 6.38 0.12
N GLU A 55 4.15 7.19 0.12
CA GLU A 55 4.25 8.61 0.44
C GLU A 55 4.08 8.82 1.93
N CYS A 56 3.33 7.90 2.54
CA CYS A 56 3.07 7.93 3.97
C CYS A 56 4.30 7.49 4.74
N TYR A 57 4.98 6.47 4.23
CA TYR A 57 6.17 5.94 4.86
C TYR A 57 7.41 6.71 4.45
N GLY A 58 7.42 7.23 3.22
CA GLY A 58 8.57 7.98 2.72
C GLY A 58 9.57 7.08 1.99
N VAL A 59 9.06 6.19 1.15
CA VAL A 59 9.90 5.29 0.38
C VAL A 59 10.64 6.02 -0.73
N PRO A 60 11.97 5.79 -0.87
CA PRO A 60 12.78 6.46 -1.89
C PRO A 60 12.42 6.02 -3.31
N TYR A 61 12.26 4.71 -3.52
CA TYR A 61 11.91 4.18 -4.83
C TYR A 61 11.08 2.90 -4.70
N ILE A 62 10.28 2.61 -5.73
CA ILE A 62 9.44 1.42 -5.74
C ILE A 62 10.06 0.29 -6.56
N PRO A 63 10.47 -0.81 -5.90
CA PRO A 63 11.09 -1.96 -6.59
C PRO A 63 10.08 -2.74 -7.44
N GLU A 64 10.59 -3.41 -8.47
CA GLU A 64 9.74 -4.20 -9.37
C GLU A 64 9.80 -5.70 -9.02
N GLY A 65 10.05 -6.00 -7.74
CA GLY A 65 10.11 -7.38 -7.30
C GLY A 65 9.37 -7.61 -6.00
N GLN A 66 10.03 -8.23 -5.03
CA GLN A 66 9.42 -8.51 -3.74
C GLN A 66 9.72 -7.39 -2.75
N TRP A 67 8.78 -7.16 -1.83
CA TRP A 67 8.94 -6.13 -0.81
C TRP A 67 8.99 -6.74 0.59
N LEU A 68 10.16 -6.67 1.22
CA LEU A 68 10.34 -7.20 2.57
C LEU A 68 10.66 -6.07 3.54
N CYS A 69 9.68 -5.69 4.36
CA CYS A 69 9.88 -4.62 5.34
C CYS A 69 11.05 -4.94 6.26
N ARG A 70 11.61 -3.90 6.88
CA ARG A 70 12.77 -4.06 7.78
C ARG A 70 12.60 -5.17 8.80
N HIS A 71 11.37 -5.53 9.14
CA HIS A 71 11.14 -6.58 10.14
C HIS A 71 11.44 -7.95 9.56
N CYS A 72 10.94 -8.21 8.35
CA CYS A 72 11.15 -9.49 7.71
C CYS A 72 12.50 -9.55 7.01
N LEU A 73 12.86 -8.51 6.26
CA LEU A 73 14.15 -8.47 5.57
C LEU A 73 15.28 -8.63 6.58
N GLN A 74 15.02 -8.25 7.83
CA GLN A 74 16.00 -8.37 8.90
C GLN A 74 15.99 -9.80 9.45
N SER A 75 14.79 -10.38 9.55
CA SER A 75 14.63 -11.75 10.05
C SER A 75 15.42 -12.75 9.19
N ARG A 76 15.46 -12.49 7.88
CA ARG A 76 16.18 -13.36 6.95
C ARG A 76 17.64 -12.92 6.81
N ALA A 77 17.92 -11.64 7.07
CA ALA A 77 19.27 -11.09 6.98
C ALA A 77 20.16 -11.57 8.13
N ARG A 78 19.54 -11.80 9.30
CA ARG A 78 20.29 -12.25 10.48
C ARG A 78 20.95 -13.62 10.24
N PRO A 79 20.16 -14.65 9.86
CA PRO A 79 20.67 -16.00 9.61
C PRO A 79 21.80 -16.01 8.57
N ALA A 80 23.04 -15.97 9.05
CA ALA A 80 24.21 -15.97 8.17
C ALA A 80 24.64 -17.39 7.84
ZN ZN B . -1.40 6.51 4.41
ZN ZN C . 7.74 -7.68 5.93
N ALA A 1 7.68 -4.00 -5.64
CA ALA A 1 6.73 -3.75 -4.52
C ALA A 1 5.31 -3.50 -5.05
N ARG A 2 4.38 -4.37 -4.66
CA ARG A 2 2.99 -4.26 -5.09
C ARG A 2 2.37 -2.96 -4.57
N THR A 3 2.04 -2.06 -5.51
CA THR A 3 1.44 -0.78 -5.15
C THR A 3 0.00 -0.69 -5.65
N LYS A 4 -0.90 -0.25 -4.77
CA LYS A 4 -2.31 -0.10 -5.12
C LYS A 4 -2.69 1.37 -5.21
N GLN A 5 -3.34 1.75 -6.30
CA GLN A 5 -3.75 3.13 -6.51
C GLN A 5 -5.26 3.29 -6.37
N THR A 6 -5.68 4.15 -5.45
CA THR A 6 -7.10 4.39 -5.21
C THR A 6 -7.45 5.84 -5.50
N ALA A 7 -8.31 6.05 -6.50
CA ALA A 7 -8.72 7.40 -6.89
C ALA A 7 -10.16 7.70 -6.44
N ARG A 8 -10.46 8.99 -6.25
CA ARG A 8 -11.78 9.42 -5.81
C ARG A 8 -11.99 10.92 -6.10
N LYS A 9 -12.52 11.22 -7.28
CA LYS A 9 -12.76 12.62 -7.67
C LYS A 9 -13.99 13.17 -6.96
N SER A 10 -15.14 12.52 -7.15
CA SER A 10 -16.39 12.93 -6.52
C SER A 10 -17.14 11.73 -5.95
N THR A 11 -17.25 11.69 -4.62
CA THR A 11 -17.94 10.60 -3.91
C THR A 11 -17.47 9.21 -4.38
N GLY A 12 -18.24 8.18 -4.05
CA GLY A 12 -17.89 6.82 -4.45
C GLY A 12 -18.93 6.17 -5.34
N GLY A 13 -18.59 6.02 -6.63
CA GLY A 13 -19.50 5.42 -7.58
C GLY A 13 -19.15 3.97 -7.92
N SER A 14 -19.79 3.03 -7.22
CA SER A 14 -19.56 1.60 -7.46
C SER A 14 -20.17 1.16 -8.79
N SER A 15 -19.71 0.01 -9.30
CA SER A 15 -20.21 -0.51 -10.58
C SER A 15 -20.61 -1.98 -10.47
N GLY A 16 -19.67 -2.82 -10.02
CA GLY A 16 -19.92 -4.25 -9.90
C GLY A 16 -20.83 -4.59 -8.73
N SER A 17 -20.25 -5.20 -7.69
CA SER A 17 -21.00 -5.60 -6.51
C SER A 17 -20.23 -5.33 -5.22
N SER A 18 -20.96 -5.23 -4.12
CA SER A 18 -20.36 -4.97 -2.81
C SER A 18 -20.29 -6.25 -1.96
N GLN A 19 -19.33 -6.29 -1.03
CA GLN A 19 -19.13 -7.45 -0.15
C GLN A 19 -18.53 -8.63 -0.91
N SER A 20 -17.48 -9.22 -0.34
CA SER A 20 -16.80 -10.36 -0.96
C SER A 20 -16.21 -9.97 -2.32
N LEU A 21 -15.10 -9.21 -2.27
CA LEU A 21 -14.44 -8.76 -3.49
C LEU A 21 -13.11 -9.49 -3.69
N ILE A 22 -12.73 -9.69 -4.95
CA ILE A 22 -11.48 -10.37 -5.29
C ILE A 22 -10.27 -9.46 -5.03
N ASP A 23 -10.45 -8.15 -5.27
CA ASP A 23 -9.38 -7.18 -5.06
C ASP A 23 -9.47 -6.56 -3.67
N GLU A 24 -8.76 -7.16 -2.71
CA GLU A 24 -8.77 -6.67 -1.33
C GLU A 24 -7.78 -5.51 -1.15
N ASP A 25 -8.32 -4.31 -0.95
CA ASP A 25 -7.49 -3.10 -0.76
C ASP A 25 -6.81 -3.11 0.61
N ALA A 26 -5.51 -2.78 0.62
CA ALA A 26 -4.73 -2.74 1.86
C ALA A 26 -5.12 -1.53 2.71
N VAL A 27 -4.71 -1.55 3.98
CA VAL A 27 -5.00 -0.45 4.91
C VAL A 27 -3.73 0.17 5.48
N CYS A 28 -3.49 1.44 5.13
CA CYS A 28 -2.32 2.16 5.59
C CYS A 28 -2.29 2.29 7.11
N SER A 29 -1.08 2.34 7.67
CA SER A 29 -0.88 2.46 9.11
C SER A 29 -0.53 3.89 9.51
N ILE A 30 0.20 4.61 8.65
CA ILE A 30 0.60 5.98 8.94
C ILE A 30 -0.61 6.92 8.92
N CYS A 31 -1.63 6.56 8.16
CA CYS A 31 -2.84 7.38 8.05
C CYS A 31 -4.09 6.52 7.88
N MET A 32 -5.25 7.10 8.21
CA MET A 32 -6.53 6.40 8.10
C MET A 32 -7.38 7.01 6.99
N ASP A 33 -6.73 7.41 5.89
CA ASP A 33 -7.43 8.03 4.76
C ASP A 33 -8.22 9.26 5.19
N GLY A 34 -7.75 9.95 6.23
CA GLY A 34 -8.43 11.14 6.71
C GLY A 34 -8.08 12.38 5.91
N GLU A 35 -6.88 12.40 5.32
CA GLU A 35 -6.42 13.54 4.53
C GLU A 35 -7.38 13.86 3.38
N SER A 36 -7.96 12.80 2.79
CA SER A 36 -8.91 12.96 1.68
C SER A 36 -8.24 13.63 0.47
N GLN A 37 -7.61 12.81 -0.37
CA GLN A 37 -6.93 13.31 -1.57
C GLN A 37 -7.53 12.72 -2.83
N ASN A 38 -7.02 13.13 -3.99
CA ASN A 38 -7.52 12.64 -5.28
C ASN A 38 -7.17 11.16 -5.48
N SER A 39 -5.88 10.83 -5.36
CA SER A 39 -5.44 9.44 -5.55
C SER A 39 -4.12 9.18 -4.79
N ASN A 40 -4.04 8.04 -4.13
CA ASN A 40 -2.85 7.66 -3.36
C ASN A 40 -2.28 6.31 -3.82
N VAL A 41 -1.13 5.93 -3.27
CA VAL A 41 -0.49 4.66 -3.61
C VAL A 41 -0.07 3.89 -2.36
N ILE A 42 -0.82 2.83 -2.03
CA ILE A 42 -0.51 2.01 -0.87
C ILE A 42 0.48 0.91 -1.22
N LEU A 43 1.30 0.49 -0.25
CA LEU A 43 2.29 -0.55 -0.49
C LEU A 43 2.10 -1.70 0.48
N PHE A 44 2.09 -2.92 -0.06
CA PHE A 44 1.93 -4.12 0.75
C PHE A 44 3.19 -4.98 0.69
N CYS A 45 3.67 -5.44 1.86
CA CYS A 45 4.87 -6.27 1.89
C CYS A 45 4.65 -7.59 1.15
N ASP A 46 5.71 -8.11 0.55
CA ASP A 46 5.64 -9.36 -0.20
C ASP A 46 5.70 -10.60 0.70
N MET A 47 6.13 -10.42 1.96
CA MET A 47 6.19 -11.53 2.91
C MET A 47 5.52 -11.12 4.22
N CYS A 48 4.79 -10.00 4.18
CA CYS A 48 4.12 -9.48 5.34
C CYS A 48 2.84 -8.72 4.96
N ASN A 49 2.23 -8.08 5.95
CA ASN A 49 1.01 -7.30 5.76
C ASN A 49 1.27 -5.80 5.92
N LEU A 50 2.55 -5.40 5.92
CA LEU A 50 2.92 -4.00 6.08
C LEU A 50 2.29 -3.16 4.97
N ALA A 51 1.15 -2.55 5.27
CA ALA A 51 0.45 -1.72 4.30
C ALA A 51 0.64 -0.24 4.62
N VAL A 52 1.50 0.42 3.84
CA VAL A 52 1.75 1.85 4.05
C VAL A 52 2.02 2.55 2.73
N HIS A 53 1.39 3.70 2.51
CA HIS A 53 1.60 4.47 1.28
C HIS A 53 3.09 4.85 1.14
N GLN A 54 3.60 4.86 -0.08
CA GLN A 54 5.00 5.23 -0.31
C GLN A 54 5.27 6.68 0.10
N GLU A 55 4.21 7.48 0.22
CA GLU A 55 4.31 8.87 0.63
C GLU A 55 4.20 8.96 2.14
N CYS A 56 3.49 7.99 2.71
CA CYS A 56 3.29 7.90 4.15
C CYS A 56 4.53 7.35 4.83
N TYR A 57 5.17 6.38 4.18
CA TYR A 57 6.37 5.75 4.71
C TYR A 57 7.62 6.59 4.40
N GLY A 58 7.61 7.28 3.26
CA GLY A 58 8.75 8.09 2.86
C GLY A 58 9.69 7.34 1.94
N VAL A 59 9.13 6.49 1.07
CA VAL A 59 9.92 5.71 0.12
C VAL A 59 10.43 6.61 -1.01
N PRO A 60 11.77 6.74 -1.15
CA PRO A 60 12.38 7.57 -2.19
C PRO A 60 12.15 7.01 -3.60
N TYR A 61 12.30 5.69 -3.75
CA TYR A 61 12.11 5.03 -5.04
C TYR A 61 11.31 3.75 -4.89
N ILE A 62 10.41 3.50 -5.85
CA ILE A 62 9.58 2.30 -5.83
C ILE A 62 10.21 1.17 -6.64
N PRO A 63 10.49 0.01 -5.99
CA PRO A 63 11.10 -1.15 -6.65
C PRO A 63 10.13 -1.88 -7.58
N GLU A 64 10.66 -2.57 -8.59
CA GLU A 64 9.85 -3.31 -9.54
C GLU A 64 9.94 -4.82 -9.31
N GLY A 65 10.08 -5.22 -8.05
CA GLY A 65 10.18 -6.64 -7.72
C GLY A 65 9.51 -6.97 -6.40
N GLN A 66 10.27 -7.58 -5.49
CA GLN A 66 9.76 -7.96 -4.18
C GLN A 66 10.03 -6.87 -3.14
N TRP A 67 9.08 -6.66 -2.23
CA TRP A 67 9.22 -5.66 -1.18
C TRP A 67 9.28 -6.32 0.20
N LEU A 68 10.45 -6.26 0.82
CA LEU A 68 10.65 -6.84 2.15
C LEU A 68 10.91 -5.74 3.17
N CYS A 69 9.95 -5.51 4.05
CA CYS A 69 10.10 -4.48 5.09
C CYS A 69 11.29 -4.81 6.00
N ARG A 70 11.74 -3.81 6.75
CA ARG A 70 12.89 -3.97 7.63
C ARG A 70 12.80 -5.19 8.54
N HIS A 71 11.59 -5.63 8.87
CA HIS A 71 11.41 -6.78 9.75
C HIS A 71 11.77 -8.08 9.04
N CYS A 72 11.25 -8.24 7.83
CA CYS A 72 11.51 -9.44 7.06
C CYS A 72 12.85 -9.39 6.35
N LEU A 73 13.15 -8.25 5.71
CA LEU A 73 14.42 -8.10 5.01
C LEU A 73 15.59 -8.30 5.98
N GLN A 74 15.32 -8.07 7.27
CA GLN A 74 16.34 -8.25 8.31
C GLN A 74 16.42 -9.72 8.70
N SER A 75 15.27 -10.38 8.79
CA SER A 75 15.21 -11.79 9.13
C SER A 75 16.03 -12.62 8.15
N ARG A 76 15.89 -12.32 6.86
CA ARG A 76 16.63 -13.03 5.82
C ARG A 76 18.08 -12.54 5.73
N ALA A 77 18.31 -11.28 6.12
CA ALA A 77 19.65 -10.70 6.09
C ALA A 77 20.61 -11.45 7.01
N ARG A 78 20.08 -12.00 8.10
CA ARG A 78 20.89 -12.75 9.07
C ARG A 78 21.59 -13.93 8.39
N PRO A 79 20.83 -14.91 7.87
CA PRO A 79 21.41 -16.09 7.20
C PRO A 79 22.06 -15.74 5.87
N ALA A 80 23.30 -16.20 5.69
CA ALA A 80 24.03 -15.94 4.45
C ALA A 80 23.73 -16.99 3.38
ZN ZN B . -1.22 6.60 4.53
ZN ZN C . 8.01 -7.60 5.45
N ALA A 1 7.75 -3.41 -6.39
CA ALA A 1 6.92 -3.27 -5.16
C ALA A 1 5.44 -3.14 -5.52
N ARG A 2 4.59 -3.90 -4.83
CA ARG A 2 3.15 -3.87 -5.07
C ARG A 2 2.56 -2.51 -4.67
N THR A 3 2.08 -1.76 -5.66
CA THR A 3 1.50 -0.44 -5.42
C THR A 3 0.10 -0.32 -6.02
N LYS A 4 -0.89 -0.01 -5.18
CA LYS A 4 -2.27 0.14 -5.62
C LYS A 4 -2.67 1.62 -5.57
N GLN A 5 -3.06 2.17 -6.71
CA GLN A 5 -3.45 3.58 -6.78
C GLN A 5 -4.95 3.74 -6.98
N THR A 6 -5.53 4.72 -6.29
CA THR A 6 -6.97 5.00 -6.37
C THR A 6 -7.23 6.51 -6.41
N ALA A 7 -7.95 6.96 -7.44
CA ALA A 7 -8.25 8.39 -7.58
C ALA A 7 -9.76 8.65 -7.41
N ARG A 8 -10.08 9.51 -6.44
CA ARG A 8 -11.47 9.88 -6.14
C ARG A 8 -12.25 8.69 -5.59
N LYS A 9 -12.56 8.73 -4.29
CA LYS A 9 -13.30 7.66 -3.64
C LYS A 9 -14.78 7.67 -4.05
N SER A 10 -15.37 8.87 -4.10
CA SER A 10 -16.77 9.02 -4.50
C SER A 10 -17.71 8.36 -3.48
N THR A 11 -19.01 8.32 -3.82
CA THR A 11 -20.02 7.72 -2.95
C THR A 11 -21.39 7.74 -3.62
N GLY A 12 -21.77 8.89 -4.19
CA GLY A 12 -23.06 9.01 -4.86
C GLY A 12 -23.02 8.46 -6.28
N GLY A 13 -23.84 7.44 -6.55
CA GLY A 13 -23.87 6.84 -7.88
C GLY A 13 -23.87 5.32 -7.82
N SER A 14 -23.00 4.76 -6.96
CA SER A 14 -22.89 3.31 -6.80
C SER A 14 -22.28 2.63 -8.03
N SER A 15 -23.07 2.56 -9.11
CA SER A 15 -22.63 1.94 -10.37
C SER A 15 -22.01 0.55 -10.14
N GLY A 16 -22.52 -0.17 -9.15
CA GLY A 16 -22.02 -1.50 -8.86
C GLY A 16 -22.69 -2.13 -7.65
N SER A 17 -21.88 -2.60 -6.69
CA SER A 17 -22.40 -3.23 -5.48
C SER A 17 -21.97 -2.47 -4.23
N SER A 18 -20.67 -2.18 -4.13
CA SER A 18 -20.12 -1.46 -2.97
C SER A 18 -20.35 -2.24 -1.68
N GLN A 19 -20.25 -3.57 -1.75
CA GLN A 19 -20.44 -4.43 -0.59
C GLN A 19 -19.78 -5.80 -0.81
N SER A 20 -19.00 -6.24 0.19
CA SER A 20 -18.30 -7.53 0.13
C SER A 20 -17.29 -7.56 -1.02
N LEU A 21 -16.02 -7.30 -0.70
CA LEU A 21 -14.95 -7.30 -1.69
C LEU A 21 -14.38 -8.70 -1.90
N ILE A 22 -13.91 -8.95 -3.13
CA ILE A 22 -13.32 -10.24 -3.47
C ILE A 22 -11.79 -10.20 -3.39
N ASP A 23 -11.20 -9.06 -3.75
CA ASP A 23 -9.76 -8.88 -3.72
C ASP A 23 -9.27 -8.34 -2.36
N GLU A 24 -10.13 -7.55 -1.70
CA GLU A 24 -9.80 -6.98 -0.39
C GLU A 24 -8.63 -6.00 -0.48
N ASP A 25 -8.94 -4.72 -0.64
CA ASP A 25 -7.93 -3.66 -0.73
C ASP A 25 -7.08 -3.58 0.53
N ALA A 26 -5.90 -2.97 0.41
CA ALA A 26 -4.97 -2.82 1.53
C ALA A 26 -5.39 -1.67 2.46
N VAL A 27 -4.82 -1.65 3.67
CA VAL A 27 -5.14 -0.61 4.65
C VAL A 27 -3.86 0.00 5.22
N CYS A 28 -3.64 1.29 4.93
CA CYS A 28 -2.45 2.00 5.41
C CYS A 28 -2.40 2.06 6.94
N SER A 29 -1.18 2.07 7.48
CA SER A 29 -0.96 2.12 8.93
C SER A 29 -0.62 3.54 9.40
N ILE A 30 0.11 4.30 8.57
CA ILE A 30 0.50 5.66 8.92
C ILE A 30 -0.72 6.58 8.99
N CYS A 31 -1.76 6.26 8.22
CA CYS A 31 -2.97 7.08 8.19
C CYS A 31 -4.22 6.21 8.06
N MET A 32 -5.34 6.71 8.60
CA MET A 32 -6.61 5.99 8.54
C MET A 32 -7.49 6.54 7.41
N ASP A 33 -6.85 6.92 6.29
CA ASP A 33 -7.56 7.46 5.14
C ASP A 33 -8.35 8.72 5.52
N GLY A 34 -7.76 9.57 6.36
CA GLY A 34 -8.43 10.79 6.79
C GLY A 34 -8.07 11.99 5.92
N GLU A 35 -6.92 11.92 5.24
CA GLU A 35 -6.46 13.01 4.37
C GLU A 35 -7.46 13.28 3.25
N SER A 36 -7.47 14.52 2.75
CA SER A 36 -8.37 14.92 1.67
C SER A 36 -7.66 14.84 0.30
N GLN A 37 -6.76 13.86 0.15
CA GLN A 37 -6.03 13.68 -1.09
C GLN A 37 -6.93 13.06 -2.18
N ASN A 38 -6.49 13.20 -3.43
CA ASN A 38 -7.26 12.66 -4.57
C ASN A 38 -6.73 11.28 -4.98
N SER A 39 -5.43 11.20 -5.25
CA SER A 39 -4.80 9.95 -5.66
C SER A 39 -3.78 9.46 -4.63
N ASN A 40 -3.98 8.24 -4.14
CA ASN A 40 -3.09 7.65 -3.15
C ASN A 40 -2.59 6.28 -3.61
N VAL A 41 -1.33 5.96 -3.28
CA VAL A 41 -0.74 4.68 -3.65
C VAL A 41 -0.34 3.87 -2.42
N ILE A 42 -1.07 2.80 -2.15
CA ILE A 42 -0.80 1.94 -1.01
C ILE A 42 0.21 0.86 -1.39
N LEU A 43 1.11 0.52 -0.46
CA LEU A 43 2.13 -0.49 -0.71
C LEU A 43 1.97 -1.68 0.21
N PHE A 44 1.89 -2.87 -0.39
CA PHE A 44 1.73 -4.10 0.38
C PHE A 44 3.01 -4.93 0.32
N CYS A 45 3.44 -5.46 1.46
CA CYS A 45 4.67 -6.26 1.51
C CYS A 45 4.53 -7.52 0.66
N ASP A 46 5.65 -8.01 0.12
CA ASP A 46 5.66 -9.21 -0.71
C ASP A 46 5.72 -10.50 0.12
N MET A 47 6.08 -10.38 1.40
CA MET A 47 6.15 -11.54 2.29
C MET A 47 5.39 -11.25 3.58
N CYS A 48 4.60 -10.17 3.56
CA CYS A 48 3.84 -9.75 4.72
C CYS A 48 2.56 -9.02 4.31
N ASN A 49 1.88 -8.42 5.28
CA ASN A 49 0.65 -7.67 5.04
C ASN A 49 0.87 -6.17 5.28
N LEU A 50 2.14 -5.77 5.43
CA LEU A 50 2.48 -4.37 5.66
C LEU A 50 1.91 -3.48 4.56
N ALA A 51 0.89 -2.70 4.90
CA ALA A 51 0.26 -1.81 3.94
C ALA A 51 0.47 -0.35 4.32
N VAL A 52 1.31 0.36 3.57
CA VAL A 52 1.58 1.77 3.86
C VAL A 52 1.84 2.54 2.57
N HIS A 53 1.22 3.71 2.43
CA HIS A 53 1.43 4.54 1.24
C HIS A 53 2.90 4.94 1.14
N GLN A 54 3.44 4.96 -0.07
CA GLN A 54 4.86 5.35 -0.26
C GLN A 54 5.10 6.79 0.19
N GLU A 55 4.02 7.58 0.29
CA GLU A 55 4.11 8.97 0.73
C GLU A 55 3.98 9.03 2.25
N CYS A 56 3.29 8.03 2.80
CA CYS A 56 3.06 7.91 4.22
C CYS A 56 4.30 7.38 4.93
N TYR A 57 4.93 6.38 4.32
CA TYR A 57 6.14 5.78 4.87
C TYR A 57 7.38 6.60 4.55
N GLY A 58 7.34 7.32 3.42
CA GLY A 58 8.48 8.13 3.02
C GLY A 58 9.42 7.37 2.10
N VAL A 59 8.86 6.54 1.23
CA VAL A 59 9.66 5.75 0.29
C VAL A 59 10.27 6.64 -0.79
N PRO A 60 11.57 6.45 -1.09
CA PRO A 60 12.27 7.25 -2.11
C PRO A 60 11.75 7.01 -3.52
N TYR A 61 11.51 5.75 -3.87
CA TYR A 61 11.00 5.39 -5.19
C TYR A 61 10.23 4.08 -5.14
N ILE A 62 9.71 3.65 -6.29
CA ILE A 62 8.95 2.41 -6.37
C ILE A 62 9.61 1.41 -7.31
N PRO A 63 10.48 0.53 -6.76
CA PRO A 63 11.20 -0.49 -7.54
C PRO A 63 10.26 -1.45 -8.27
N GLU A 64 10.77 -2.11 -9.30
CA GLU A 64 9.97 -3.07 -10.08
C GLU A 64 10.23 -4.51 -9.62
N GLY A 65 10.54 -4.70 -8.34
CA GLY A 65 10.80 -6.03 -7.81
C GLY A 65 9.87 -6.37 -6.65
N GLN A 66 10.45 -6.62 -5.49
CA GLN A 66 9.66 -6.97 -4.30
C GLN A 66 9.93 -6.00 -3.16
N TRP A 67 8.97 -5.90 -2.23
CA TRP A 67 9.10 -5.02 -1.08
C TRP A 67 9.07 -5.81 0.23
N LEU A 68 10.18 -5.76 0.96
CA LEU A 68 10.29 -6.45 2.25
C LEU A 68 10.42 -5.44 3.39
N CYS A 69 9.33 -5.27 4.15
CA CYS A 69 9.32 -4.33 5.27
C CYS A 69 10.44 -4.67 6.27
N ARG A 70 10.74 -3.72 7.15
CA ARG A 70 11.81 -3.90 8.15
C ARG A 70 11.65 -5.17 8.99
N HIS A 71 10.44 -5.72 9.08
CA HIS A 71 10.21 -6.92 9.88
C HIS A 71 10.74 -8.15 9.17
N CYS A 72 10.47 -8.25 7.88
CA CYS A 72 10.91 -9.38 7.09
C CYS A 72 12.36 -9.22 6.63
N LEU A 73 12.68 -8.04 6.09
CA LEU A 73 14.04 -7.78 5.62
C LEU A 73 15.03 -7.96 6.78
N GLN A 74 14.55 -7.77 8.01
CA GLN A 74 15.38 -7.94 9.19
C GLN A 74 15.48 -9.43 9.55
N SER A 75 14.39 -10.17 9.35
CA SER A 75 14.34 -11.60 9.64
C SER A 75 15.41 -12.34 8.84
N ARG A 76 15.45 -12.09 7.52
CA ARG A 76 16.43 -12.73 6.64
C ARG A 76 17.82 -12.13 6.85
N ALA A 77 17.87 -10.87 7.30
CA ALA A 77 19.14 -10.19 7.54
C ALA A 77 19.88 -10.80 8.73
N ARG A 78 19.14 -11.42 9.66
CA ARG A 78 19.73 -12.04 10.85
C ARG A 78 20.83 -13.04 10.45
N PRO A 79 20.47 -14.11 9.71
CA PRO A 79 21.44 -15.12 9.27
C PRO A 79 22.44 -14.58 8.24
N ALA A 80 23.66 -15.12 8.23
CA ALA A 80 24.71 -14.70 7.30
C ALA A 80 25.07 -13.23 7.51
ZN ZN B . -1.42 6.50 4.59
ZN ZN C . 7.56 -7.63 5.21
N ALA A 1 7.34 -4.32 -5.83
CA ALA A 1 6.46 -3.99 -4.67
C ALA A 1 5.03 -3.74 -5.10
N ARG A 2 4.11 -4.61 -4.66
CA ARG A 2 2.71 -4.48 -5.00
C ARG A 2 2.11 -3.19 -4.46
N THR A 3 1.68 -2.31 -5.36
CA THR A 3 1.11 -1.02 -4.99
C THR A 3 -0.30 -0.86 -5.58
N LYS A 4 -1.21 -0.32 -4.77
CA LYS A 4 -2.59 -0.09 -5.22
C LYS A 4 -2.83 1.41 -5.38
N GLN A 5 -3.13 1.82 -6.61
CA GLN A 5 -3.39 3.24 -6.89
C GLN A 5 -4.86 3.48 -7.17
N THR A 6 -5.49 4.29 -6.31
CA THR A 6 -6.91 4.62 -6.45
C THR A 6 -7.13 6.12 -6.53
N ALA A 7 -7.72 6.58 -7.63
CA ALA A 7 -7.99 8.00 -7.83
C ALA A 7 -9.49 8.29 -7.77
N ARG A 8 -9.88 9.18 -6.86
CA ARG A 8 -11.29 9.55 -6.69
C ARG A 8 -11.70 10.60 -7.72
N LYS A 9 -13.02 10.81 -7.86
CA LYS A 9 -13.54 11.78 -8.81
C LYS A 9 -14.82 12.45 -8.29
N SER A 10 -15.10 13.65 -8.78
CA SER A 10 -16.30 14.39 -8.38
C SER A 10 -17.45 14.15 -9.35
N THR A 11 -17.16 14.28 -10.65
CA THR A 11 -18.18 14.06 -11.68
C THR A 11 -18.04 12.66 -12.30
N GLY A 12 -17.71 11.68 -11.46
CA GLY A 12 -17.55 10.32 -11.93
C GLY A 12 -16.84 9.44 -10.92
N GLY A 13 -15.80 8.73 -11.38
CA GLY A 13 -15.04 7.86 -10.50
C GLY A 13 -15.71 6.52 -10.26
N SER A 14 -15.07 5.45 -10.70
CA SER A 14 -15.60 4.10 -10.54
C SER A 14 -14.50 3.05 -10.56
N SER A 15 -13.83 2.91 -11.70
CA SER A 15 -12.74 1.94 -11.86
C SER A 15 -13.26 0.50 -11.73
N GLY A 16 -12.36 -0.46 -11.98
CA GLY A 16 -12.74 -1.86 -11.89
C GLY A 16 -12.34 -2.66 -13.12
N SER A 17 -12.44 -3.98 -13.03
CA SER A 17 -12.09 -4.86 -14.14
C SER A 17 -13.34 -5.45 -14.79
N SER A 18 -14.00 -6.35 -14.06
CA SER A 18 -15.22 -7.00 -14.54
C SER A 18 -16.01 -7.60 -13.39
N GLN A 19 -15.33 -8.40 -12.56
CA GLN A 19 -15.96 -9.04 -11.41
C GLN A 19 -15.44 -8.46 -10.08
N SER A 20 -14.13 -8.18 -10.02
CA SER A 20 -13.53 -7.62 -8.81
C SER A 20 -13.80 -8.51 -7.59
N LEU A 21 -13.88 -9.82 -7.82
CA LEU A 21 -14.14 -10.78 -6.75
C LEU A 21 -12.91 -10.94 -5.87
N ILE A 22 -13.10 -10.72 -4.55
CA ILE A 22 -12.01 -10.83 -3.57
C ILE A 22 -10.89 -9.83 -3.88
N ASP A 23 -11.01 -8.62 -3.32
CA ASP A 23 -10.02 -7.56 -3.52
C ASP A 23 -9.25 -7.26 -2.24
N GLU A 24 -7.98 -6.87 -2.39
CA GLU A 24 -7.13 -6.55 -1.25
C GLU A 24 -6.70 -5.08 -1.26
N ASP A 25 -7.65 -4.19 -0.95
CA ASP A 25 -7.37 -2.75 -0.92
C ASP A 25 -6.32 -2.40 0.12
N ALA A 26 -6.26 -3.18 1.21
CA ALA A 26 -5.29 -2.96 2.28
C ALA A 26 -5.63 -1.71 3.10
N VAL A 27 -5.07 -1.63 4.31
CA VAL A 27 -5.31 -0.50 5.20
C VAL A 27 -4.00 0.08 5.73
N CYS A 28 -3.70 1.31 5.33
CA CYS A 28 -2.46 1.99 5.75
C CYS A 28 -2.38 2.11 7.27
N SER A 29 -1.15 2.11 7.79
CA SER A 29 -0.91 2.22 9.23
C SER A 29 -0.53 3.65 9.64
N ILE A 30 0.16 4.38 8.76
CA ILE A 30 0.57 5.75 9.05
C ILE A 30 -0.64 6.69 9.10
N CYS A 31 -1.66 6.37 8.30
CA CYS A 31 -2.86 7.20 8.23
C CYS A 31 -4.13 6.34 8.19
N MET A 32 -5.25 6.93 8.61
CA MET A 32 -6.53 6.23 8.63
C MET A 32 -7.35 6.57 7.37
N ASP A 33 -6.66 6.65 6.23
CA ASP A 33 -7.29 6.98 4.96
C ASP A 33 -8.07 8.29 5.04
N GLY A 34 -7.57 9.24 5.84
CA GLY A 34 -8.22 10.52 5.98
C GLY A 34 -7.48 11.64 5.26
N GLU A 35 -6.83 11.28 4.16
CA GLU A 35 -6.06 12.24 3.37
C GLU A 35 -6.97 13.08 2.48
N SER A 36 -6.42 14.14 1.89
CA SER A 36 -7.18 15.02 1.02
C SER A 36 -6.56 15.08 -0.39
N GLN A 37 -5.97 13.96 -0.82
CA GLN A 37 -5.35 13.88 -2.15
C GLN A 37 -6.29 13.23 -3.15
N ASN A 38 -6.06 13.50 -4.44
CA ASN A 38 -6.89 12.94 -5.51
C ASN A 38 -6.58 11.46 -5.73
N SER A 39 -5.33 11.07 -5.52
CA SER A 39 -4.90 9.68 -5.70
C SER A 39 -3.98 9.23 -4.55
N ASN A 40 -3.97 7.92 -4.30
CA ASN A 40 -3.13 7.35 -3.24
C ASN A 40 -2.55 6.00 -3.66
N VAL A 41 -1.35 5.69 -3.18
CA VAL A 41 -0.69 4.43 -3.50
C VAL A 41 -0.30 3.66 -2.25
N ILE A 42 -1.07 2.62 -1.93
CA ILE A 42 -0.79 1.79 -0.75
C ILE A 42 0.18 0.68 -1.11
N LEU A 43 1.03 0.30 -0.15
CA LEU A 43 2.03 -0.75 -0.37
C LEU A 43 1.84 -1.90 0.60
N PHE A 44 1.84 -3.12 0.07
CA PHE A 44 1.67 -4.31 0.90
C PHE A 44 2.91 -5.20 0.80
N CYS A 45 3.44 -5.64 1.95
CA CYS A 45 4.63 -6.48 1.96
C CYS A 45 4.35 -7.82 1.29
N ASP A 46 5.39 -8.39 0.65
CA ASP A 46 5.26 -9.67 -0.05
C ASP A 46 5.40 -10.87 0.89
N MET A 47 5.90 -10.64 2.11
CA MET A 47 6.04 -11.70 3.10
C MET A 47 5.43 -11.27 4.42
N CYS A 48 4.68 -10.16 4.38
CA CYS A 48 4.04 -9.60 5.55
C CYS A 48 2.75 -8.87 5.18
N ASN A 49 2.17 -8.18 6.17
CA ASN A 49 0.94 -7.42 5.97
C ASN A 49 1.21 -5.91 6.05
N LEU A 50 2.50 -5.52 6.09
CA LEU A 50 2.87 -4.10 6.18
C LEU A 50 2.20 -3.29 5.09
N ALA A 51 1.05 -2.71 5.41
CA ALA A 51 0.29 -1.90 4.46
C ALA A 51 0.48 -0.41 4.75
N VAL A 52 1.33 0.25 3.98
CA VAL A 52 1.58 1.68 4.17
C VAL A 52 1.85 2.37 2.83
N HIS A 53 1.21 3.52 2.61
CA HIS A 53 1.41 4.27 1.36
C HIS A 53 2.90 4.63 1.23
N GLN A 54 3.41 4.64 -0.01
CA GLN A 54 4.81 4.98 -0.24
C GLN A 54 5.13 6.41 0.20
N GLU A 55 4.08 7.25 0.31
CA GLU A 55 4.24 8.63 0.75
C GLU A 55 4.12 8.70 2.27
N CYS A 56 3.40 7.72 2.82
CA CYS A 56 3.17 7.63 4.24
C CYS A 56 4.39 7.03 4.94
N TYR A 57 4.94 5.98 4.35
CA TYR A 57 6.11 5.31 4.92
C TYR A 57 7.40 6.08 4.63
N GLY A 58 7.41 6.84 3.52
CA GLY A 58 8.57 7.60 3.15
C GLY A 58 9.44 6.88 2.13
N VAL A 59 8.81 6.10 1.25
CA VAL A 59 9.53 5.35 0.22
C VAL A 59 9.78 6.24 -1.00
N PRO A 60 11.06 6.58 -1.24
CA PRO A 60 11.43 7.44 -2.38
C PRO A 60 11.36 6.71 -3.72
N TYR A 61 11.76 5.43 -3.73
CA TYR A 61 11.75 4.64 -4.95
C TYR A 61 10.86 3.40 -4.79
N ILE A 62 10.08 3.10 -5.82
CA ILE A 62 9.17 1.95 -5.79
C ILE A 62 9.77 0.77 -6.58
N PRO A 63 10.27 -0.27 -5.86
CA PRO A 63 10.86 -1.46 -6.48
C PRO A 63 9.88 -2.20 -7.40
N GLU A 64 10.42 -2.90 -8.40
CA GLU A 64 9.60 -3.66 -9.35
C GLU A 64 9.46 -5.13 -8.94
N GLY A 65 10.49 -5.69 -8.31
CA GLY A 65 10.44 -7.09 -7.89
C GLY A 65 9.58 -7.29 -6.65
N GLN A 66 10.17 -7.81 -5.59
CA GLN A 66 9.45 -8.08 -4.34
C GLN A 66 9.71 -6.98 -3.32
N TRP A 67 8.79 -6.82 -2.37
CA TRP A 67 8.91 -5.83 -1.32
C TRP A 67 8.99 -6.49 0.06
N LEU A 68 10.18 -6.44 0.66
CA LEU A 68 10.39 -7.03 1.99
C LEU A 68 10.71 -5.92 3.00
N CYS A 69 9.77 -5.62 3.88
CA CYS A 69 9.97 -4.59 4.89
C CYS A 69 11.19 -4.91 5.75
N ARG A 70 11.69 -3.90 6.45
CA ARG A 70 12.88 -4.03 7.29
C ARG A 70 12.80 -5.23 8.26
N HIS A 71 11.60 -5.65 8.63
CA HIS A 71 11.45 -6.77 9.57
C HIS A 71 11.76 -8.09 8.89
N CYS A 72 11.21 -8.28 7.69
CA CYS A 72 11.43 -9.51 6.96
C CYS A 72 12.75 -9.52 6.21
N LEU A 73 13.05 -8.41 5.53
CA LEU A 73 14.32 -8.31 4.79
C LEU A 73 15.50 -8.49 5.74
N GLN A 74 15.27 -8.19 7.03
CA GLN A 74 16.30 -8.36 8.04
C GLN A 74 16.37 -9.82 8.47
N SER A 75 15.20 -10.45 8.61
CA SER A 75 15.12 -11.86 8.99
C SER A 75 15.89 -12.74 8.00
N ARG A 76 15.79 -12.39 6.71
CA ARG A 76 16.48 -13.14 5.66
C ARG A 76 17.91 -12.64 5.46
N ALA A 77 18.23 -11.45 5.99
CA ALA A 77 19.56 -10.88 5.85
C ALA A 77 20.60 -11.68 6.65
N ARG A 78 20.14 -12.42 7.66
CA ARG A 78 21.03 -13.22 8.50
C ARG A 78 21.94 -14.12 7.65
N PRO A 79 21.36 -15.08 6.89
CA PRO A 79 22.12 -15.99 6.04
C PRO A 79 22.88 -15.26 4.94
N ALA A 80 22.38 -14.09 4.53
CA ALA A 80 23.02 -13.31 3.48
C ALA A 80 24.22 -12.53 4.02
ZN ZN B . -1.34 6.36 4.66
ZN ZN C . 7.91 -7.70 5.42
N ALA A 1 7.75 -3.63 -6.11
CA ALA A 1 6.90 -3.50 -4.89
C ALA A 1 5.41 -3.37 -5.27
N ARG A 2 4.59 -4.26 -4.71
CA ARG A 2 3.14 -4.24 -4.99
C ARG A 2 2.51 -2.96 -4.45
N THR A 3 1.92 -2.17 -5.35
CA THR A 3 1.27 -0.91 -4.99
C THR A 3 -0.17 -0.87 -5.50
N LYS A 4 -1.08 -0.40 -4.64
CA LYS A 4 -2.49 -0.29 -5.01
C LYS A 4 -2.89 1.17 -5.16
N GLN A 5 -3.49 1.51 -6.29
CA GLN A 5 -3.93 2.87 -6.56
C GLN A 5 -5.46 2.99 -6.50
N THR A 6 -5.94 3.89 -5.65
CA THR A 6 -7.38 4.10 -5.49
C THR A 6 -7.72 5.58 -5.68
N ALA A 7 -8.73 5.85 -6.50
CA ALA A 7 -9.16 7.22 -6.77
C ALA A 7 -10.49 7.53 -6.09
N ARG A 8 -10.42 8.22 -4.96
CA ARG A 8 -11.60 8.60 -4.18
C ARG A 8 -12.30 7.36 -3.58
N LYS A 9 -13.05 6.64 -4.41
CA LYS A 9 -13.75 5.45 -3.97
C LYS A 9 -14.15 4.58 -5.16
N SER A 10 -14.64 3.36 -4.89
CA SER A 10 -15.05 2.45 -5.95
C SER A 10 -16.40 2.87 -6.54
N THR A 11 -17.37 3.13 -5.66
CA THR A 11 -18.70 3.54 -6.11
C THR A 11 -19.30 4.61 -5.19
N GLY A 12 -19.16 4.42 -3.87
CA GLY A 12 -19.71 5.39 -2.92
C GLY A 12 -21.03 4.95 -2.35
N GLY A 13 -21.17 3.65 -2.08
CA GLY A 13 -22.40 3.12 -1.53
C GLY A 13 -22.25 1.71 -1.02
N SER A 14 -22.28 0.75 -1.95
CA SER A 14 -22.13 -0.66 -1.60
C SER A 14 -20.90 -1.25 -2.28
N SER A 15 -19.89 -1.59 -1.47
CA SER A 15 -18.65 -2.15 -1.99
C SER A 15 -18.83 -3.62 -2.37
N GLY A 16 -19.20 -3.86 -3.64
CA GLY A 16 -19.40 -5.21 -4.12
C GLY A 16 -18.22 -5.71 -4.91
N SER A 17 -17.92 -5.04 -6.02
CA SER A 17 -16.80 -5.43 -6.87
C SER A 17 -16.16 -4.21 -7.54
N SER A 18 -16.91 -3.54 -8.42
CA SER A 18 -16.43 -2.35 -9.13
C SER A 18 -15.31 -2.70 -10.11
N GLN A 19 -14.11 -2.96 -9.59
CA GLN A 19 -12.96 -3.32 -10.42
C GLN A 19 -12.35 -4.64 -9.97
N SER A 20 -12.10 -5.54 -10.94
CA SER A 20 -11.52 -6.85 -10.65
C SER A 20 -12.52 -7.75 -9.93
N LEU A 21 -12.70 -8.97 -10.44
CA LEU A 21 -13.63 -9.95 -9.85
C LEU A 21 -13.18 -10.33 -8.44
N ILE A 22 -11.89 -10.63 -8.29
CA ILE A 22 -11.32 -11.01 -7.00
C ILE A 22 -10.17 -10.07 -6.64
N ASP A 23 -10.44 -9.15 -5.71
CA ASP A 23 -9.44 -8.16 -5.28
C ASP A 23 -9.66 -7.73 -3.83
N GLU A 24 -8.59 -7.36 -3.14
CA GLU A 24 -8.68 -6.92 -1.74
C GLU A 24 -7.65 -5.83 -1.43
N ASP A 25 -8.13 -4.60 -1.20
CA ASP A 25 -7.27 -3.47 -0.89
C ASP A 25 -6.59 -3.63 0.48
N ALA A 26 -5.66 -2.72 0.78
CA ALA A 26 -4.93 -2.75 2.05
C ALA A 26 -5.30 -1.56 2.96
N VAL A 27 -4.71 -1.51 4.14
CA VAL A 27 -4.98 -0.43 5.10
C VAL A 27 -3.68 0.21 5.61
N CYS A 28 -3.46 1.47 5.25
CA CYS A 28 -2.26 2.20 5.66
C CYS A 28 -2.17 2.34 7.17
N SER A 29 -0.93 2.42 7.69
CA SER A 29 -0.68 2.56 9.12
C SER A 29 -0.30 3.99 9.51
N ILE A 30 0.36 4.72 8.59
CA ILE A 30 0.76 6.10 8.88
C ILE A 30 -0.46 7.03 8.96
N CYS A 31 -1.50 6.71 8.21
CA CYS A 31 -2.71 7.51 8.18
C CYS A 31 -3.97 6.65 8.26
N MET A 32 -5.02 7.20 8.87
CA MET A 32 -6.30 6.50 9.01
C MET A 32 -7.34 7.10 8.05
N ASP A 33 -6.96 7.21 6.77
CA ASP A 33 -7.84 7.79 5.76
C ASP A 33 -8.24 9.22 6.10
N GLY A 34 -7.32 9.96 6.74
CA GLY A 34 -7.58 11.34 7.10
C GLY A 34 -6.73 12.32 6.32
N GLU A 35 -6.44 11.99 5.06
CA GLU A 35 -5.64 12.85 4.20
C GLU A 35 -6.50 13.79 3.36
N SER A 36 -7.77 13.40 3.14
CA SER A 36 -8.70 14.21 2.35
C SER A 36 -8.24 14.30 0.89
N GLN A 37 -7.59 13.23 0.40
CA GLN A 37 -7.10 13.19 -0.97
C GLN A 37 -7.94 12.22 -1.81
N ASN A 38 -7.70 12.22 -3.12
CA ASN A 38 -8.43 11.33 -4.03
C ASN A 38 -7.54 10.19 -4.53
N SER A 39 -6.35 10.55 -5.04
CA SER A 39 -5.41 9.55 -5.56
C SER A 39 -4.37 9.19 -4.49
N ASN A 40 -4.23 7.88 -4.22
CA ASN A 40 -3.27 7.39 -3.24
C ASN A 40 -2.68 6.05 -3.68
N VAL A 41 -1.47 5.76 -3.20
CA VAL A 41 -0.79 4.51 -3.55
C VAL A 41 -0.31 3.77 -2.29
N ILE A 42 -1.03 2.71 -1.94
CA ILE A 42 -0.67 1.90 -0.77
C ILE A 42 0.35 0.83 -1.13
N LEU A 43 1.26 0.54 -0.21
CA LEU A 43 2.30 -0.46 -0.44
C LEU A 43 2.20 -1.61 0.55
N PHE A 44 2.24 -2.84 0.04
CA PHE A 44 2.15 -4.03 0.89
C PHE A 44 3.46 -4.80 0.85
N CYS A 45 3.93 -5.25 2.01
CA CYS A 45 5.18 -6.00 2.08
C CYS A 45 5.03 -7.34 1.37
N ASP A 46 6.14 -7.87 0.85
CA ASP A 46 6.13 -9.13 0.13
C ASP A 46 6.29 -10.34 1.07
N MET A 47 6.68 -10.08 2.32
CA MET A 47 6.82 -11.14 3.31
C MET A 47 6.08 -10.75 4.59
N CYS A 48 5.26 -9.70 4.49
CA CYS A 48 4.52 -9.19 5.61
C CYS A 48 3.20 -8.53 5.16
N ASN A 49 2.51 -7.91 6.11
CA ASN A 49 1.25 -7.22 5.82
C ASN A 49 1.41 -5.69 5.97
N LEU A 50 2.64 -5.23 6.21
CA LEU A 50 2.91 -3.80 6.38
C LEU A 50 2.36 -3.01 5.20
N ALA A 51 1.20 -2.39 5.39
CA ALA A 51 0.56 -1.59 4.36
C ALA A 51 0.71 -0.11 4.64
N VAL A 52 1.52 0.58 3.84
CA VAL A 52 1.75 2.01 4.03
C VAL A 52 1.95 2.72 2.68
N HIS A 53 1.29 3.86 2.48
CA HIS A 53 1.45 4.62 1.24
C HIS A 53 2.90 5.06 1.07
N GLN A 54 3.39 5.06 -0.18
CA GLN A 54 4.77 5.47 -0.45
C GLN A 54 4.97 6.96 -0.11
N GLU A 55 3.87 7.70 -0.01
CA GLU A 55 3.91 9.12 0.35
C GLU A 55 3.84 9.26 1.86
N CYS A 56 3.21 8.28 2.50
CA CYS A 56 3.05 8.24 3.93
C CYS A 56 4.34 7.82 4.60
N TYR A 57 5.02 6.85 4.00
CA TYR A 57 6.29 6.35 4.53
C TYR A 57 7.45 7.25 4.12
N GLY A 58 7.34 7.89 2.95
CA GLY A 58 8.39 8.76 2.45
C GLY A 58 9.37 8.02 1.55
N VAL A 59 8.84 7.13 0.72
CA VAL A 59 9.67 6.35 -0.20
C VAL A 59 10.16 7.23 -1.35
N PRO A 60 11.48 7.24 -1.61
CA PRO A 60 12.06 8.05 -2.69
C PRO A 60 11.60 7.60 -4.08
N TYR A 61 11.66 6.29 -4.33
CA TYR A 61 11.25 5.72 -5.61
C TYR A 61 10.69 4.32 -5.43
N ILE A 62 9.70 3.96 -6.25
CA ILE A 62 9.09 2.64 -6.17
C ILE A 62 9.87 1.62 -7.00
N PRO A 63 10.50 0.62 -6.34
CA PRO A 63 11.29 -0.41 -7.02
C PRO A 63 10.43 -1.41 -7.79
N GLU A 64 11.05 -2.14 -8.71
CA GLU A 64 10.34 -3.12 -9.52
C GLU A 64 10.69 -4.56 -9.09
N GLY A 65 10.98 -4.74 -7.81
CA GLY A 65 11.31 -6.06 -7.28
C GLY A 65 10.51 -6.41 -6.04
N GLN A 66 11.19 -6.98 -5.05
CA GLN A 66 10.53 -7.37 -3.80
C GLN A 66 10.63 -6.26 -2.76
N TRP A 67 9.63 -6.18 -1.88
CA TRP A 67 9.60 -5.17 -0.83
C TRP A 67 9.64 -5.81 0.55
N LEU A 68 10.76 -5.64 1.26
CA LEU A 68 10.92 -6.19 2.60
C LEU A 68 11.09 -5.07 3.61
N CYS A 69 10.05 -4.81 4.40
CA CYS A 69 10.10 -3.76 5.41
C CYS A 69 11.26 -4.00 6.39
N ARG A 70 11.62 -2.96 7.13
CA ARG A 70 12.72 -3.04 8.09
C ARG A 70 12.60 -4.21 9.07
N HIS A 71 11.38 -4.70 9.29
CA HIS A 71 11.17 -5.81 10.22
C HIS A 71 11.64 -7.12 9.62
N CYS A 72 11.28 -7.35 8.36
CA CYS A 72 11.67 -8.58 7.68
C CYS A 72 13.08 -8.50 7.12
N LEU A 73 13.40 -7.40 6.44
CA LEU A 73 14.74 -7.22 5.88
C LEU A 73 15.79 -7.31 6.99
N GLN A 74 15.38 -7.00 8.22
CA GLN A 74 16.27 -7.08 9.37
C GLN A 74 16.33 -8.52 9.89
N SER A 75 15.19 -9.21 9.84
CA SER A 75 15.09 -10.60 10.28
C SER A 75 16.07 -11.49 9.51
N ARG A 76 16.31 -11.15 8.25
CA ARG A 76 17.22 -11.92 7.39
C ARG A 76 18.66 -11.43 7.57
N ALA A 77 18.83 -10.12 7.79
CA ALA A 77 20.16 -9.53 7.98
C ALA A 77 20.80 -10.02 9.28
N ARG A 78 19.98 -10.28 10.30
CA ARG A 78 20.48 -10.76 11.59
C ARG A 78 21.30 -12.05 11.44
N PRO A 79 20.67 -13.14 10.93
CA PRO A 79 21.36 -14.41 10.74
C PRO A 79 22.31 -14.40 9.54
N ALA A 80 23.36 -13.58 9.65
CA ALA A 80 24.34 -13.47 8.58
C ALA A 80 25.56 -14.34 8.85
ZN ZN B . -1.35 6.64 4.56
ZN ZN C . 8.25 -7.00 5.77
N ALA A 1 7.44 -4.30 -5.55
CA ALA A 1 6.48 -4.15 -4.42
C ALA A 1 5.06 -3.93 -4.93
N ARG A 2 4.11 -4.65 -4.33
CA ARG A 2 2.71 -4.52 -4.74
C ARG A 2 2.15 -3.16 -4.33
N THR A 3 1.85 -2.33 -5.34
CA THR A 3 1.31 -0.99 -5.09
C THR A 3 -0.10 -0.87 -5.64
N LYS A 4 -1.04 -0.50 -4.77
CA LYS A 4 -2.43 -0.34 -5.17
C LYS A 4 -2.81 1.15 -5.17
N GLN A 5 -3.38 1.60 -6.29
CA GLN A 5 -3.80 3.00 -6.42
C GLN A 5 -5.31 3.13 -6.39
N THR A 6 -5.81 3.88 -5.42
CA THR A 6 -7.25 4.09 -5.27
C THR A 6 -7.60 5.58 -5.41
N ALA A 7 -8.41 5.91 -6.40
CA ALA A 7 -8.81 7.29 -6.65
C ALA A 7 -10.20 7.57 -6.10
N ARG A 8 -10.51 8.85 -5.90
CA ARG A 8 -11.81 9.26 -5.38
C ARG A 8 -12.36 10.45 -6.16
N LYS A 9 -13.38 10.19 -6.98
CA LYS A 9 -14.01 11.23 -7.80
C LYS A 9 -15.51 10.99 -7.93
N SER A 10 -15.87 9.88 -8.60
CA SER A 10 -17.28 9.54 -8.80
C SER A 10 -17.48 8.02 -8.77
N THR A 11 -17.52 7.45 -7.57
CA THR A 11 -17.71 6.02 -7.40
C THR A 11 -19.20 5.66 -7.34
N GLY A 12 -20.01 6.56 -6.76
CA GLY A 12 -21.44 6.31 -6.64
C GLY A 12 -22.09 7.16 -5.57
N GLY A 13 -22.71 8.27 -6.00
CA GLY A 13 -23.37 9.16 -5.05
C GLY A 13 -24.85 8.86 -4.92
N SER A 14 -25.21 7.58 -5.06
CA SER A 14 -26.61 7.15 -4.94
C SER A 14 -26.69 5.70 -4.49
N SER A 15 -25.95 4.81 -5.16
CA SER A 15 -25.94 3.40 -4.81
C SER A 15 -24.56 2.96 -4.32
N GLY A 16 -23.56 3.04 -5.21
CA GLY A 16 -22.20 2.65 -4.85
C GLY A 16 -21.73 1.41 -5.59
N SER A 17 -20.42 1.28 -5.75
CA SER A 17 -19.84 0.13 -6.46
C SER A 17 -19.56 -1.02 -5.49
N SER A 18 -20.60 -1.78 -5.16
CA SER A 18 -20.47 -2.91 -4.25
C SER A 18 -20.37 -4.22 -5.01
N GLN A 19 -19.15 -4.51 -5.52
CA GLN A 19 -18.92 -5.74 -6.28
C GLN A 19 -18.52 -6.90 -5.36
N SER A 20 -18.35 -8.09 -5.93
CA SER A 20 -17.98 -9.27 -5.17
C SER A 20 -16.50 -9.23 -4.78
N LEU A 21 -15.62 -9.36 -5.77
CA LEU A 21 -14.17 -9.34 -5.53
C LEU A 21 -13.41 -8.99 -6.81
N ILE A 22 -12.93 -7.75 -6.88
CA ILE A 22 -12.18 -7.28 -8.05
C ILE A 22 -10.69 -7.12 -7.74
N ASP A 23 -10.38 -6.69 -6.51
CA ASP A 23 -8.99 -6.49 -6.09
C ASP A 23 -8.87 -6.57 -4.56
N GLU A 24 -7.65 -6.78 -4.07
CA GLU A 24 -7.40 -6.87 -2.64
C GLU A 24 -6.96 -5.54 -2.06
N ASP A 25 -7.91 -4.81 -1.46
CA ASP A 25 -7.61 -3.51 -0.85
C ASP A 25 -6.81 -3.66 0.44
N ALA A 26 -6.22 -2.55 0.90
CA ALA A 26 -5.42 -2.54 2.12
C ALA A 26 -5.73 -1.31 2.98
N VAL A 27 -5.04 -1.20 4.12
CA VAL A 27 -5.22 -0.07 5.03
C VAL A 27 -3.88 0.47 5.53
N CYS A 28 -3.58 1.72 5.17
CA CYS A 28 -2.32 2.35 5.58
C CYS A 28 -2.24 2.51 7.11
N SER A 29 -1.01 2.47 7.62
CA SER A 29 -0.76 2.60 9.06
C SER A 29 -0.35 4.02 9.45
N ILE A 30 0.41 4.70 8.57
CA ILE A 30 0.86 6.06 8.84
C ILE A 30 -0.32 7.04 8.85
N CYS A 31 -1.38 6.69 8.12
CA CYS A 31 -2.55 7.54 8.03
C CYS A 31 -3.83 6.73 7.87
N MET A 32 -4.95 7.25 8.41
CA MET A 32 -6.24 6.57 8.33
C MET A 32 -7.09 7.15 7.20
N ASP A 33 -6.43 7.57 6.12
CA ASP A 33 -7.12 8.16 4.96
C ASP A 33 -7.96 9.36 5.37
N GLY A 34 -7.50 10.09 6.39
CA GLY A 34 -8.22 11.27 6.86
C GLY A 34 -8.19 12.40 5.84
N GLU A 35 -7.09 12.48 5.08
CA GLU A 35 -6.94 13.51 4.07
C GLU A 35 -7.68 13.13 2.78
N SER A 36 -8.55 14.01 2.32
CA SER A 36 -9.32 13.76 1.10
C SER A 36 -8.46 13.99 -0.13
N GLN A 37 -7.75 12.95 -0.55
CA GLN A 37 -6.88 13.02 -1.72
C GLN A 37 -7.56 12.44 -2.96
N ASN A 38 -7.09 12.86 -4.14
CA ASN A 38 -7.65 12.39 -5.40
C ASN A 38 -7.20 10.95 -5.69
N SER A 39 -5.98 10.61 -5.25
CA SER A 39 -5.43 9.27 -5.47
C SER A 39 -4.28 8.98 -4.50
N ASN A 40 -4.14 7.72 -4.12
CA ASN A 40 -3.08 7.30 -3.19
C ASN A 40 -2.58 5.89 -3.53
N VAL A 41 -1.27 5.67 -3.33
CA VAL A 41 -0.68 4.37 -3.62
C VAL A 41 -0.20 3.67 -2.34
N ILE A 42 -0.93 2.63 -1.93
CA ILE A 42 -0.58 1.87 -0.74
C ILE A 42 0.41 0.76 -1.10
N LEU A 43 1.17 0.27 -0.11
CA LEU A 43 2.14 -0.78 -0.34
C LEU A 43 1.99 -1.91 0.66
N PHE A 44 1.83 -3.12 0.15
CA PHE A 44 1.67 -4.30 1.00
C PHE A 44 2.91 -5.18 0.95
N CYS A 45 3.38 -5.62 2.11
CA CYS A 45 4.58 -6.47 2.15
C CYS A 45 4.31 -7.83 1.51
N ASP A 46 5.37 -8.43 0.95
CA ASP A 46 5.27 -9.73 0.29
C ASP A 46 5.34 -10.89 1.27
N MET A 47 5.79 -10.63 2.50
CA MET A 47 5.87 -11.66 3.52
C MET A 47 5.23 -11.16 4.82
N CYS A 48 4.50 -10.04 4.71
CA CYS A 48 3.85 -9.43 5.85
C CYS A 48 2.57 -8.70 5.43
N ASN A 49 1.95 -8.01 6.38
CA ASN A 49 0.74 -7.25 6.13
C ASN A 49 1.02 -5.74 6.26
N LEU A 50 2.30 -5.35 6.16
CA LEU A 50 2.68 -3.95 6.27
C LEU A 50 2.11 -3.15 5.11
N ALA A 51 0.94 -2.55 5.34
CA ALA A 51 0.27 -1.74 4.32
C ALA A 51 0.49 -0.25 4.60
N VAL A 52 1.35 0.38 3.81
CA VAL A 52 1.64 1.81 3.99
C VAL A 52 1.93 2.49 2.66
N HIS A 53 1.37 3.68 2.44
CA HIS A 53 1.62 4.42 1.20
C HIS A 53 3.11 4.70 1.06
N GLN A 54 3.63 4.63 -0.17
CA GLN A 54 5.05 4.90 -0.42
C GLN A 54 5.43 6.33 -0.04
N GLU A 55 4.43 7.21 0.05
CA GLU A 55 4.65 8.60 0.43
C GLU A 55 4.56 8.73 1.95
N CYS A 56 3.79 7.83 2.55
CA CYS A 56 3.58 7.78 3.97
C CYS A 56 4.79 7.18 4.67
N TYR A 57 5.38 6.16 4.04
CA TYR A 57 6.54 5.49 4.60
C TYR A 57 7.82 6.23 4.24
N GLY A 58 7.88 6.80 3.04
CA GLY A 58 9.05 7.54 2.60
C GLY A 58 9.97 6.68 1.75
N VAL A 59 9.39 5.96 0.79
CA VAL A 59 10.15 5.10 -0.10
C VAL A 59 10.79 5.92 -1.23
N PRO A 60 12.10 5.73 -1.47
CA PRO A 60 12.81 6.46 -2.53
C PRO A 60 12.38 6.04 -3.94
N TYR A 61 12.27 4.72 -4.15
CA TYR A 61 11.87 4.18 -5.45
C TYR A 61 11.09 2.88 -5.26
N ILE A 62 10.06 2.69 -6.08
CA ILE A 62 9.24 1.48 -6.01
C ILE A 62 9.87 0.34 -6.80
N PRO A 63 10.30 -0.73 -6.10
CA PRO A 63 10.93 -1.91 -6.73
C PRO A 63 9.98 -2.65 -7.68
N GLU A 64 10.55 -3.46 -8.56
CA GLU A 64 9.77 -4.23 -9.52
C GLU A 64 9.79 -5.73 -9.19
N GLY A 65 9.84 -6.04 -7.89
CA GLY A 65 9.86 -7.44 -7.47
C GLY A 65 9.17 -7.64 -6.13
N GLN A 66 9.85 -8.32 -5.21
CA GLN A 66 9.30 -8.59 -3.89
C GLN A 66 9.62 -7.44 -2.93
N TRP A 67 8.71 -7.21 -1.98
CA TRP A 67 8.90 -6.15 -0.98
C TRP A 67 8.96 -6.73 0.43
N LEU A 68 10.14 -6.65 1.04
CA LEU A 68 10.34 -7.15 2.40
C LEU A 68 10.65 -5.99 3.34
N CYS A 69 9.67 -5.61 4.16
CA CYS A 69 9.85 -4.52 5.11
C CYS A 69 11.05 -4.78 6.02
N ARG A 70 11.55 -3.73 6.65
CA ARG A 70 12.71 -3.83 7.54
C ARG A 70 12.56 -4.93 8.59
N HIS A 71 11.33 -5.30 8.93
CA HIS A 71 11.09 -6.32 9.95
C HIS A 71 11.40 -7.71 9.41
N CYS A 72 10.94 -7.99 8.20
CA CYS A 72 11.16 -9.30 7.60
C CYS A 72 12.52 -9.39 6.94
N LEU A 73 12.91 -8.37 6.17
CA LEU A 73 14.22 -8.37 5.52
C LEU A 73 15.32 -8.48 6.56
N GLN A 74 15.01 -8.06 7.79
CA GLN A 74 15.97 -8.13 8.89
C GLN A 74 15.93 -9.53 9.52
N SER A 75 14.73 -10.12 9.57
CA SER A 75 14.54 -11.46 10.14
C SER A 75 15.48 -12.47 9.48
N ARG A 76 15.66 -12.34 8.16
CA ARG A 76 16.54 -13.23 7.40
C ARG A 76 17.99 -12.76 7.47
N ALA A 77 18.19 -11.44 7.55
CA ALA A 77 19.53 -10.86 7.61
C ALA A 77 20.28 -11.35 8.85
N ARG A 78 19.55 -11.62 9.93
CA ARG A 78 20.16 -12.09 11.18
C ARG A 78 20.83 -13.46 10.98
N PRO A 79 20.06 -14.50 10.60
CA PRO A 79 20.60 -15.85 10.38
C PRO A 79 21.51 -15.92 9.15
N ALA A 80 22.06 -17.12 8.89
CA ALA A 80 22.94 -17.35 7.74
C ALA A 80 24.22 -16.52 7.86
ZN ZN B . -1.00 6.72 4.49
ZN ZN C . 7.76 -7.58 5.73
N ALA A 1 6.86 -4.53 -6.28
CA ALA A 1 6.11 -4.30 -5.02
C ALA A 1 4.63 -4.03 -5.29
N ARG A 2 3.75 -4.71 -4.55
CA ARG A 2 2.31 -4.55 -4.72
C ARG A 2 1.89 -3.12 -4.37
N THR A 3 1.39 -2.39 -5.37
CA THR A 3 0.95 -1.02 -5.17
C THR A 3 -0.48 -0.82 -5.66
N LYS A 4 -1.35 -0.33 -4.77
CA LYS A 4 -2.76 -0.10 -5.12
C LYS A 4 -3.03 1.40 -5.20
N GLN A 5 -3.61 1.84 -6.32
CA GLN A 5 -3.91 3.26 -6.52
C GLN A 5 -5.40 3.54 -6.44
N THR A 6 -5.76 4.61 -5.72
CA THR A 6 -7.16 5.00 -5.56
C THR A 6 -7.28 6.53 -5.52
N ALA A 7 -8.20 7.06 -6.33
CA ALA A 7 -8.42 8.51 -6.38
C ALA A 7 -9.75 8.89 -5.72
N ARG A 8 -9.76 10.04 -5.06
CA ARG A 8 -10.96 10.53 -4.37
C ARG A 8 -11.70 11.57 -5.24
N LYS A 9 -11.70 11.35 -6.55
CA LYS A 9 -12.38 12.25 -7.49
C LYS A 9 -13.85 11.85 -7.65
N SER A 10 -14.09 10.76 -8.40
CA SER A 10 -15.45 10.28 -8.64
C SER A 10 -15.42 9.00 -9.50
N THR A 11 -14.79 9.10 -10.67
CA THR A 11 -14.71 7.96 -11.60
C THR A 11 -13.70 6.92 -11.10
N GLY A 12 -13.66 5.78 -11.80
CA GLY A 12 -12.75 4.71 -11.43
C GLY A 12 -11.79 4.33 -12.55
N GLY A 13 -11.36 5.33 -13.33
CA GLY A 13 -10.43 5.07 -14.42
C GLY A 13 -11.13 4.91 -15.75
N SER A 14 -11.00 3.74 -16.37
CA SER A 14 -11.62 3.46 -17.66
C SER A 14 -12.19 2.05 -17.69
N SER A 15 -13.52 1.95 -17.64
CA SER A 15 -14.23 0.66 -17.66
C SER A 15 -13.90 -0.17 -16.42
N GLY A 16 -14.49 -1.37 -16.34
CA GLY A 16 -14.23 -2.24 -15.19
C GLY A 16 -15.24 -3.38 -15.09
N SER A 17 -14.74 -4.55 -14.68
CA SER A 17 -15.59 -5.73 -14.52
C SER A 17 -15.55 -6.25 -13.09
N SER A 18 -16.68 -6.09 -12.37
CA SER A 18 -16.77 -6.54 -10.99
C SER A 18 -18.03 -7.37 -10.76
N GLN A 19 -17.95 -8.29 -9.80
CA GLN A 19 -19.08 -9.16 -9.47
C GLN A 19 -19.28 -9.24 -7.95
N SER A 20 -18.26 -9.75 -7.24
CA SER A 20 -18.32 -9.88 -5.79
C SER A 20 -16.93 -10.19 -5.21
N LEU A 21 -16.40 -9.26 -4.42
CA LEU A 21 -15.08 -9.41 -3.80
C LEU A 21 -13.97 -9.50 -4.85
N ILE A 22 -13.36 -8.36 -5.16
CA ILE A 22 -12.28 -8.30 -6.15
C ILE A 22 -11.04 -7.60 -5.59
N ASP A 23 -9.86 -8.03 -6.05
CA ASP A 23 -8.59 -7.45 -5.61
C ASP A 23 -8.37 -7.67 -4.10
N GLU A 24 -7.26 -7.14 -3.59
CA GLU A 24 -6.92 -7.25 -2.17
C GLU A 24 -6.61 -5.88 -1.58
N ASP A 25 -7.66 -5.16 -1.20
CA ASP A 25 -7.52 -3.82 -0.62
C ASP A 25 -6.78 -3.88 0.71
N ALA A 26 -6.12 -2.78 1.08
CA ALA A 26 -5.36 -2.70 2.33
C ALA A 26 -5.68 -1.44 3.12
N VAL A 27 -5.11 -1.34 4.33
CA VAL A 27 -5.33 -0.18 5.20
C VAL A 27 -4.00 0.38 5.70
N CYS A 28 -3.69 1.61 5.31
CA CYS A 28 -2.44 2.27 5.70
C CYS A 28 -2.36 2.46 7.22
N SER A 29 -1.13 2.45 7.74
CA SER A 29 -0.89 2.61 9.17
C SER A 29 -0.47 4.04 9.52
N ILE A 30 0.26 4.70 8.62
CA ILE A 30 0.72 6.08 8.86
C ILE A 30 -0.47 7.05 8.89
N CYS A 31 -1.50 6.74 8.12
CA CYS A 31 -2.69 7.59 8.03
C CYS A 31 -3.97 6.78 8.02
N MET A 32 -5.08 7.41 8.42
CA MET A 32 -6.39 6.75 8.45
C MET A 32 -7.20 7.11 7.20
N ASP A 33 -6.55 7.06 6.04
CA ASP A 33 -7.19 7.39 4.77
C ASP A 33 -7.78 8.80 4.79
N GLY A 34 -7.14 9.71 5.53
CA GLY A 34 -7.62 11.07 5.61
C GLY A 34 -6.65 12.06 4.99
N GLU A 35 -6.06 11.66 3.86
CA GLU A 35 -5.09 12.50 3.16
C GLU A 35 -5.79 13.55 2.29
N SER A 36 -5.02 14.53 1.81
CA SER A 36 -5.55 15.60 0.97
C SER A 36 -5.25 15.36 -0.52
N GLN A 37 -4.28 14.48 -0.81
CA GLN A 37 -3.90 14.18 -2.20
C GLN A 37 -5.07 13.61 -3.00
N ASN A 38 -5.04 13.83 -4.32
CA ASN A 38 -6.10 13.35 -5.22
C ASN A 38 -5.97 11.84 -5.45
N SER A 39 -4.73 11.35 -5.54
CA SER A 39 -4.48 9.91 -5.77
C SER A 39 -3.33 9.41 -4.93
N ASN A 40 -3.60 8.38 -4.12
CA ASN A 40 -2.57 7.78 -3.25
C ASN A 40 -2.30 6.33 -3.65
N VAL A 41 -1.11 5.84 -3.32
CA VAL A 41 -0.72 4.46 -3.63
C VAL A 41 -0.26 3.73 -2.37
N ILE A 42 -1.00 2.70 -1.98
CA ILE A 42 -0.65 1.89 -0.81
C ILE A 42 0.31 0.78 -1.19
N LEU A 43 1.07 0.28 -0.22
CA LEU A 43 2.03 -0.79 -0.48
C LEU A 43 1.89 -1.91 0.52
N PHE A 44 1.70 -3.12 0.01
CA PHE A 44 1.55 -4.31 0.85
C PHE A 44 2.79 -5.18 0.76
N CYS A 45 3.29 -5.63 1.91
CA CYS A 45 4.49 -6.48 1.92
C CYS A 45 4.22 -7.82 1.24
N ASP A 46 5.28 -8.41 0.66
CA ASP A 46 5.15 -9.70 -0.04
C ASP A 46 5.28 -10.89 0.92
N MET A 47 5.75 -10.65 2.14
CA MET A 47 5.88 -11.70 3.13
C MET A 47 5.23 -11.25 4.45
N CYS A 48 4.48 -10.14 4.37
CA CYS A 48 3.83 -9.57 5.53
C CYS A 48 2.55 -8.83 5.12
N ASN A 49 1.93 -8.15 6.10
CA ASN A 49 0.71 -7.38 5.85
C ASN A 49 0.98 -5.87 5.98
N LEU A 50 2.26 -5.48 5.93
CA LEU A 50 2.63 -4.07 6.05
C LEU A 50 2.03 -3.25 4.91
N ALA A 51 0.89 -2.61 5.18
CA ALA A 51 0.21 -1.80 4.19
C ALA A 51 0.41 -0.32 4.50
N VAL A 52 1.29 0.34 3.73
CA VAL A 52 1.57 1.76 3.94
C VAL A 52 1.87 2.47 2.63
N HIS A 53 1.27 3.65 2.43
CA HIS A 53 1.51 4.43 1.21
C HIS A 53 3.00 4.76 1.10
N GLN A 54 3.54 4.71 -0.11
CA GLN A 54 4.96 5.02 -0.34
C GLN A 54 5.26 6.49 0.03
N GLU A 55 4.21 7.31 0.11
CA GLU A 55 4.34 8.71 0.49
C GLU A 55 4.25 8.86 1.99
N CYS A 56 3.51 7.91 2.60
CA CYS A 56 3.30 7.87 4.02
C CYS A 56 4.53 7.34 4.73
N TYR A 57 5.16 6.33 4.13
CA TYR A 57 6.36 5.71 4.70
C TYR A 57 7.63 6.48 4.31
N GLY A 58 7.67 6.96 3.07
CA GLY A 58 8.83 7.71 2.60
C GLY A 58 9.67 6.91 1.61
N VAL A 59 9.01 6.09 0.79
CA VAL A 59 9.70 5.28 -0.21
C VAL A 59 10.05 6.12 -1.45
N PRO A 60 11.31 6.05 -1.91
CA PRO A 60 11.77 6.83 -3.08
C PRO A 60 11.08 6.42 -4.38
N TYR A 61 10.98 5.11 -4.61
CA TYR A 61 10.35 4.59 -5.82
C TYR A 61 9.73 3.22 -5.56
N ILE A 62 9.19 2.60 -6.61
CA ILE A 62 8.56 1.28 -6.48
C ILE A 62 9.28 0.25 -7.35
N PRO A 63 10.11 -0.62 -6.74
CA PRO A 63 10.85 -1.65 -7.45
C PRO A 63 9.94 -2.59 -8.25
N GLU A 64 10.49 -3.22 -9.28
CA GLU A 64 9.73 -4.15 -10.12
C GLU A 64 9.91 -5.60 -9.67
N GLY A 65 10.11 -5.80 -8.36
CA GLY A 65 10.28 -7.13 -7.83
C GLY A 65 9.44 -7.35 -6.57
N GLN A 66 10.05 -7.99 -5.57
CA GLN A 66 9.35 -8.26 -4.30
C GLN A 66 9.60 -7.15 -3.29
N TRP A 67 8.65 -6.96 -2.37
CA TRP A 67 8.78 -5.94 -1.34
C TRP A 67 8.85 -6.58 0.05
N LEU A 68 10.03 -6.49 0.66
CA LEU A 68 10.24 -7.04 2.00
C LEU A 68 10.54 -5.90 2.98
N CYS A 69 9.61 -5.64 3.89
CA CYS A 69 9.78 -4.58 4.89
C CYS A 69 11.01 -4.86 5.76
N ARG A 70 11.48 -3.82 6.43
CA ARG A 70 12.67 -3.92 7.29
C ARG A 70 12.64 -5.12 8.24
N HIS A 71 11.45 -5.55 8.67
CA HIS A 71 11.34 -6.67 9.59
C HIS A 71 11.65 -8.00 8.91
N CYS A 72 11.07 -8.20 7.74
CA CYS A 72 11.28 -9.44 7.00
C CYS A 72 12.58 -9.42 6.22
N LEU A 73 12.86 -8.31 5.54
CA LEU A 73 14.11 -8.20 4.78
C LEU A 73 15.31 -8.40 5.70
N GLN A 74 15.11 -8.13 6.99
CA GLN A 74 16.17 -8.31 7.98
C GLN A 74 16.29 -9.79 8.36
N SER A 75 15.14 -10.45 8.54
CA SER A 75 15.11 -11.86 8.89
C SER A 75 15.88 -12.69 7.86
N ARG A 76 15.79 -12.29 6.58
CA ARG A 76 16.48 -12.98 5.50
C ARG A 76 17.89 -12.42 5.26
N ALA A 77 18.09 -11.14 5.61
CA ALA A 77 19.41 -10.49 5.43
C ALA A 77 20.36 -10.80 6.60
N ARG A 78 19.81 -11.32 7.71
CA ARG A 78 20.62 -11.64 8.89
C ARG A 78 21.84 -12.49 8.53
N PRO A 79 21.64 -13.62 7.80
CA PRO A 79 22.75 -14.51 7.40
C PRO A 79 23.86 -13.76 6.67
N ALA A 80 25.09 -13.93 7.15
CA ALA A 80 26.25 -13.28 6.54
C ALA A 80 27.45 -14.22 6.49
ZN ZN B . -1.21 6.62 4.50
ZN ZN C . 7.71 -7.69 5.43
N ALA A 1 7.86 -3.76 -5.80
CA ALA A 1 6.97 -3.52 -4.62
C ALA A 1 5.51 -3.42 -5.05
N ARG A 2 4.68 -4.28 -4.48
CA ARG A 2 3.25 -4.29 -4.80
C ARG A 2 2.56 -3.03 -4.30
N THR A 3 1.86 -2.35 -5.20
CA THR A 3 1.16 -1.11 -4.86
C THR A 3 -0.26 -1.11 -5.44
N LYS A 4 -1.22 -0.59 -4.65
CA LYS A 4 -2.60 -0.52 -5.08
C LYS A 4 -3.05 0.93 -5.17
N GLN A 5 -3.77 1.27 -6.24
CA GLN A 5 -4.26 2.63 -6.45
C GLN A 5 -5.77 2.69 -6.26
N THR A 6 -6.21 3.58 -5.36
CA THR A 6 -7.64 3.75 -5.07
C THR A 6 -8.05 5.21 -5.27
N ALA A 7 -9.09 5.41 -6.08
CA ALA A 7 -9.59 6.76 -6.36
C ALA A 7 -10.96 6.96 -5.72
N ARG A 8 -10.99 7.72 -4.62
CA ARG A 8 -12.23 8.00 -3.88
C ARG A 8 -12.82 6.73 -3.29
N LYS A 9 -13.93 6.87 -2.56
CA LYS A 9 -14.59 5.72 -1.94
C LYS A 9 -15.51 5.02 -2.94
N SER A 10 -15.05 3.87 -3.44
CA SER A 10 -15.82 3.10 -4.41
C SER A 10 -16.02 1.65 -3.96
N THR A 11 -15.71 1.36 -2.69
CA THR A 11 -15.84 0.00 -2.14
C THR A 11 -15.44 -1.08 -3.15
N GLY A 12 -14.23 -0.93 -3.71
CA GLY A 12 -13.74 -1.89 -4.68
C GLY A 12 -14.02 -1.49 -6.12
N GLY A 13 -12.98 -1.08 -6.84
CA GLY A 13 -13.14 -0.67 -8.23
C GLY A 13 -11.90 -0.02 -8.82
N SER A 14 -12.01 1.27 -9.16
CA SER A 14 -10.91 2.04 -9.75
C SER A 14 -10.27 1.30 -10.94
N SER A 15 -11.11 0.83 -11.86
CA SER A 15 -10.65 0.10 -13.04
C SER A 15 -9.82 1.02 -13.95
N GLY A 16 -8.84 0.42 -14.64
CA GLY A 16 -7.99 1.18 -15.55
C GLY A 16 -6.52 1.15 -15.16
N SER A 17 -5.71 0.48 -15.98
CA SER A 17 -4.27 0.36 -15.75
C SER A 17 -3.96 -0.55 -14.56
N SER A 18 -4.32 -0.10 -13.35
CA SER A 18 -4.08 -0.89 -12.13
C SER A 18 -5.05 -2.07 -12.05
N GLN A 19 -4.70 -3.15 -12.75
CA GLN A 19 -5.53 -4.36 -12.77
C GLN A 19 -5.31 -5.18 -11.50
N SER A 20 -4.08 -5.67 -11.32
CA SER A 20 -3.73 -6.49 -10.15
C SER A 20 -4.45 -7.84 -10.19
N LEU A 21 -3.99 -8.78 -9.36
CA LEU A 21 -4.59 -10.11 -9.29
C LEU A 21 -5.84 -10.09 -8.41
N ILE A 22 -5.80 -9.29 -7.34
CA ILE A 22 -6.93 -9.17 -6.41
C ILE A 22 -7.28 -7.70 -6.17
N ASP A 23 -8.58 -7.41 -6.07
CA ASP A 23 -9.05 -6.05 -5.84
C ASP A 23 -9.27 -5.78 -4.35
N GLU A 24 -8.47 -6.43 -3.50
CA GLU A 24 -8.57 -6.26 -2.06
C GLU A 24 -7.60 -5.20 -1.57
N ASP A 25 -8.11 -3.99 -1.34
CA ASP A 25 -7.28 -2.88 -0.88
C ASP A 25 -6.65 -3.18 0.48
N ALA A 26 -5.63 -2.39 0.85
CA ALA A 26 -4.93 -2.57 2.11
C ALA A 26 -5.24 -1.42 3.08
N VAL A 27 -4.71 -1.51 4.30
CA VAL A 27 -4.93 -0.49 5.31
C VAL A 27 -3.62 0.14 5.77
N CYS A 28 -3.43 1.42 5.42
CA CYS A 28 -2.21 2.14 5.77
C CYS A 28 -2.06 2.31 7.29
N SER A 29 -0.81 2.37 7.75
CA SER A 29 -0.51 2.52 9.17
C SER A 29 -0.25 3.99 9.54
N ILE A 30 0.39 4.73 8.63
CA ILE A 30 0.68 6.14 8.89
C ILE A 30 -0.59 6.98 8.91
N CYS A 31 -1.62 6.52 8.20
CA CYS A 31 -2.89 7.24 8.14
C CYS A 31 -4.07 6.27 8.02
N MET A 32 -5.20 6.65 8.64
CA MET A 32 -6.41 5.83 8.61
C MET A 32 -7.47 6.47 7.70
N ASP A 33 -7.02 6.95 6.53
CA ASP A 33 -7.91 7.60 5.56
C ASP A 33 -8.65 8.79 6.19
N GLY A 34 -7.99 9.46 7.15
CA GLY A 34 -8.60 10.62 7.79
C GLY A 34 -8.40 11.89 7.00
N GLU A 35 -7.31 11.96 6.24
CA GLU A 35 -7.01 13.14 5.42
C GLU A 35 -7.94 13.23 4.20
N SER A 36 -7.77 14.28 3.40
CA SER A 36 -8.60 14.47 2.22
C SER A 36 -7.81 14.17 0.94
N GLN A 37 -7.76 12.89 0.58
CA GLN A 37 -7.05 12.45 -0.61
C GLN A 37 -7.98 11.71 -1.58
N ASN A 38 -7.74 11.89 -2.88
CA ASN A 38 -8.57 11.24 -3.90
C ASN A 38 -7.89 9.97 -4.41
N SER A 39 -6.73 10.12 -5.06
CA SER A 39 -5.98 8.99 -5.60
C SER A 39 -4.69 8.77 -4.81
N ASN A 40 -4.60 7.62 -4.14
CA ASN A 40 -3.42 7.28 -3.34
C ASN A 40 -2.85 5.92 -3.75
N VAL A 41 -1.62 5.64 -3.31
CA VAL A 41 -0.96 4.37 -3.62
C VAL A 41 -0.47 3.67 -2.35
N ILE A 42 -1.18 2.61 -1.95
CA ILE A 42 -0.80 1.84 -0.77
C ILE A 42 0.16 0.71 -1.14
N LEU A 43 1.09 0.39 -0.24
CA LEU A 43 2.07 -0.66 -0.49
C LEU A 43 1.91 -1.80 0.51
N PHE A 44 2.35 -2.99 0.12
CA PHE A 44 2.25 -4.17 0.99
C PHE A 44 3.56 -4.94 1.00
N CYS A 45 3.99 -5.40 2.18
CA CYS A 45 5.24 -6.15 2.28
C CYS A 45 5.12 -7.50 1.58
N ASP A 46 6.24 -7.99 1.03
CA ASP A 46 6.27 -9.27 0.31
C ASP A 46 6.34 -10.47 1.26
N MET A 47 6.70 -10.24 2.52
CA MET A 47 6.77 -11.32 3.49
C MET A 47 6.02 -10.93 4.76
N CYS A 48 5.23 -9.85 4.66
CA CYS A 48 4.47 -9.34 5.79
C CYS A 48 3.19 -8.65 5.33
N ASN A 49 2.49 -8.01 6.26
CA ASN A 49 1.26 -7.28 5.98
C ASN A 49 1.44 -5.77 6.10
N LEU A 50 2.69 -5.33 6.37
CA LEU A 50 2.97 -3.90 6.51
C LEU A 50 2.43 -3.11 5.31
N ALA A 51 1.28 -2.48 5.52
CA ALA A 51 0.65 -1.71 4.46
C ALA A 51 0.77 -0.21 4.74
N VAL A 52 1.56 0.49 3.92
CA VAL A 52 1.74 1.93 4.08
C VAL A 52 1.95 2.61 2.73
N HIS A 53 1.26 3.74 2.51
CA HIS A 53 1.41 4.47 1.25
C HIS A 53 2.86 4.91 1.07
N GLN A 54 3.34 4.90 -0.18
CA GLN A 54 4.73 5.32 -0.46
C GLN A 54 4.96 6.79 -0.11
N GLU A 55 3.86 7.56 -0.01
CA GLU A 55 3.94 8.97 0.35
C GLU A 55 3.85 9.12 1.86
N CYS A 56 3.23 8.13 2.49
CA CYS A 56 3.05 8.09 3.93
C CYS A 56 4.34 7.64 4.61
N TYR A 57 4.97 6.62 4.04
CA TYR A 57 6.20 6.09 4.59
C TYR A 57 7.42 6.92 4.17
N GLY A 58 7.31 7.59 3.03
CA GLY A 58 8.41 8.40 2.52
C GLY A 58 9.35 7.61 1.63
N VAL A 59 8.79 6.67 0.87
CA VAL A 59 9.58 5.84 -0.04
C VAL A 59 10.14 6.68 -1.19
N PRO A 60 11.45 6.52 -1.50
CA PRO A 60 12.10 7.28 -2.58
C PRO A 60 11.56 6.92 -3.96
N TYR A 61 11.43 5.63 -4.24
CA TYR A 61 10.92 5.17 -5.53
C TYR A 61 10.04 3.94 -5.35
N ILE A 62 9.58 3.36 -6.47
CA ILE A 62 8.73 2.18 -6.43
C ILE A 62 9.28 1.07 -7.34
N PRO A 63 10.29 0.32 -6.85
CA PRO A 63 10.92 -0.77 -7.61
C PRO A 63 9.92 -1.85 -8.01
N GLU A 64 10.32 -2.71 -8.96
CA GLU A 64 9.46 -3.79 -9.43
C GLU A 64 9.94 -5.14 -8.91
N GLY A 65 10.55 -5.14 -7.73
CA GLY A 65 11.03 -6.38 -7.13
C GLY A 65 10.28 -6.75 -5.87
N GLN A 66 11.02 -7.09 -4.81
CA GLN A 66 10.41 -7.47 -3.54
C GLN A 66 10.61 -6.38 -2.49
N TRP A 67 9.64 -6.24 -1.59
CA TRP A 67 9.70 -5.25 -0.52
C TRP A 67 9.73 -5.94 0.84
N LEU A 68 10.87 -5.85 1.53
CA LEU A 68 11.01 -6.45 2.86
C LEU A 68 11.22 -5.38 3.92
N CYS A 69 10.18 -5.14 4.72
CA CYS A 69 10.24 -4.13 5.77
C CYS A 69 11.35 -4.47 6.78
N ARG A 70 11.69 -3.50 7.63
CA ARG A 70 12.75 -3.68 8.63
C ARG A 70 12.56 -4.90 9.51
N HIS A 71 11.32 -5.40 9.65
CA HIS A 71 11.06 -6.55 10.50
C HIS A 71 11.51 -7.84 9.82
N CYS A 72 11.18 -7.97 8.55
CA CYS A 72 11.55 -9.16 7.79
C CYS A 72 12.98 -9.09 7.29
N LEU A 73 13.36 -7.95 6.72
CA LEU A 73 14.73 -7.78 6.22
C LEU A 73 15.73 -8.00 7.35
N GLN A 74 15.28 -7.77 8.60
CA GLN A 74 16.15 -7.97 9.76
C GLN A 74 16.22 -9.46 10.11
N SER A 75 15.06 -10.14 10.00
CA SER A 75 15.00 -11.57 10.29
C SER A 75 16.03 -12.34 9.46
N ARG A 76 16.09 -12.04 8.17
CA ARG A 76 17.02 -12.70 7.26
C ARG A 76 18.43 -12.08 7.35
N ALA A 77 18.51 -10.83 7.80
CA ALA A 77 19.79 -10.13 7.92
C ALA A 77 20.51 -10.50 9.24
N ARG A 78 19.76 -11.05 10.20
CA ARG A 78 20.33 -11.44 11.49
C ARG A 78 21.57 -12.32 11.30
N PRO A 79 21.47 -13.41 10.52
CA PRO A 79 22.58 -14.33 10.26
C PRO A 79 23.82 -13.62 9.70
N ALA A 80 24.94 -14.34 9.68
CA ALA A 80 26.20 -13.81 9.16
C ALA A 80 27.09 -14.91 8.58
ZN ZN B . -1.35 6.56 4.58
ZN ZN C . 8.24 -7.28 6.01
N ALA A 1 7.54 -4.47 -5.73
CA ALA A 1 6.66 -4.19 -4.57
C ALA A 1 5.21 -3.93 -5.01
N ARG A 2 4.27 -4.66 -4.41
CA ARG A 2 2.86 -4.51 -4.75
C ARG A 2 2.31 -3.17 -4.27
N THR A 3 1.73 -2.40 -5.20
CA THR A 3 1.17 -1.08 -4.88
C THR A 3 -0.23 -0.92 -5.46
N LYS A 4 -1.14 -0.36 -4.68
CA LYS A 4 -2.52 -0.13 -5.13
C LYS A 4 -2.78 1.36 -5.28
N GLN A 5 -3.45 1.74 -6.36
CA GLN A 5 -3.75 3.14 -6.63
C GLN A 5 -5.24 3.43 -6.44
N THR A 6 -5.55 4.41 -5.59
CA THR A 6 -6.94 4.78 -5.32
C THR A 6 -7.10 6.30 -5.32
N ALA A 7 -7.94 6.80 -6.23
CA ALA A 7 -8.20 8.23 -6.35
C ALA A 7 -9.68 8.54 -6.45
N ARG A 8 -10.05 9.78 -6.07
CA ARG A 8 -11.44 10.24 -6.12
C ARG A 8 -12.30 9.47 -5.11
N LYS A 9 -12.58 10.10 -3.97
CA LYS A 9 -13.40 9.47 -2.93
C LYS A 9 -14.36 10.47 -2.29
N SER A 10 -15.64 10.09 -2.24
CA SER A 10 -16.67 10.94 -1.65
C SER A 10 -16.91 10.58 -0.19
N THR A 11 -17.04 9.28 0.09
CA THR A 11 -17.26 8.80 1.45
C THR A 11 -16.07 7.98 1.94
N GLY A 12 -15.90 7.93 3.25
CA GLY A 12 -14.80 7.19 3.84
C GLY A 12 -15.07 5.69 3.88
N GLY A 13 -16.15 5.30 4.57
CA GLY A 13 -16.50 3.89 4.67
C GLY A 13 -17.43 3.61 5.84
N SER A 14 -16.86 3.14 6.94
CA SER A 14 -17.63 2.81 8.16
C SER A 14 -18.47 1.56 7.94
N SER A 15 -19.50 1.66 7.10
CA SER A 15 -20.38 0.53 6.81
C SER A 15 -20.80 0.52 5.34
N GLY A 16 -21.17 -0.66 4.85
CA GLY A 16 -21.59 -0.79 3.46
C GLY A 16 -20.51 -1.41 2.57
N SER A 17 -20.05 -2.60 2.97
CA SER A 17 -19.01 -3.30 2.20
C SER A 17 -19.61 -3.90 0.93
N SER A 18 -18.90 -3.70 -0.19
CA SER A 18 -19.35 -4.22 -1.48
C SER A 18 -18.74 -5.59 -1.78
N GLN A 19 -19.08 -6.58 -0.94
CA GLN A 19 -18.57 -7.95 -1.10
C GLN A 19 -17.09 -8.03 -0.77
N SER A 20 -16.72 -9.04 0.03
CA SER A 20 -15.33 -9.25 0.42
C SER A 20 -14.67 -10.33 -0.44
N LEU A 21 -15.07 -10.41 -1.71
CA LEU A 21 -14.51 -11.39 -2.64
C LEU A 21 -14.05 -10.70 -3.94
N ILE A 22 -13.67 -9.43 -3.83
CA ILE A 22 -13.21 -8.66 -4.98
C ILE A 22 -11.99 -7.82 -4.63
N ASP A 23 -10.90 -8.01 -5.38
CA ASP A 23 -9.65 -7.28 -5.16
C ASP A 23 -9.11 -7.52 -3.75
N GLU A 24 -8.01 -6.85 -3.41
CA GLU A 24 -7.39 -7.00 -2.09
C GLU A 24 -6.94 -5.64 -1.54
N ASP A 25 -7.93 -4.84 -1.12
CA ASP A 25 -7.66 -3.51 -0.56
C ASP A 25 -6.89 -3.60 0.76
N ALA A 26 -6.07 -2.58 1.04
CA ALA A 26 -5.27 -2.54 2.26
C ALA A 26 -5.57 -1.29 3.09
N VAL A 27 -5.00 -1.23 4.30
CA VAL A 27 -5.20 -0.09 5.20
C VAL A 27 -3.87 0.47 5.69
N CYS A 28 -3.57 1.71 5.28
CA CYS A 28 -2.32 2.36 5.66
C CYS A 28 -2.17 2.48 7.18
N SER A 29 -0.91 2.47 7.64
CA SER A 29 -0.61 2.56 9.06
C SER A 29 -0.28 4.00 9.50
N ILE A 30 0.40 4.75 8.62
CA ILE A 30 0.76 6.13 8.92
C ILE A 30 -0.49 7.02 8.97
N CYS A 31 -1.52 6.65 8.23
CA CYS A 31 -2.75 7.42 8.19
C CYS A 31 -3.97 6.50 8.10
N MET A 32 -5.02 6.86 8.86
CA MET A 32 -6.26 6.07 8.88
C MET A 32 -7.31 6.69 7.96
N ASP A 33 -6.87 7.12 6.77
CA ASP A 33 -7.76 7.74 5.78
C ASP A 33 -8.48 8.95 6.36
N GLY A 34 -7.83 9.66 7.28
CA GLY A 34 -8.43 10.83 7.89
C GLY A 34 -8.16 12.10 7.09
N GLU A 35 -6.99 12.14 6.44
CA GLU A 35 -6.60 13.29 5.62
C GLU A 35 -7.50 13.43 4.39
N SER A 36 -7.91 12.30 3.82
CA SER A 36 -8.77 12.30 2.64
C SER A 36 -8.09 12.99 1.45
N GLN A 37 -7.19 12.27 0.80
CA GLN A 37 -6.45 12.80 -0.36
C GLN A 37 -7.16 12.46 -1.66
N ASN A 38 -6.84 13.22 -2.72
CA ASN A 38 -7.46 13.00 -4.03
C ASN A 38 -6.93 11.71 -4.67
N SER A 39 -5.65 11.39 -4.43
CA SER A 39 -5.02 10.19 -4.99
C SER A 39 -3.81 9.77 -4.16
N ASN A 40 -3.62 8.45 -4.03
CA ASN A 40 -2.49 7.91 -3.26
C ASN A 40 -2.18 6.47 -3.68
N VAL A 41 -1.01 5.98 -3.26
CA VAL A 41 -0.59 4.62 -3.57
C VAL A 41 -0.19 3.86 -2.31
N ILE A 42 -0.97 2.83 -1.98
CA ILE A 42 -0.71 2.01 -0.79
C ILE A 42 0.27 0.89 -1.12
N LEU A 43 1.11 0.52 -0.15
CA LEU A 43 2.09 -0.54 -0.34
C LEU A 43 1.90 -1.67 0.67
N PHE A 44 1.91 -2.90 0.18
CA PHE A 44 1.75 -4.07 1.03
C PHE A 44 3.02 -4.90 1.06
N CYS A 45 3.39 -5.40 2.24
CA CYS A 45 4.61 -6.21 2.36
C CYS A 45 4.44 -7.55 1.63
N ASP A 46 5.56 -8.12 1.19
CA ASP A 46 5.53 -9.40 0.49
C ASP A 46 5.69 -10.59 1.44
N MET A 47 6.03 -10.31 2.70
CA MET A 47 6.15 -11.37 3.71
C MET A 47 5.38 -10.96 4.96
N CYS A 48 4.55 -9.91 4.82
CA CYS A 48 3.76 -9.39 5.91
C CYS A 48 2.49 -8.70 5.41
N ASN A 49 1.78 -8.03 6.31
CA ASN A 49 0.56 -7.30 5.98
C ASN A 49 0.78 -5.79 6.10
N LEU A 50 2.02 -5.37 6.36
CA LEU A 50 2.36 -3.96 6.50
C LEU A 50 1.87 -3.16 5.30
N ALA A 51 0.85 -2.34 5.52
CA ALA A 51 0.29 -1.52 4.46
C ALA A 51 0.52 -0.04 4.75
N VAL A 52 1.38 0.61 3.94
CA VAL A 52 1.66 2.03 4.12
C VAL A 52 1.93 2.71 2.78
N HIS A 53 1.32 3.88 2.56
CA HIS A 53 1.54 4.61 1.32
C HIS A 53 3.01 5.01 1.19
N GLN A 54 3.55 4.96 -0.03
CA GLN A 54 4.95 5.33 -0.26
C GLN A 54 5.22 6.80 0.11
N GLU A 55 4.16 7.60 0.15
CA GLU A 55 4.27 9.01 0.53
C GLU A 55 4.12 9.16 2.03
N CYS A 56 3.46 8.18 2.63
CA CYS A 56 3.23 8.15 4.06
C CYS A 56 4.46 7.63 4.79
N TYR A 57 5.07 6.60 4.24
CA TYR A 57 6.26 6.01 4.83
C TYR A 57 7.52 6.80 4.48
N GLY A 58 7.50 7.47 3.32
CA GLY A 58 8.64 8.26 2.89
C GLY A 58 9.52 7.50 1.91
N VAL A 59 8.91 6.64 1.10
CA VAL A 59 9.62 5.85 0.11
C VAL A 59 10.01 6.71 -1.09
N PRO A 60 11.31 6.74 -1.45
CA PRO A 60 11.80 7.55 -2.58
C PRO A 60 11.34 7.02 -3.95
N TYR A 61 11.45 5.71 -4.15
CA TYR A 61 11.04 5.09 -5.40
C TYR A 61 10.30 3.78 -5.15
N ILE A 62 9.86 3.13 -6.23
CA ILE A 62 9.13 1.87 -6.12
C ILE A 62 9.82 0.75 -6.90
N PRO A 63 10.44 -0.22 -6.19
CA PRO A 63 11.14 -1.34 -6.81
C PRO A 63 10.18 -2.33 -7.48
N GLU A 64 10.72 -3.18 -8.35
CA GLU A 64 9.93 -4.18 -9.05
C GLU A 64 10.23 -5.60 -8.58
N GLY A 65 10.60 -5.72 -7.30
CA GLY A 65 10.91 -7.03 -6.74
C GLY A 65 10.10 -7.32 -5.50
N GLN A 66 10.79 -7.71 -4.42
CA GLN A 66 10.13 -8.02 -3.15
C GLN A 66 10.23 -6.86 -2.17
N TRP A 67 9.18 -6.66 -1.37
CA TRP A 67 9.15 -5.58 -0.39
C TRP A 67 9.09 -6.15 1.03
N LEU A 68 10.13 -5.86 1.81
CA LEU A 68 10.21 -6.33 3.20
C LEU A 68 10.23 -5.13 4.15
N CYS A 69 9.12 -4.91 4.86
CA CYS A 69 9.02 -3.80 5.81
C CYS A 69 10.14 -3.87 6.84
N ARG A 70 10.40 -2.74 7.50
CA ARG A 70 11.46 -2.65 8.50
C ARG A 70 11.40 -3.76 9.56
N HIS A 71 10.21 -4.34 9.78
CA HIS A 71 10.07 -5.39 10.79
C HIS A 71 10.67 -6.69 10.30
N CYS A 72 10.35 -7.05 9.07
CA CYS A 72 10.86 -8.29 8.49
C CYS A 72 12.27 -8.13 7.94
N LEU A 73 12.51 -7.05 7.20
CA LEU A 73 13.85 -6.80 6.65
C LEU A 73 14.87 -6.72 7.77
N GLN A 74 14.40 -6.37 8.98
CA GLN A 74 15.26 -6.29 10.15
C GLN A 74 15.44 -7.67 10.76
N SER A 75 14.37 -8.47 10.74
CA SER A 75 14.40 -9.83 11.28
C SER A 75 15.55 -10.63 10.66
N ARG A 76 15.61 -10.65 9.33
CA ARG A 76 16.66 -11.37 8.62
C ARG A 76 17.97 -10.60 8.64
N ALA A 77 17.88 -9.26 8.68
CA ALA A 77 19.07 -8.42 8.70
C ALA A 77 19.96 -8.73 9.91
N ARG A 78 19.35 -9.22 10.99
CA ARG A 78 20.08 -9.56 12.21
C ARG A 78 21.04 -10.74 11.96
N PRO A 79 20.50 -11.94 11.63
CA PRO A 79 21.31 -13.12 11.39
C PRO A 79 22.18 -13.02 10.12
N ALA A 80 21.58 -12.53 9.04
CA ALA A 80 22.30 -12.36 7.77
C ALA A 80 22.38 -10.91 7.36
ZN ZN B . -1.24 6.75 4.57
ZN ZN C . 7.42 -7.18 6.21
N ALA A 1 7.21 -3.89 -5.92
CA ALA A 1 6.30 -3.86 -4.75
C ALA A 1 4.86 -3.60 -5.15
N ARG A 2 3.95 -4.48 -4.72
CA ARG A 2 2.53 -4.34 -5.06
C ARG A 2 1.96 -3.04 -4.49
N THR A 3 1.51 -2.16 -5.39
CA THR A 3 0.94 -0.88 -5.01
C THR A 3 -0.49 -0.73 -5.51
N LYS A 4 -1.36 -0.20 -4.65
CA LYS A 4 -2.76 0.03 -5.01
C LYS A 4 -3.02 1.53 -5.15
N GLN A 5 -3.43 1.94 -6.34
CA GLN A 5 -3.69 3.36 -6.61
C GLN A 5 -5.19 3.63 -6.76
N THR A 6 -5.64 4.70 -6.10
CA THR A 6 -7.05 5.09 -6.15
C THR A 6 -7.19 6.60 -6.38
N ALA A 7 -7.67 6.97 -7.57
CA ALA A 7 -7.85 8.37 -7.91
C ALA A 7 -9.32 8.78 -7.79
N ARG A 8 -9.57 9.88 -7.06
CA ARG A 8 -10.93 10.39 -6.86
C ARG A 8 -11.79 9.39 -6.09
N LYS A 9 -13.05 9.77 -5.84
CA LYS A 9 -13.98 8.91 -5.14
C LYS A 9 -15.07 8.37 -6.07
N SER A 10 -15.45 9.17 -7.06
CA SER A 10 -16.48 8.78 -8.03
C SER A 10 -15.86 8.43 -9.38
N THR A 11 -16.47 7.49 -10.08
CA THR A 11 -15.98 7.06 -11.40
C THR A 11 -17.12 6.98 -12.42
N GLY A 12 -18.25 6.38 -12.02
CA GLY A 12 -19.39 6.25 -12.92
C GLY A 12 -19.96 4.85 -12.92
N GLY A 13 -20.25 4.32 -14.11
CA GLY A 13 -20.81 2.98 -14.22
C GLY A 13 -21.51 2.74 -15.54
N SER A 14 -20.76 2.26 -16.53
CA SER A 14 -21.33 1.97 -17.86
C SER A 14 -21.13 0.50 -18.23
N SER A 15 -19.91 0.00 -18.08
CA SER A 15 -19.59 -1.39 -18.41
C SER A 15 -19.90 -2.33 -17.23
N GLY A 16 -19.44 -1.95 -16.04
CA GLY A 16 -19.68 -2.77 -14.86
C GLY A 16 -18.39 -3.18 -14.17
N SER A 17 -18.45 -3.32 -12.85
CA SER A 17 -17.29 -3.72 -12.05
C SER A 17 -16.19 -2.66 -12.11
N SER A 18 -16.19 -1.76 -11.12
CA SER A 18 -15.20 -0.69 -11.06
C SER A 18 -14.26 -0.84 -9.84
N GLN A 19 -14.21 -2.06 -9.28
CA GLN A 19 -13.35 -2.32 -8.12
C GLN A 19 -12.96 -3.79 -8.01
N SER A 20 -13.02 -4.52 -9.14
CA SER A 20 -12.67 -5.93 -9.17
C SER A 20 -13.57 -6.74 -8.23
N LEU A 21 -13.22 -8.02 -8.05
CA LEU A 21 -13.97 -8.91 -7.18
C LEU A 21 -13.03 -9.75 -6.32
N ILE A 22 -12.00 -10.34 -6.95
CA ILE A 22 -11.03 -11.16 -6.23
C ILE A 22 -9.93 -10.29 -5.60
N ASP A 23 -9.71 -9.10 -6.19
CA ASP A 23 -8.69 -8.16 -5.69
C ASP A 23 -8.91 -7.84 -4.21
N GLU A 24 -7.81 -7.70 -3.46
CA GLU A 24 -7.89 -7.39 -2.04
C GLU A 24 -7.20 -6.06 -1.72
N ASP A 25 -7.94 -5.17 -1.05
CA ASP A 25 -7.42 -3.85 -0.67
C ASP A 25 -6.60 -3.93 0.62
N ALA A 26 -6.07 -2.77 1.06
CA ALA A 26 -5.26 -2.71 2.28
C ALA A 26 -5.58 -1.46 3.09
N VAL A 27 -5.00 -1.37 4.30
CA VAL A 27 -5.21 -0.22 5.18
C VAL A 27 -3.88 0.34 5.69
N CYS A 28 -3.56 1.57 5.29
CA CYS A 28 -2.32 2.22 5.68
C CYS A 28 -2.20 2.35 7.20
N SER A 29 -0.96 2.34 7.68
CA SER A 29 -0.67 2.44 9.12
C SER A 29 -0.30 3.86 9.52
N ILE A 30 0.40 4.59 8.64
CA ILE A 30 0.81 5.95 8.93
C ILE A 30 -0.40 6.89 8.98
N CYS A 31 -1.47 6.53 8.25
CA CYS A 31 -2.66 7.35 8.19
C CYS A 31 -3.92 6.49 8.04
N MET A 32 -5.08 7.08 8.33
CA MET A 32 -6.36 6.38 8.21
C MET A 32 -7.11 6.85 6.96
N ASP A 33 -6.40 6.81 5.82
CA ASP A 33 -6.98 7.25 4.55
C ASP A 33 -7.49 8.68 4.63
N GLY A 34 -6.85 9.50 5.47
CA GLY A 34 -7.25 10.88 5.62
C GLY A 34 -6.28 11.84 4.95
N GLU A 35 -5.65 11.39 3.87
CA GLU A 35 -4.69 12.22 3.13
C GLU A 35 -5.38 13.40 2.45
N SER A 36 -6.66 13.24 2.12
CA SER A 36 -7.43 14.29 1.47
C SER A 36 -6.83 14.65 0.12
N GLN A 37 -6.48 13.63 -0.67
CA GLN A 37 -5.90 13.82 -1.99
C GLN A 37 -6.72 13.11 -3.06
N ASN A 38 -6.45 13.44 -4.32
CA ASN A 38 -7.17 12.83 -5.44
C ASN A 38 -6.40 11.65 -6.05
N SER A 39 -5.43 11.10 -5.31
CA SER A 39 -4.64 9.97 -5.80
C SER A 39 -3.69 9.46 -4.71
N ASN A 40 -3.95 8.25 -4.21
CA ASN A 40 -3.09 7.65 -3.17
C ASN A 40 -2.60 6.26 -3.61
N VAL A 41 -1.38 5.92 -3.18
CA VAL A 41 -0.78 4.64 -3.53
C VAL A 41 -0.33 3.87 -2.28
N ILE A 42 -1.11 2.85 -1.91
CA ILE A 42 -0.80 2.03 -0.74
C ILE A 42 0.15 0.89 -1.13
N LEU A 43 1.00 0.47 -0.18
CA LEU A 43 1.95 -0.60 -0.44
C LEU A 43 1.77 -1.75 0.55
N PHE A 44 1.72 -2.97 0.03
CA PHE A 44 1.56 -4.15 0.87
C PHE A 44 2.81 -5.02 0.82
N CYS A 45 3.23 -5.55 1.96
CA CYS A 45 4.41 -6.41 2.01
C CYS A 45 4.18 -7.71 1.25
N ASP A 46 5.25 -8.28 0.70
CA ASP A 46 5.17 -9.52 -0.07
C ASP A 46 5.21 -10.77 0.83
N MET A 47 5.62 -10.59 2.09
CA MET A 47 5.68 -11.71 3.03
C MET A 47 4.99 -11.31 4.33
N CYS A 48 4.26 -10.19 4.29
CA CYS A 48 3.57 -9.67 5.45
C CYS A 48 2.31 -8.91 5.06
N ASN A 49 1.70 -8.23 6.03
CA ASN A 49 0.50 -7.44 5.80
C ASN A 49 0.79 -5.95 5.95
N LEU A 50 2.07 -5.59 6.11
CA LEU A 50 2.47 -4.19 6.25
C LEU A 50 1.91 -3.35 5.11
N ALA A 51 0.94 -2.51 5.42
CA ALA A 51 0.30 -1.66 4.43
C ALA A 51 0.54 -0.18 4.73
N VAL A 52 1.37 0.46 3.90
CA VAL A 52 1.68 1.88 4.08
C VAL A 52 1.90 2.57 2.73
N HIS A 53 1.29 3.75 2.54
CA HIS A 53 1.47 4.48 1.29
C HIS A 53 2.94 4.82 1.09
N GLN A 54 3.41 4.80 -0.17
CA GLN A 54 4.81 5.12 -0.47
C GLN A 54 5.14 6.57 -0.09
N GLU A 55 4.11 7.40 0.04
CA GLU A 55 4.27 8.80 0.43
C GLU A 55 4.23 8.91 1.95
N CYS A 56 3.51 7.98 2.56
CA CYS A 56 3.35 7.92 4.01
C CYS A 56 4.62 7.38 4.65
N TYR A 57 5.26 6.42 3.98
CA TYR A 57 6.49 5.82 4.49
C TYR A 57 7.72 6.66 4.10
N GLY A 58 7.69 7.22 2.89
CA GLY A 58 8.80 8.02 2.41
C GLY A 58 9.64 7.28 1.39
N VAL A 59 8.98 6.57 0.48
CA VAL A 59 9.67 5.82 -0.56
C VAL A 59 9.78 6.63 -1.84
N PRO A 60 10.99 7.12 -2.17
CA PRO A 60 11.20 7.93 -3.38
C PRO A 60 11.08 7.12 -4.67
N TYR A 61 11.56 5.87 -4.65
CA TYR A 61 11.48 5.01 -5.82
C TYR A 61 10.76 3.69 -5.49
N ILE A 62 9.88 3.26 -6.40
CA ILE A 62 9.13 2.02 -6.21
C ILE A 62 9.76 0.87 -6.98
N PRO A 63 10.41 -0.08 -6.28
CA PRO A 63 11.06 -1.25 -6.90
C PRO A 63 10.10 -2.06 -7.77
N GLU A 64 10.67 -2.81 -8.73
CA GLU A 64 9.88 -3.64 -9.64
C GLU A 64 9.95 -5.12 -9.23
N GLY A 65 9.97 -5.39 -7.93
CA GLY A 65 10.03 -6.76 -7.46
C GLY A 65 9.20 -6.98 -6.20
N GLN A 66 9.78 -7.68 -5.23
CA GLN A 66 9.08 -7.95 -3.97
C GLN A 66 9.40 -6.89 -2.92
N TRP A 67 8.47 -6.68 -1.99
CA TRP A 67 8.66 -5.69 -0.94
C TRP A 67 8.69 -6.35 0.44
N LEU A 68 9.84 -6.23 1.11
CA LEU A 68 10.01 -6.80 2.46
C LEU A 68 10.20 -5.68 3.48
N CYS A 69 9.19 -5.47 4.33
CA CYS A 69 9.28 -4.43 5.35
C CYS A 69 10.48 -4.66 6.27
N ARG A 70 10.88 -3.62 6.98
CA ARG A 70 12.03 -3.68 7.89
C ARG A 70 11.99 -4.89 8.84
N HIS A 71 10.79 -5.39 9.16
CA HIS A 71 10.67 -6.51 10.08
C HIS A 71 11.10 -7.81 9.42
N CYS A 72 10.64 -8.04 8.20
CA CYS A 72 10.97 -9.25 7.47
C CYS A 72 12.33 -9.14 6.79
N LEU A 73 12.58 -8.01 6.11
CA LEU A 73 13.86 -7.81 5.44
C LEU A 73 15.00 -7.91 6.44
N GLN A 74 14.70 -7.66 7.72
CA GLN A 74 15.69 -7.74 8.78
C GLN A 74 15.86 -9.19 9.21
N SER A 75 14.73 -9.91 9.29
CA SER A 75 14.73 -11.33 9.68
C SER A 75 15.59 -12.15 8.71
N ARG A 76 15.52 -11.79 7.42
CA ARG A 76 16.30 -12.49 6.39
C ARG A 76 17.68 -11.86 6.19
N ALA A 77 17.81 -10.58 6.54
CA ALA A 77 19.08 -9.86 6.40
C ALA A 77 20.24 -10.63 7.05
N ARG A 78 19.96 -11.28 8.18
CA ARG A 78 20.98 -12.05 8.88
C ARG A 78 21.30 -13.36 8.14
N PRO A 79 20.31 -14.26 8.00
CA PRO A 79 20.50 -15.54 7.30
C PRO A 79 20.59 -15.37 5.78
N ALA A 80 21.80 -15.16 5.27
CA ALA A 80 22.02 -14.97 3.85
C ALA A 80 22.78 -16.15 3.25
ZN ZN B . -1.16 6.64 4.63
ZN ZN C . 7.42 -7.70 5.66
#